data_8GI2
# 
_entry.id   8GI2 
# 
_audit_conform.dict_name       mmcif_pdbx.dic 
_audit_conform.dict_version    5.407 
_audit_conform.dict_location   http://mmcif.pdb.org/dictionaries/ascii/mmcif_pdbx.dic 
# 
loop_
_database_2.database_id 
_database_2.database_code 
_database_2.pdbx_database_accession 
_database_2.pdbx_DOI 
PDB   8GI2         pdb_00008gi2 10.2210/pdb8gi2/pdb 
WWPDB D_1000272973 ?            ?                   
EMDB  EMD-40060    ?            ?                   
# 
loop_
_pdbx_audit_revision_history.ordinal 
_pdbx_audit_revision_history.data_content_type 
_pdbx_audit_revision_history.major_revision 
_pdbx_audit_revision_history.minor_revision 
_pdbx_audit_revision_history.revision_date 
_pdbx_audit_revision_history.part_number 
1  'Structure model' 1 0 2023-08-16 ? 
2  'EM metadata'     1 0 2023-08-16 ? 
3  FSC               1 0 2023-08-16 ? 
4  'Half map'        1 0 2023-08-16 1 
5  'Half map'        1 0 2023-08-16 2 
6  Image             1 0 2023-08-16 ? 
7  'Primary map'     1 0 2023-08-16 ? 
8  'Structure model' 2 0 2025-06-18 ? 
9  'EM metadata'     1 1 2025-06-18 ? 
10 'Structure model' 2 1 2025-11-26 ? 
# 
loop_
_pdbx_audit_revision_details.ordinal 
_pdbx_audit_revision_details.revision_ordinal 
_pdbx_audit_revision_details.data_content_type 
_pdbx_audit_revision_details.provider 
_pdbx_audit_revision_details.type 
_pdbx_audit_revision_details.description 
_pdbx_audit_revision_details.details 
1 1 'Structure model' repository 'Initial release'        ?                ? 
2 2 'EM metadata'     repository 'Initial release'        ?                ? 
3 3 FSC               repository 'Initial release'        ?                ? 
4 4 'Half map'        repository 'Initial release'        ?                ? 
5 5 'Half map'        repository 'Initial release'        ?                ? 
6 6 Image             repository 'Initial release'        ?                ? 
7 7 'Primary map'     repository 'Initial release'        ?                ? 
8 8 'Structure model' author     'Coordinate replacement' 'Atomic clashes' 
'Previous model has higher clash score (~15). The new model has improved clash score (~5).' 
# 
loop_
_pdbx_audit_revision_group.ordinal 
_pdbx_audit_revision_group.revision_ordinal 
_pdbx_audit_revision_group.data_content_type 
_pdbx_audit_revision_group.group 
1  8  'Structure model' 'Atomic model'           
2  8  'Structure model' 'Data collection'        
3  8  'Structure model' 'Derived calculations'   
4  8  'Structure model' 'Refinement description' 
5  8  'Structure model' 'Structure summary'      
6  9  'EM metadata'     'Data collection'        
7  9  'EM metadata'     'Data processing'        
8  9  'EM metadata'     'Experimental summary'   
9  9  'EM metadata'     'Structure summary'      
10 10 'Structure model' 'Data collection'        
11 10 'Structure model' 'Database references'    
12 10 'Structure model' 'Structure summary'      
# 
loop_
_pdbx_audit_revision_category.ordinal 
_pdbx_audit_revision_category.revision_ordinal 
_pdbx_audit_revision_category.data_content_type 
_pdbx_audit_revision_category.category 
1  8  'Structure model' atom_site                
2  8  'Structure model' em_admin                 
3  8  'Structure model' em_imaging               
4  8  'Structure model' em_software              
5  8  'Structure model' entity                   
6  8  'Structure model' pdbx_contact_author      
7  8  'Structure model' pdbx_entry_details       
8  8  'Structure model' pdbx_helical_symmetry    
9  8  'Structure model' pdbx_struct_assembly     
10 8  'Structure model' pdbx_struct_assembly_gen 
11 8  'Structure model' pdbx_struct_oper_list    
12 8  'Structure model' pdbx_struct_sheet_hbond  
13 8  'Structure model' pdbx_validate_torsion    
14 8  'Structure model' refine_ls_restr          
15 8  'Structure model' struct                   
16 8  'Structure model' struct_conf              
17 8  'Structure model' struct_keywords          
18 8  'Structure model' struct_sheet_range       
19 9  'EM metadata'     em_admin                 
20 9  'EM metadata'     em_imaging               
21 9  'EM metadata'     em_software              
22 9  'EM metadata'     entity                   
23 9  'EM metadata'     struct_keywords          
24 10 'Structure model' citation                 
25 10 'Structure model' citation_author          
26 10 'Structure model' em_admin                 
27 10 'Structure model' struct_keywords          
# 
loop_
_pdbx_audit_revision_item.ordinal 
_pdbx_audit_revision_item.revision_ordinal 
_pdbx_audit_revision_item.data_content_type 
_pdbx_audit_revision_item.item 
1  8  'Structure model' '_atom_site.B_iso_or_equiv'                      
2  8  'Structure model' '_atom_site.Cartn_x'                             
3  8  'Structure model' '_atom_site.Cartn_y'                             
4  8  'Structure model' '_atom_site.Cartn_z'                             
5  8  'Structure model' '_atom_site.occupancy'                           
6  8  'Structure model' '_em_admin.last_update'                          
7  8  'Structure model' '_em_imaging.microscope_model'                   
8  8  'Structure model' '_entity.pdbx_description'                       
9  8  'Structure model' '_pdbx_helical_symmetry.number_of_operations'    
10 8  'Structure model' '_pdbx_helical_symmetry.rise_per_n_subunits'     
11 8  'Structure model' '_pdbx_struct_assembly.oligomeric_count'         
12 8  'Structure model' '_pdbx_struct_assembly.oligomeric_details'       
13 8  'Structure model' '_pdbx_struct_assembly_gen.oper_expression'      
14 8  'Structure model' '_pdbx_struct_sheet_hbond.range_1_auth_comp_id'  
15 8  'Structure model' '_pdbx_struct_sheet_hbond.range_1_auth_seq_id'   
16 8  'Structure model' '_pdbx_struct_sheet_hbond.range_1_label_comp_id' 
17 8  'Structure model' '_pdbx_struct_sheet_hbond.range_1_label_seq_id'  
18 8  'Structure model' '_pdbx_struct_sheet_hbond.range_2_auth_comp_id'  
19 8  'Structure model' '_pdbx_struct_sheet_hbond.range_2_auth_seq_id'   
20 8  'Structure model' '_pdbx_struct_sheet_hbond.range_2_label_comp_id' 
21 8  'Structure model' '_pdbx_struct_sheet_hbond.range_2_label_seq_id'  
22 8  'Structure model' '_refine_ls_restr.dev_ideal'                     
23 8  'Structure model' '_refine_ls_restr.number'                        
24 8  'Structure model' '_struct.title'                                  
25 8  'Structure model' '_struct_conf.end_auth_comp_id'                  
26 8  'Structure model' '_struct_conf.end_auth_seq_id'                   
27 8  'Structure model' '_struct_conf.end_label_comp_id'                 
28 8  'Structure model' '_struct_conf.end_label_seq_id'                  
29 8  'Structure model' '_struct_conf.pdbx_PDB_helix_length'             
30 8  'Structure model' '_struct_keywords.pdbx_keywords'                 
31 8  'Structure model' '_struct_sheet_range.beg_auth_comp_id'           
32 8  'Structure model' '_struct_sheet_range.beg_auth_seq_id'            
33 8  'Structure model' '_struct_sheet_range.beg_label_comp_id'          
34 8  'Structure model' '_struct_sheet_range.beg_label_seq_id'           
35 8  'Structure model' '_struct_sheet_range.end_auth_comp_id'           
36 8  'Structure model' '_struct_sheet_range.end_auth_seq_id'            
37 8  'Structure model' '_struct_sheet_range.end_label_comp_id'          
38 8  'Structure model' '_struct_sheet_range.end_label_seq_id'           
39 9  'EM metadata'     '_em_admin.last_update'                          
40 9  'EM metadata'     '_em_imaging.microscope_model'                   
41 9  'EM metadata'     '_entity.pdbx_description'                       
42 9  'EM metadata'     '_struct_keywords.pdbx_keywords'                 
43 10 'Structure model' '_em_admin.last_update'                          
44 10 'Structure model' '_struct_keywords.pdbx_keywords'                 
# 
_pdbx_database_status.status_code                     REL 
_pdbx_database_status.status_code_sf                  ? 
_pdbx_database_status.status_code_mr                  ? 
_pdbx_database_status.entry_id                        8GI2 
_pdbx_database_status.recvd_initial_deposition_date   2023-03-13 
_pdbx_database_status.SG_entry                        N 
_pdbx_database_status.deposit_site                    RCSB 
_pdbx_database_status.process_site                    RCSB 
_pdbx_database_status.status_code_cs                  ? 
_pdbx_database_status.status_code_nmr_data            ? 
_pdbx_database_status.methods_development_category    ? 
_pdbx_database_status.pdb_format_compatible           Y 
# 
_pdbx_database_related.db_name        EMDB 
_pdbx_database_related.details        'Cryo-EM structure of Natrinema sp. J7-2 Type IV pilus' 
_pdbx_database_related.db_id          EMD-40060 
_pdbx_database_related.content_type   'associated EM volume' 
# 
_pdbx_contact_author.id                 2 
_pdbx_contact_author.email              ehe2n@virginia.edu 
_pdbx_contact_author.name_first         Edward 
_pdbx_contact_author.name_last          Egelman 
_pdbx_contact_author.name_mi            ? 
_pdbx_contact_author.role               'principal investigator/group leader' 
_pdbx_contact_author.identifier_ORCID   0000-0003-4844-5212 
# 
loop_
_audit_author.name 
_audit_author.pdbx_ordinal 
_audit_author.identifier_ORCID 
'Sonani, R.R.'         1 ? 
'Kreutzberger, M.A.B.' 2 ? 
'Liu, Y.'              3 ? 
'Krupovic, M.'         4 ? 
'Egelman, E.H.'        5 ? 
# 
loop_
_citation.abstract 
_citation.abstract_id_CAS 
_citation.book_id_ISBN 
_citation.book_publisher 
_citation.book_publisher_city 
_citation.book_title 
_citation.coordinate_linkage 
_citation.country 
_citation.database_id_Medline 
_citation.details 
_citation.id 
_citation.journal_abbrev 
_citation.journal_id_ASTM 
_citation.journal_id_CSD 
_citation.journal_id_ISSN 
_citation.journal_full 
_citation.journal_issue 
_citation.journal_volume 
_citation.language 
_citation.page_first 
_citation.page_last 
_citation.title 
_citation.year 
_citation.database_id_CSD 
_citation.pdbx_database_id_DOI 
_citation.pdbx_database_id_PubMed 
_citation.pdbx_database_id_patent 
_citation.unpublished_flag 
? ? ? ? ? ? ? US ? ? primary 'Cell Rep'             ?      ?    2211-1247 ? ? 44  ? 115873      115873      
'A type IV pili-mediated mutualism between two co-resident temperate archaeal viruses and their host.' 2025 ? 
10.1016/j.celrep.2025.115873 40544455 ? ? 
? ? ? ? ? ? ? US ? ? 1       Proc.Natl.Acad.Sci.USA PNASA6 0040 1091-6490 ? ? 120 ? e2304256120 e2304256120 
'The evolution of archaeal flagellar filaments.'                                                       2023 ? 
10.1073/pnas.2304256120      37399404 ? ? 
# 
loop_
_citation_author.citation_id 
_citation_author.name 
_citation_author.ordinal 
_citation_author.identifier_ORCID 
primary 'Xiang, J.'              1  ?                   
primary 'Sonani, R.R.'           2  ?                   
primary 'Wang, Y.'               3  ?                   
primary 'Chen, Z.'               4  ?                   
primary 'Xiong, W.'              5  ?                   
primary 'Chen, J.'               6  ?                   
primary 'Li, S.'                 7  ?                   
primary 'An, K.'                 8  ?                   
primary 'Wang, Y.'               9  ?                   
primary 'Liu, Y.'                10 ?                   
primary 'Kreutzberger, M.A.B.'   11 ?                   
primary 'Krupovic, M.'           12 ?                   
primary 'Egelman, E.H.'          13 ?                   
primary 'Du, S.'                 14 ?                   
primary 'Chen, X.'               15 ?                   
1       'Kreutzberger, M.A.B.'   16 ?                   
1       'Cvirkaite-Krupovic, V.' 17 ?                   
1       'Liu, Y.'                18 ?                   
1       'Baquero, D.P.'          19 ?                   
1       'Liu, J.'                20 0000-0003-1062-2404 
1       'Sonani, R.R.'           21 ?                   
1       'Calladine, C.R.'        22 ?                   
1       'Wang, F.'               23 ?                   
1       'Krupovic, M.'           24 0000-0001-5486-0098 
1       'Egelman, E.H.'          25 0000-0003-4844-5212 
# 
_entity.id                         1 
_entity.type                       polymer 
_entity.src_method                 nat 
_entity.pdbx_description           'Natrinema pilin, PilA2' 
_entity.formula_weight             17009.859 
_entity.pdbx_number_of_molecules   1 
_entity.pdbx_ec                    ? 
_entity.pdbx_mutation              ? 
_entity.pdbx_fragment              ? 
_entity.details                    ? 
# 
_entity_poly.entity_id                      1 
_entity_poly.type                           'polypeptide(L)' 
_entity_poly.nstd_linkage                   no 
_entity_poly.nstd_monomer                   no 
_entity_poly.pdbx_seq_one_letter_code       
;MDLKKYKQKLIGSDEERAVSPVIGVILMVAITVILAAVIAAFVLDLGGSVGNEAQAGVNMEVDESQGGNITVEVTSMGNA
DHVVLGGSIDSDQTPYQGSSKNTGKLKLTVGDSVTINANNDGSVANYGLSSTEGTVTAIAVIEEDETRTQVASVDYSGFT
AKDIS
;
_entity_poly.pdbx_seq_one_letter_code_can   
;MDLKKYKQKLIGSDEERAVSPVIGVILMVAITVILAAVIAAFVLDLGGSVGNEAQAGVNMEVDESQGGNITVEVTSMGNA
DHVVLGGSIDSDQTPYQGSSKNTGKLKLTVGDSVTINANNDGSVANYGLSSTEGTVTAIAVIEEDETRTQVASVDYSGFT
AKDIS
;
_entity_poly.pdbx_strand_id                 A 
_entity_poly.pdbx_target_identifier         ? 
# 
loop_
_entity_poly_seq.entity_id 
_entity_poly_seq.num 
_entity_poly_seq.mon_id 
_entity_poly_seq.hetero 
1 1   MET n 
1 2   ASP n 
1 3   LEU n 
1 4   LYS n 
1 5   LYS n 
1 6   TYR n 
1 7   LYS n 
1 8   GLN n 
1 9   LYS n 
1 10  LEU n 
1 11  ILE n 
1 12  GLY n 
1 13  SER n 
1 14  ASP n 
1 15  GLU n 
1 16  GLU n 
1 17  ARG n 
1 18  ALA n 
1 19  VAL n 
1 20  SER n 
1 21  PRO n 
1 22  VAL n 
1 23  ILE n 
1 24  GLY n 
1 25  VAL n 
1 26  ILE n 
1 27  LEU n 
1 28  MET n 
1 29  VAL n 
1 30  ALA n 
1 31  ILE n 
1 32  THR n 
1 33  VAL n 
1 34  ILE n 
1 35  LEU n 
1 36  ALA n 
1 37  ALA n 
1 38  VAL n 
1 39  ILE n 
1 40  ALA n 
1 41  ALA n 
1 42  PHE n 
1 43  VAL n 
1 44  LEU n 
1 45  ASP n 
1 46  LEU n 
1 47  GLY n 
1 48  GLY n 
1 49  SER n 
1 50  VAL n 
1 51  GLY n 
1 52  ASN n 
1 53  GLU n 
1 54  ALA n 
1 55  GLN n 
1 56  ALA n 
1 57  GLY n 
1 58  VAL n 
1 59  ASN n 
1 60  MET n 
1 61  GLU n 
1 62  VAL n 
1 63  ASP n 
1 64  GLU n 
1 65  SER n 
1 66  GLN n 
1 67  GLY n 
1 68  GLY n 
1 69  ASN n 
1 70  ILE n 
1 71  THR n 
1 72  VAL n 
1 73  GLU n 
1 74  VAL n 
1 75  THR n 
1 76  SER n 
1 77  MET n 
1 78  GLY n 
1 79  ASN n 
1 80  ALA n 
1 81  ASP n 
1 82  HIS n 
1 83  VAL n 
1 84  VAL n 
1 85  LEU n 
1 86  GLY n 
1 87  GLY n 
1 88  SER n 
1 89  ILE n 
1 90  ASP n 
1 91  SER n 
1 92  ASP n 
1 93  GLN n 
1 94  THR n 
1 95  PRO n 
1 96  TYR n 
1 97  GLN n 
1 98  GLY n 
1 99  SER n 
1 100 SER n 
1 101 LYS n 
1 102 ASN n 
1 103 THR n 
1 104 GLY n 
1 105 LYS n 
1 106 LEU n 
1 107 LYS n 
1 108 LEU n 
1 109 THR n 
1 110 VAL n 
1 111 GLY n 
1 112 ASP n 
1 113 SER n 
1 114 VAL n 
1 115 THR n 
1 116 ILE n 
1 117 ASN n 
1 118 ALA n 
1 119 ASN n 
1 120 ASN n 
1 121 ASP n 
1 122 GLY n 
1 123 SER n 
1 124 VAL n 
1 125 ALA n 
1 126 ASN n 
1 127 TYR n 
1 128 GLY n 
1 129 LEU n 
1 130 SER n 
1 131 SER n 
1 132 THR n 
1 133 GLU n 
1 134 GLY n 
1 135 THR n 
1 136 VAL n 
1 137 THR n 
1 138 ALA n 
1 139 ILE n 
1 140 ALA n 
1 141 VAL n 
1 142 ILE n 
1 143 GLU n 
1 144 GLU n 
1 145 ASP n 
1 146 GLU n 
1 147 THR n 
1 148 ARG n 
1 149 THR n 
1 150 GLN n 
1 151 VAL n 
1 152 ALA n 
1 153 SER n 
1 154 VAL n 
1 155 ASP n 
1 156 TYR n 
1 157 SER n 
1 158 GLY n 
1 159 PHE n 
1 160 THR n 
1 161 ALA n 
1 162 LYS n 
1 163 ASP n 
1 164 ILE n 
1 165 SER n 
# 
_entity_src_nat.entity_id                  1 
_entity_src_nat.pdbx_src_id                1 
_entity_src_nat.pdbx_alt_source_flag       sample 
_entity_src_nat.pdbx_beg_seq_num           1 
_entity_src_nat.pdbx_end_seq_num           165 
_entity_src_nat.common_name                ? 
_entity_src_nat.pdbx_organism_scientific   'Natrinema sp. J7-2' 
_entity_src_nat.pdbx_ncbi_taxonomy_id      406552 
_entity_src_nat.genus                      ? 
_entity_src_nat.species                    ? 
_entity_src_nat.strain                     ? 
_entity_src_nat.tissue                     ? 
_entity_src_nat.tissue_fraction            ? 
_entity_src_nat.pdbx_secretion             ? 
_entity_src_nat.pdbx_fragment              ? 
_entity_src_nat.pdbx_variant               ? 
_entity_src_nat.pdbx_cell_line             ? 
_entity_src_nat.pdbx_atcc                  ? 
_entity_src_nat.pdbx_cellular_location     ? 
_entity_src_nat.pdbx_organ                 ? 
_entity_src_nat.pdbx_organelle             ? 
_entity_src_nat.pdbx_cell                  ? 
_entity_src_nat.pdbx_plasmid_name          ? 
_entity_src_nat.pdbx_plasmid_details       ? 
_entity_src_nat.details                    ? 
# 
loop_
_chem_comp.id 
_chem_comp.type 
_chem_comp.mon_nstd_flag 
_chem_comp.name 
_chem_comp.pdbx_synonyms 
_chem_comp.formula 
_chem_comp.formula_weight 
ALA 'L-peptide linking' y ALANINE         ? 'C3 H7 N O2'     89.093  
ARG 'L-peptide linking' y ARGININE        ? 'C6 H15 N4 O2 1' 175.209 
ASN 'L-peptide linking' y ASPARAGINE      ? 'C4 H8 N2 O3'    132.118 
ASP 'L-peptide linking' y 'ASPARTIC ACID' ? 'C4 H7 N O4'     133.103 
GLN 'L-peptide linking' y GLUTAMINE       ? 'C5 H10 N2 O3'   146.144 
GLU 'L-peptide linking' y 'GLUTAMIC ACID' ? 'C5 H9 N O4'     147.129 
GLY 'peptide linking'   y GLYCINE         ? 'C2 H5 N O2'     75.067  
HIS 'L-peptide linking' y HISTIDINE       ? 'C6 H10 N3 O2 1' 156.162 
ILE 'L-peptide linking' y ISOLEUCINE      ? 'C6 H13 N O2'    131.173 
LEU 'L-peptide linking' y LEUCINE         ? 'C6 H13 N O2'    131.173 
LYS 'L-peptide linking' y LYSINE          ? 'C6 H15 N2 O2 1' 147.195 
MET 'L-peptide linking' y METHIONINE      ? 'C5 H11 N O2 S'  149.211 
PHE 'L-peptide linking' y PHENYLALANINE   ? 'C9 H11 N O2'    165.189 
PRO 'L-peptide linking' y PROLINE         ? 'C5 H9 N O2'     115.130 
SER 'L-peptide linking' y SERINE          ? 'C3 H7 N O3'     105.093 
THR 'L-peptide linking' y THREONINE       ? 'C4 H9 N O3'     119.119 
TYR 'L-peptide linking' y TYROSINE        ? 'C9 H11 N O3'    181.189 
VAL 'L-peptide linking' y VALINE          ? 'C5 H11 N O2'    117.146 
# 
loop_
_pdbx_poly_seq_scheme.asym_id 
_pdbx_poly_seq_scheme.entity_id 
_pdbx_poly_seq_scheme.seq_id 
_pdbx_poly_seq_scheme.mon_id 
_pdbx_poly_seq_scheme.ndb_seq_num 
_pdbx_poly_seq_scheme.pdb_seq_num 
_pdbx_poly_seq_scheme.auth_seq_num 
_pdbx_poly_seq_scheme.pdb_mon_id 
_pdbx_poly_seq_scheme.auth_mon_id 
_pdbx_poly_seq_scheme.pdb_strand_id 
_pdbx_poly_seq_scheme.pdb_ins_code 
_pdbx_poly_seq_scheme.hetero 
A 1 1   MET 1   1   ?   ?   ?   A . n 
A 1 2   ASP 2   2   ?   ?   ?   A . n 
A 1 3   LEU 3   3   ?   ?   ?   A . n 
A 1 4   LYS 4   4   ?   ?   ?   A . n 
A 1 5   LYS 5   5   ?   ?   ?   A . n 
A 1 6   TYR 6   6   ?   ?   ?   A . n 
A 1 7   LYS 7   7   ?   ?   ?   A . n 
A 1 8   GLN 8   8   ?   ?   ?   A . n 
A 1 9   LYS 9   9   ?   ?   ?   A . n 
A 1 10  LEU 10  10  ?   ?   ?   A . n 
A 1 11  ILE 11  11  ?   ?   ?   A . n 
A 1 12  GLY 12  12  ?   ?   ?   A . n 
A 1 13  SER 13  13  ?   ?   ?   A . n 
A 1 14  ASP 14  14  ?   ?   ?   A . n 
A 1 15  GLU 15  15  ?   ?   ?   A . n 
A 1 16  GLU 16  16  ?   ?   ?   A . n 
A 1 17  ARG 17  17  ?   ?   ?   A . n 
A 1 18  ALA 18  18  ?   ?   ?   A . n 
A 1 19  VAL 19  19  19  VAL VAL A . n 
A 1 20  SER 20  20  20  SER SER A . n 
A 1 21  PRO 21  21  21  PRO PRO A . n 
A 1 22  VAL 22  22  22  VAL VAL A . n 
A 1 23  ILE 23  23  23  ILE ILE A . n 
A 1 24  GLY 24  24  24  GLY GLY A . n 
A 1 25  VAL 25  25  25  VAL VAL A . n 
A 1 26  ILE 26  26  26  ILE ILE A . n 
A 1 27  LEU 27  27  27  LEU LEU A . n 
A 1 28  MET 28  28  28  MET MET A . n 
A 1 29  VAL 29  29  29  VAL VAL A . n 
A 1 30  ALA 30  30  30  ALA ALA A . n 
A 1 31  ILE 31  31  31  ILE ILE A . n 
A 1 32  THR 32  32  32  THR THR A . n 
A 1 33  VAL 33  33  33  VAL VAL A . n 
A 1 34  ILE 34  34  34  ILE ILE A . n 
A 1 35  LEU 35  35  35  LEU LEU A . n 
A 1 36  ALA 36  36  36  ALA ALA A . n 
A 1 37  ALA 37  37  37  ALA ALA A . n 
A 1 38  VAL 38  38  38  VAL VAL A . n 
A 1 39  ILE 39  39  39  ILE ILE A . n 
A 1 40  ALA 40  40  40  ALA ALA A . n 
A 1 41  ALA 41  41  41  ALA ALA A . n 
A 1 42  PHE 42  42  42  PHE PHE A . n 
A 1 43  VAL 43  43  43  VAL VAL A . n 
A 1 44  LEU 44  44  44  LEU LEU A . n 
A 1 45  ASP 45  45  45  ASP ASP A . n 
A 1 46  LEU 46  46  46  LEU LEU A . n 
A 1 47  GLY 47  47  47  GLY GLY A . n 
A 1 48  GLY 48  48  48  GLY GLY A . n 
A 1 49  SER 49  49  49  SER SER A . n 
A 1 50  VAL 50  50  50  VAL VAL A . n 
A 1 51  GLY 51  51  51  GLY GLY A . n 
A 1 52  ASN 52  52  52  ASN ASN A . n 
A 1 53  GLU 53  53  53  GLU GLU A . n 
A 1 54  ALA 54  54  54  ALA ALA A . n 
A 1 55  GLN 55  55  55  GLN GLN A . n 
A 1 56  ALA 56  56  56  ALA ALA A . n 
A 1 57  GLY 57  57  57  GLY GLY A . n 
A 1 58  VAL 58  58  58  VAL VAL A . n 
A 1 59  ASN 59  59  59  ASN ASN A . n 
A 1 60  MET 60  60  60  MET MET A . n 
A 1 61  GLU 61  61  61  GLU GLU A . n 
A 1 62  VAL 62  62  62  VAL VAL A . n 
A 1 63  ASP 63  63  63  ASP ASP A . n 
A 1 64  GLU 64  64  64  GLU GLU A . n 
A 1 65  SER 65  65  65  SER SER A . n 
A 1 66  GLN 66  66  66  GLN GLN A . n 
A 1 67  GLY 67  67  67  GLY GLY A . n 
A 1 68  GLY 68  68  68  GLY GLY A . n 
A 1 69  ASN 69  69  69  ASN ASN A . n 
A 1 70  ILE 70  70  70  ILE ILE A . n 
A 1 71  THR 71  71  71  THR THR A . n 
A 1 72  VAL 72  72  72  VAL VAL A . n 
A 1 73  GLU 73  73  73  GLU GLU A . n 
A 1 74  VAL 74  74  74  VAL VAL A . n 
A 1 75  THR 75  75  75  THR THR A . n 
A 1 76  SER 76  76  76  SER SER A . n 
A 1 77  MET 77  77  77  MET MET A . n 
A 1 78  GLY 78  78  78  GLY GLY A . n 
A 1 79  ASN 79  79  79  ASN ASN A . n 
A 1 80  ALA 80  80  80  ALA ALA A . n 
A 1 81  ASP 81  81  81  ASP ASP A . n 
A 1 82  HIS 82  82  82  HIS HIS A . n 
A 1 83  VAL 83  83  83  VAL VAL A . n 
A 1 84  VAL 84  84  84  VAL VAL A . n 
A 1 85  LEU 85  85  85  LEU LEU A . n 
A 1 86  GLY 86  86  86  GLY GLY A . n 
A 1 87  GLY 87  87  87  GLY GLY A . n 
A 1 88  SER 88  88  88  SER SER A . n 
A 1 89  ILE 89  89  89  ILE ILE A . n 
A 1 90  ASP 90  90  90  ASP ASP A . n 
A 1 91  SER 91  91  91  SER SER A . n 
A 1 92  ASP 92  92  92  ASP ASP A . n 
A 1 93  GLN 93  93  93  GLN GLN A . n 
A 1 94  THR 94  94  94  THR THR A . n 
A 1 95  PRO 95  95  95  PRO PRO A . n 
A 1 96  TYR 96  96  96  TYR TYR A . n 
A 1 97  GLN 97  97  97  GLN GLN A . n 
A 1 98  GLY 98  98  98  GLY GLY A . n 
A 1 99  SER 99  99  99  SER SER A . n 
A 1 100 SER 100 100 100 SER SER A . n 
A 1 101 LYS 101 101 101 LYS LYS A . n 
A 1 102 ASN 102 102 102 ASN ASN A . n 
A 1 103 THR 103 103 103 THR THR A . n 
A 1 104 GLY 104 104 104 GLY GLY A . n 
A 1 105 LYS 105 105 105 LYS LYS A . n 
A 1 106 LEU 106 106 106 LEU LEU A . n 
A 1 107 LYS 107 107 107 LYS LYS A . n 
A 1 108 LEU 108 108 108 LEU LEU A . n 
A 1 109 THR 109 109 109 THR THR A . n 
A 1 110 VAL 110 110 110 VAL VAL A . n 
A 1 111 GLY 111 111 111 GLY GLY A . n 
A 1 112 ASP 112 112 112 ASP ASP A . n 
A 1 113 SER 113 113 113 SER SER A . n 
A 1 114 VAL 114 114 114 VAL VAL A . n 
A 1 115 THR 115 115 115 THR THR A . n 
A 1 116 ILE 116 116 116 ILE ILE A . n 
A 1 117 ASN 117 117 117 ASN ASN A . n 
A 1 118 ALA 118 118 118 ALA ALA A . n 
A 1 119 ASN 119 119 119 ASN ASN A . n 
A 1 120 ASN 120 120 120 ASN ASN A . n 
A 1 121 ASP 121 121 121 ASP ASP A . n 
A 1 122 GLY 122 122 122 GLY GLY A . n 
A 1 123 SER 123 123 123 SER SER A . n 
A 1 124 VAL 124 124 124 VAL VAL A . n 
A 1 125 ALA 125 125 125 ALA ALA A . n 
A 1 126 ASN 126 126 126 ASN ASN A . n 
A 1 127 TYR 127 127 127 TYR TYR A . n 
A 1 128 GLY 128 128 128 GLY GLY A . n 
A 1 129 LEU 129 129 129 LEU LEU A . n 
A 1 130 SER 130 130 130 SER SER A . n 
A 1 131 SER 131 131 131 SER SER A . n 
A 1 132 THR 132 132 132 THR THR A . n 
A 1 133 GLU 133 133 133 GLU GLU A . n 
A 1 134 GLY 134 134 134 GLY GLY A . n 
A 1 135 THR 135 135 135 THR THR A . n 
A 1 136 VAL 136 136 136 VAL VAL A . n 
A 1 137 THR 137 137 137 THR THR A . n 
A 1 138 ALA 138 138 138 ALA ALA A . n 
A 1 139 ILE 139 139 139 ILE ILE A . n 
A 1 140 ALA 140 140 140 ALA ALA A . n 
A 1 141 VAL 141 141 141 VAL VAL A . n 
A 1 142 ILE 142 142 142 ILE ILE A . n 
A 1 143 GLU 143 143 143 GLU GLU A . n 
A 1 144 GLU 144 144 144 GLU GLU A . n 
A 1 145 ASP 145 145 145 ASP ASP A . n 
A 1 146 GLU 146 146 146 GLU GLU A . n 
A 1 147 THR 147 147 147 THR THR A . n 
A 1 148 ARG 148 148 148 ARG ARG A . n 
A 1 149 THR 149 149 149 THR THR A . n 
A 1 150 GLN 150 150 150 GLN GLN A . n 
A 1 151 VAL 151 151 151 VAL VAL A . n 
A 1 152 ALA 152 152 152 ALA ALA A . n 
A 1 153 SER 153 153 153 SER SER A . n 
A 1 154 VAL 154 154 154 VAL VAL A . n 
A 1 155 ASP 155 155 155 ASP ASP A . n 
A 1 156 TYR 156 156 156 TYR TYR A . n 
A 1 157 SER 157 157 157 SER SER A . n 
A 1 158 GLY 158 158 158 GLY GLY A . n 
A 1 159 PHE 159 159 159 PHE PHE A . n 
A 1 160 THR 160 160 160 THR THR A . n 
A 1 161 ALA 161 161 161 ALA ALA A . n 
A 1 162 LYS 162 162 162 LYS LYS A . n 
A 1 163 ASP 163 163 163 ASP ASP A . n 
A 1 164 ILE 164 164 164 ILE ILE A . n 
A 1 165 SER 165 165 165 SER SER A . n 
# 
_cell.angle_alpha                  90.00 
_cell.angle_alpha_esd              ? 
_cell.angle_beta                   90.00 
_cell.angle_beta_esd               ? 
_cell.angle_gamma                  90.00 
_cell.angle_gamma_esd              ? 
_cell.entry_id                     8GI2 
_cell.details                      ? 
_cell.formula_units_Z              ? 
_cell.length_a                     1.00 
_cell.length_a_esd                 ? 
_cell.length_b                     1.00 
_cell.length_b_esd                 ? 
_cell.length_c                     1.00 
_cell.length_c_esd                 ? 
_cell.volume                       ? 
_cell.volume_esd                   ? 
_cell.Z_PDB                        ? 
_cell.reciprocal_angle_alpha       ? 
_cell.reciprocal_angle_beta        ? 
_cell.reciprocal_angle_gamma       ? 
_cell.reciprocal_angle_alpha_esd   ? 
_cell.reciprocal_angle_beta_esd    ? 
_cell.reciprocal_angle_gamma_esd   ? 
_cell.reciprocal_length_a          ? 
_cell.reciprocal_length_b          ? 
_cell.reciprocal_length_c          ? 
_cell.reciprocal_length_a_esd      ? 
_cell.reciprocal_length_b_esd      ? 
_cell.reciprocal_length_c_esd      ? 
_cell.pdbx_unique_axis             ? 
_cell.pdbx_esd_method              ? 
# 
_symmetry.entry_id                         8GI2 
_symmetry.cell_setting                     ? 
_symmetry.Int_Tables_number                1 
_symmetry.space_group_name_Hall            ? 
_symmetry.space_group_name_H-M             'P 1' 
_symmetry.pdbx_full_space_group_name_H-M   ? 
# 
_exptl.absorpt_coefficient_mu     ? 
_exptl.absorpt_correction_T_max   ? 
_exptl.absorpt_correction_T_min   ? 
_exptl.absorpt_correction_type    ? 
_exptl.absorpt_process_details    ? 
_exptl.entry_id                   8GI2 
_exptl.crystals_number            ? 
_exptl.details                    ? 
_exptl.method                     'ELECTRON MICROSCOPY' 
_exptl.method_details             ? 
# 
_refine.pdbx_refine_id                           'ELECTRON MICROSCOPY' 
_refine.entry_id                                 8GI2 
_refine.pdbx_diffrn_id                           ? 
_refine.pdbx_TLS_residual_ADP_flag               ? 
_refine.ls_number_reflns_obs                     ? 
_refine.ls_number_reflns_all                     ? 
_refine.pdbx_ls_sigma_I                          ? 
_refine.pdbx_ls_sigma_F                          ? 
_refine.pdbx_data_cutoff_high_absF               ? 
_refine.pdbx_data_cutoff_low_absF                ? 
_refine.pdbx_data_cutoff_high_rms_absF           ? 
_refine.ls_d_res_low                             ? 
_refine.ls_d_res_high                            . 
_refine.ls_percent_reflns_obs                    ? 
_refine.ls_R_factor_obs                          ? 
_refine.ls_R_factor_all                          ? 
_refine.ls_R_factor_R_work                       ? 
_refine.ls_R_factor_R_free                       ? 
_refine.ls_R_factor_R_free_error                 ? 
_refine.ls_R_factor_R_free_error_details         ? 
_refine.ls_percent_reflns_R_free                 ? 
_refine.ls_number_reflns_R_free                  ? 
_refine.ls_number_parameters                     ? 
_refine.ls_number_restraints                     ? 
_refine.occupancy_min                            ? 
_refine.occupancy_max                            ? 
_refine.correlation_coeff_Fo_to_Fc               ? 
_refine.correlation_coeff_Fo_to_Fc_free          ? 
_refine.B_iso_mean                               ? 
_refine.aniso_B[1][1]                            ? 
_refine.aniso_B[2][2]                            ? 
_refine.aniso_B[3][3]                            ? 
_refine.aniso_B[1][2]                            ? 
_refine.aniso_B[1][3]                            ? 
_refine.aniso_B[2][3]                            ? 
_refine.solvent_model_details                    ? 
_refine.solvent_model_param_ksol                 ? 
_refine.solvent_model_param_bsol                 ? 
_refine.pdbx_solvent_vdw_probe_radii             ? 
_refine.pdbx_solvent_ion_probe_radii             ? 
_refine.pdbx_solvent_shrinkage_radii             ? 
_refine.pdbx_ls_cross_valid_method               ? 
_refine.details                                  ? 
_refine.pdbx_starting_model                      ? 
_refine.pdbx_method_to_determine_struct          ? 
_refine.pdbx_isotropic_thermal_model             ? 
_refine.pdbx_stereochemistry_target_values       ? 
_refine.pdbx_stereochem_target_val_spec_case     ? 
_refine.pdbx_R_Free_selection_details            ? 
_refine.pdbx_overall_ESU_R                       ? 
_refine.pdbx_overall_ESU_R_Free                  ? 
_refine.overall_SU_ML                            ? 
_refine.pdbx_overall_phase_error                 ? 
_refine.overall_SU_B                             ? 
_refine.overall_SU_R_Cruickshank_DPI             ? 
_refine.pdbx_overall_SU_R_free_Cruickshank_DPI   ? 
_refine.pdbx_overall_SU_R_Blow_DPI               ? 
_refine.pdbx_overall_SU_R_free_Blow_DPI          ? 
# 
loop_
_refine_ls_restr.pdbx_refine_id 
_refine_ls_restr.criterion 
_refine_ls_restr.dev_ideal 
_refine_ls_restr.dev_ideal_target 
_refine_ls_restr.number 
_refine_ls_restr.rejects 
_refine_ls_restr.type 
_refine_ls_restr.weight 
_refine_ls_restr.pdbx_restraint_function 
'ELECTRON MICROSCOPY' ? 0.003 ? 1048 ? f_bond_d           ? ? 
'ELECTRON MICROSCOPY' ? 0.617 ? 1429 ? f_angle_d          ? ? 
'ELECTRON MICROSCOPY' ? 5.933 ? 151  ? f_dihedral_angle_d ? ? 
'ELECTRON MICROSCOPY' ? 0.048 ? 183  ? f_chiral_restr     ? ? 
'ELECTRON MICROSCOPY' ? 0.002 ? 188  ? f_plane_restr      ? ? 
# 
_struct.entry_id                     8GI2 
_struct.title                        'Cryo-EM structure of Natrinema sp. J7-2 Type IV pilus, PilA2' 
_struct.pdbx_model_details           ? 
_struct.pdbx_formula_weight          ? 
_struct.pdbx_formula_weight_method   ? 
_struct.pdbx_model_type_details      ? 
_struct.pdbx_CASP_flag               N 
# 
_struct_keywords.entry_id        8GI2 
_struct_keywords.text            'Helical, Pili, Natrinema, PROTEIN FIBRIL, MOTOR PROTEIN' 
_struct_keywords.pdbx_keywords   'PROTEIN FIBRIL' 
# 
_struct_asym.id                            A 
_struct_asym.pdbx_blank_PDB_chainid_flag   N 
_struct_asym.pdbx_modified                 N 
_struct_asym.entity_id                     1 
_struct_asym.details                       ? 
# 
_struct_ref.id                         1 
_struct_ref.db_name                    PDB 
_struct_ref.db_code                    8GI2 
_struct_ref.pdbx_db_accession          8GI2 
_struct_ref.pdbx_db_isoform            ? 
_struct_ref.entity_id                  1 
_struct_ref.pdbx_seq_one_letter_code   ? 
_struct_ref.pdbx_align_begin           1 
# 
_struct_ref_seq.align_id                      1 
_struct_ref_seq.ref_id                        1 
_struct_ref_seq.pdbx_PDB_id_code              8GI2 
_struct_ref_seq.pdbx_strand_id                A 
_struct_ref_seq.seq_align_beg                 1 
_struct_ref_seq.pdbx_seq_align_beg_ins_code   ? 
_struct_ref_seq.seq_align_end                 165 
_struct_ref_seq.pdbx_seq_align_end_ins_code   ? 
_struct_ref_seq.pdbx_db_accession             8GI2 
_struct_ref_seq.db_align_beg                  1 
_struct_ref_seq.pdbx_db_align_beg_ins_code    ? 
_struct_ref_seq.db_align_end                  165 
_struct_ref_seq.pdbx_db_align_end_ins_code    ? 
_struct_ref_seq.pdbx_auth_seq_align_beg       1 
_struct_ref_seq.pdbx_auth_seq_align_end       165 
# 
loop_
_pdbx_struct_assembly.id 
_pdbx_struct_assembly.details 
_pdbx_struct_assembly.method_details 
_pdbx_struct_assembly.oligomeric_details 
_pdbx_struct_assembly.oligomeric_count 
1 'representative helical assembly' ? 35-meric  35 
2 'helical asymmetric unit'         ? monomeric 1  
# 
loop_
_pdbx_struct_assembly_gen.assembly_id 
_pdbx_struct_assembly_gen.oper_expression 
_pdbx_struct_assembly_gen.asym_id_list 
1 '(1-35)' A 
2 1        A 
# 
_pdbx_struct_assembly_auth_evidence.id                     1 
_pdbx_struct_assembly_auth_evidence.assembly_id            1 
_pdbx_struct_assembly_auth_evidence.experimental_support   microscopy 
_pdbx_struct_assembly_auth_evidence.details                ? 
# 
loop_
_pdbx_struct_oper_list.id 
_pdbx_struct_oper_list.type 
_pdbx_struct_oper_list.name 
_pdbx_struct_oper_list.symmetry_operation 
_pdbx_struct_oper_list.matrix[1][1] 
_pdbx_struct_oper_list.matrix[1][2] 
_pdbx_struct_oper_list.matrix[1][3] 
_pdbx_struct_oper_list.vector[1] 
_pdbx_struct_oper_list.matrix[2][1] 
_pdbx_struct_oper_list.matrix[2][2] 
_pdbx_struct_oper_list.matrix[2][3] 
_pdbx_struct_oper_list.vector[2] 
_pdbx_struct_oper_list.matrix[3][1] 
_pdbx_struct_oper_list.matrix[3][2] 
_pdbx_struct_oper_list.matrix[3][3] 
_pdbx_struct_oper_list.vector[3] 
1  'identity operation'         1_555 x,y,z 1.00000000  0.00000000  0.00000000  0.00000   0.00000000  1.00000000  0.00000000  0.00000   0.00000000  0.00000000  1.00000000 0.00000   
2  'helical symmetry operation' ?     ?     0.96922733  0.23729345  -0.06549779 -16.46301 -0.23476902 0.97105564  0.04397978  -33.83475 0.07403815  -0.02724949 0.99688304 -91.82431 
3  'helical symmetry operation' ?     ?     -0.05327313 -0.90319938 0.42590263  -35.87933 0.98960428  0.00930547  0.14351638  6.04462   -0.13358716 0.42912059  0.89331406 -95.46697 
4  'helical symmetry operation' ?     ?     -0.88085033 0.44859983  0.15119991  -65.52660 -0.29430490 -0.76910251 0.56733275  -21.87954 0.37079353  0.45523623  0.80948884 -77.52399 
5  'helical symmetry operation' ?     ?     0.67286170  0.72138961  -0.16387228 -25.20752 -0.69455293 0.69229811  0.19575369  -40.16604 0.25466315  -0.01789718 0.96686419 -72.98697 
6  'helical symmetry operation' ?     ?     0.50313056  -0.80550983 0.31307131  -19.56781 0.84627034  0.53265130  0.01044929  3.16493   -0.17517486 0.25968558  0.94967214 -81.43057 
7  'helical symmetry operation' ?     ?     -0.94163266 -0.09820238 0.32199942  -61.63386 0.25748356  -0.82627355 0.50097273  -2.69347  0.21686297  0.55464201  0.80333221 -68.13610 
8  'helical symmetry operation' ?     ?     0.15547290  0.97468502  -0.16067479 -38.39861 -0.90540452 0.20564917  0.37141650  -38.59471 0.39505686  0.08773073  0.91445793 -55.81460 
9  'helical symmetry operation' ?     ?     0.89601819  -0.42129445 0.14021929  -9.37422  0.42982456  0.90219611  -0.03594637 -6.02342  -0.11136116 0.09247855  0.98946769 -64.60628 
10 'helical symmetry operation' ?     ?     -0.67643444 -0.59812100 0.42975367  -49.36708 0.73564673  -0.57683167 0.35509094  12.63959  0.03550811  0.55634249  0.83019411 -58.87286 
11 'helical symmetry operation' ?     ?     -0.40764247 0.91136142  -0.05698890 -50.84823 -0.79588594 -0.32400956 0.51145199  -28.24256 0.44765270  0.25384629  0.85742003 -41.34963 
12 'helical symmetry operation' ?     ?     0.99227671  0.11927012  -0.03408944 -8.03158  -0.11863654 0.99273558  0.02004828  -16.99520 0.03623288  -0.01584933 0.99921771 -45.91931 
13 'helical symmetry operation' ?     ?     -0.17510538 -0.88177895 0.43795422  -32.16139 0.97817832  -0.10528830 0.17911297  20.33660  -0.11182657 0.45976100  0.88097369 -48.09773 
14 'helical symmetry operation' ?     ?     -0.82569617 0.55287288  0.11205587  -57.61657 -0.40310251 -0.71722524 0.56841488  -11.20517 0.39463060  0.42416823  0.81507541 -29.71797 
15 'helical symmetry operation' ?     ?     0.75929102  0.63303784  -0.15079785 -15.27451 -0.61329136 0.77359237  0.15946258  -24.62174 0.21760194  -0.02859542 0.97561861 -26.92569 
16 'helical symmetry operation' ?     ?     0.39249899  -0.85307086 0.34382292  -15.12549 0.90290700  0.42859273  0.03266187  19.20072  -0.17522283 0.29762049  0.93846628 -34.68609 
17 'helical symmetry operation' ?     ?     -0.95704985 0.02067861  0.28918593  -55.69003 0.13986732  -0.84077475 0.52300617  8.15712   0.25395520  0.54099049  0.80177060 -20.08549 
18 'helical symmetry operation' ?     ?     0.27600125  0.94593883  -0.17036423 -27.92889 -0.88654584 0.31901652  0.33506091  -24.90804 0.37129600  0.05855821  0.92666623 -9.28522  
19 'helical symmetry operation' ?     ?     0.83407027  -0.52172402 0.17925234  -3.31084  0.53533601  0.84392873  -0.03464381 11.02830  -0.13320178 0.12485545  0.98319299 -18.40669 
20 'helical symmetry operation' ?     ?     -0.75719741 -0.50490973 0.41438783  -45.00106 0.64906083  -0.65279623 0.39061004  24.69531  0.07328814  0.56473209  0.82201364 -10.94040 
21 'helical symmetry operation' ?     ?     -0.29385302 0.95195942  -0.08615881 -40.98592 -0.84581863 -0.21698073 0.48734989  -16.34471 0.44524256  0.21608405  0.86894575 5.80016   
22 'helical symmetry operation' ?     ?     -0.29385302 -0.84581863 0.44524256  -28.45115 0.95195942  -0.21698073 0.21608405  34.21697  -0.08615881 0.48734989  0.86894575 -0.60566  
23 'helical symmetry operation' ?     ?     -0.75719741 0.64906083  0.07328814  -49.30154 -0.50490973 -0.65279623 0.56473209  -0.42284  0.41438783  0.39061004  0.82201364 17.99503  
24 'helical symmetry operation' ?     ?     0.83407027  0.53533601  -0.13320178 -5.59404  -0.52172402 0.84392873  0.12485545  -8.73619  0.17925234  -0.03464381 0.98319299 19.07283  
25 'helical symmetry operation' ?     ?     0.27600125  -0.88654584 0.37129600  -10.92577 0.94593883  0.31901652  0.05855821  34.90836  -0.17036423 0.33506091  0.92666623 12.19201  
26 'helical symmetry operation' ?     ?     -0.95704985 0.13986732  0.25395520  -49.33848 0.02067861  -0.84077475 0.54099049  18.87655  0.28918593  0.52300617  0.80177060 27.94237  
27 'helical symmetry operation' ?     ?     0.39249899  0.90290700  -0.17522283 -17.47734 -0.85307086 0.42859273  0.29762049  -10.80890 0.34382292  0.03266187  0.93846628 37.12499  
28 'helical symmetry operation' ?     ?     0.75929102  -0.61329136 0.21760194  2.35661   0.63303784  0.77359237  -0.02859542 27.94698  -0.15079785 0.15946258  0.97561861 27.89196  
29 'helical symmetry operation' ?     ?     -0.82569617 -0.40310251 0.39463060  -40.36292 0.55287288  -0.71722524 0.42416823  36.42304  0.11205587  0.56841488  0.81507541 37.04795  
30 'helical symmetry operation' ?     ?     -0.17510538 0.97817832  -0.11182657 -30.90339 -0.88177895 -0.10528830 0.45976100  -4.10470  0.43795422  0.17911297  0.88097369 52.81559  
31 'helical symmetry operation' ?     ?     0.99227671  -0.11863654 0.03623288  7.61725   0.11927012  0.99273558  -0.01584933 17.10192  -0.03408944 0.02004828  0.99921771 45.95029  
32 'helical symmetry operation' ?     ?     -0.40764247 -0.79588594 0.44765270  -24.69569 0.91136142  -0.32400956 0.25384629  47.68680  -0.05698890 0.51145199  0.85742003 47.00093  
33 'helical symmetry operation' ?     ?     -0.67643444 0.73564673  0.03550811  -40.60217 -0.59812100 -0.57683167 0.55634249  10.51677  0.42975367  0.35509094  0.83019411 65.60354  
34 'helical symmetry operation' ?     ?     0.89601819  0.42982456  -0.11136116 3.79365   -0.42129445 0.90219611  0.09247855  7.45982   0.14021929  -0.03594637 0.98946769 65.02375  
35 'helical symmetry operation' ?     ?     0.15547290  -0.90540452 0.39505686  -6.92420  0.97468502  0.20564917  0.08773073  50.26050  -0.16067479 0.37141650  0.91445793 59.20508  
# 
_struct_conf.conf_type_id            HELX_P 
_struct_conf.id                      HELX_P1 
_struct_conf.pdbx_PDB_helix_id       AA1 
_struct_conf.beg_label_comp_id       VAL 
_struct_conf.beg_label_asym_id       A 
_struct_conf.beg_label_seq_id        19 
_struct_conf.pdbx_beg_PDB_ins_code   ? 
_struct_conf.end_label_comp_id       GLY 
_struct_conf.end_label_asym_id       A 
_struct_conf.end_label_seq_id        47 
_struct_conf.pdbx_end_PDB_ins_code   ? 
_struct_conf.beg_auth_comp_id        VAL 
_struct_conf.beg_auth_asym_id        A 
_struct_conf.beg_auth_seq_id         19 
_struct_conf.end_auth_comp_id        GLY 
_struct_conf.end_auth_asym_id        A 
_struct_conf.end_auth_seq_id         47 
_struct_conf.pdbx_PDB_helix_class    1 
_struct_conf.details                 ? 
_struct_conf.pdbx_PDB_helix_length   29 
# 
_struct_conf_type.id          HELX_P 
_struct_conf_type.criteria    ? 
_struct_conf_type.reference   ? 
# 
loop_
_struct_sheet.id 
_struct_sheet.type 
_struct_sheet.number_strands 
_struct_sheet.details 
AA1 ? 3 ? 
AA2 ? 3 ? 
# 
loop_
_struct_sheet_order.sheet_id 
_struct_sheet_order.range_id_1 
_struct_sheet_order.range_id_2 
_struct_sheet_order.offset 
_struct_sheet_order.sense 
AA1 1 2 ? anti-parallel 
AA1 2 3 ? anti-parallel 
AA2 1 2 ? anti-parallel 
AA2 2 3 ? anti-parallel 
# 
loop_
_struct_sheet_range.sheet_id 
_struct_sheet_range.id 
_struct_sheet_range.beg_label_comp_id 
_struct_sheet_range.beg_label_asym_id 
_struct_sheet_range.beg_label_seq_id 
_struct_sheet_range.pdbx_beg_PDB_ins_code 
_struct_sheet_range.end_label_comp_id 
_struct_sheet_range.end_label_asym_id 
_struct_sheet_range.end_label_seq_id 
_struct_sheet_range.pdbx_end_PDB_ins_code 
_struct_sheet_range.beg_auth_comp_id 
_struct_sheet_range.beg_auth_asym_id 
_struct_sheet_range.beg_auth_seq_id 
_struct_sheet_range.end_auth_comp_id 
_struct_sheet_range.end_auth_asym_id 
_struct_sheet_range.end_auth_seq_id 
AA1 1 GLY A 57  ? ASP A 63  ? GLY A 57  ASP A 63  
AA1 2 ASN A 69  ? SER A 76  ? ASN A 69  SER A 76  
AA1 3 SER A 113 ? ILE A 116 ? SER A 113 ILE A 116 
AA2 1 HIS A 82  ? GLY A 87  ? HIS A 82  GLY A 87  
AA2 2 GLY A 134 ? ILE A 142 ? GLY A 134 ILE A 142 
AA2 3 THR A 147 ? TYR A 156 ? THR A 147 TYR A 156 
# 
loop_
_pdbx_struct_sheet_hbond.sheet_id 
_pdbx_struct_sheet_hbond.range_id_1 
_pdbx_struct_sheet_hbond.range_id_2 
_pdbx_struct_sheet_hbond.range_1_label_atom_id 
_pdbx_struct_sheet_hbond.range_1_label_comp_id 
_pdbx_struct_sheet_hbond.range_1_label_asym_id 
_pdbx_struct_sheet_hbond.range_1_label_seq_id 
_pdbx_struct_sheet_hbond.range_1_PDB_ins_code 
_pdbx_struct_sheet_hbond.range_1_auth_atom_id 
_pdbx_struct_sheet_hbond.range_1_auth_comp_id 
_pdbx_struct_sheet_hbond.range_1_auth_asym_id 
_pdbx_struct_sheet_hbond.range_1_auth_seq_id 
_pdbx_struct_sheet_hbond.range_2_label_atom_id 
_pdbx_struct_sheet_hbond.range_2_label_comp_id 
_pdbx_struct_sheet_hbond.range_2_label_asym_id 
_pdbx_struct_sheet_hbond.range_2_label_seq_id 
_pdbx_struct_sheet_hbond.range_2_PDB_ins_code 
_pdbx_struct_sheet_hbond.range_2_auth_atom_id 
_pdbx_struct_sheet_hbond.range_2_auth_comp_id 
_pdbx_struct_sheet_hbond.range_2_auth_asym_id 
_pdbx_struct_sheet_hbond.range_2_auth_seq_id 
AA1 1 2 N ASN A 59  ? N ASN A 59  O GLU A 73  ? O GLU A 73  
AA1 2 3 N ILE A 70  ? N ILE A 70  O ILE A 116 ? O ILE A 116 
AA2 1 2 N VAL A 84  ? N VAL A 84  O ILE A 139 ? O ILE A 139 
AA2 2 3 N ALA A 140 ? N ALA A 140 O THR A 149 ? O THR A 149 
# 
_pdbx_entry_details.entry_id                   8GI2 
_pdbx_entry_details.nonpolymer_details         ? 
_pdbx_entry_details.sequence_details           ? 
_pdbx_entry_details.compound_details           ? 
_pdbx_entry_details.source_details             ? 
_pdbx_entry_details.has_ligand_of_interest     ? 
_pdbx_entry_details.has_protein_modification   N 
# 
loop_
_pdbx_validate_torsion.id 
_pdbx_validate_torsion.PDB_model_num 
_pdbx_validate_torsion.auth_comp_id 
_pdbx_validate_torsion.auth_asym_id 
_pdbx_validate_torsion.auth_seq_id 
_pdbx_validate_torsion.PDB_ins_code 
_pdbx_validate_torsion.label_alt_id 
_pdbx_validate_torsion.phi 
_pdbx_validate_torsion.psi 
1 1 SER A 91  ? ? -69.28 3.50    
2 1 GLN A 97  ? ? 47.08  -144.95 
3 1 LYS A 101 ? ? 47.70  18.21   
4 1 THR A 103 ? ? 172.45 162.56  
5 1 ASN A 126 ? ? -47.97 150.91  
# 
_pdbx_helical_symmetry.entry_id                  8GI2 
_pdbx_helical_symmetry.number_of_operations      35 
_pdbx_helical_symmetry.rotation_per_n_subunits   108.72 
_pdbx_helical_symmetry.rise_per_n_subunits       4.95 
_pdbx_helical_symmetry.n_subunits_divisor        1 
_pdbx_helical_symmetry.dyad_axis                 no 
_pdbx_helical_symmetry.circular_symmetry         1 
# 
_em_3d_fitting.id                1 
_em_3d_fitting.entry_id          8GI2 
_em_3d_fitting.method            ? 
_em_3d_fitting.target_criteria   ? 
_em_3d_fitting.details           ? 
_em_3d_fitting.overall_b_value   ? 
_em_3d_fitting.ref_space         ? 
_em_3d_fitting.ref_protocol      ? 
# 
_em_3d_reconstruction.entry_id                    8GI2 
_em_3d_reconstruction.id                          1 
_em_3d_reconstruction.method                      ? 
_em_3d_reconstruction.algorithm                   ? 
_em_3d_reconstruction.citation_id                 ? 
_em_3d_reconstruction.details                     ? 
_em_3d_reconstruction.resolution                  3.0 
_em_3d_reconstruction.resolution_method           'FSC 0.143 CUT-OFF' 
_em_3d_reconstruction.magnification_calibration   ? 
_em_3d_reconstruction.nominal_pixel_size          ? 
_em_3d_reconstruction.actual_pixel_size           ? 
_em_3d_reconstruction.num_particles               261069 
_em_3d_reconstruction.euler_angles_details        ? 
_em_3d_reconstruction.num_class_averages          ? 
_em_3d_reconstruction.refinement_type             ? 
_em_3d_reconstruction.image_processing_id         1 
_em_3d_reconstruction.symmetry_type               HELICAL 
# 
_em_buffer.id            1 
_em_buffer.specimen_id   1 
_em_buffer.name          ? 
_em_buffer.details       ? 
_em_buffer.pH            7.5 
# 
_em_entity_assembly.id                   1 
_em_entity_assembly.parent_id            0 
_em_entity_assembly.source               NATURAL 
_em_entity_assembly.type                 COMPLEX 
_em_entity_assembly.name                 'Type IV pili' 
_em_entity_assembly.details              ? 
_em_entity_assembly.synonym              ? 
_em_entity_assembly.oligomeric_details   ? 
_em_entity_assembly.entity_id_list       1 
# 
_em_imaging.entry_id                        8GI2 
_em_imaging.id                              1 
_em_imaging.astigmatism                     ? 
_em_imaging.electron_beam_tilt_params       ? 
_em_imaging.residual_tilt                   ? 
_em_imaging.microscope_model                'TFS KRIOS' 
_em_imaging.specimen_holder_type            ? 
_em_imaging.specimen_holder_model           ? 
_em_imaging.details                         ? 
_em_imaging.date                            ? 
_em_imaging.accelerating_voltage            300 
_em_imaging.illumination_mode               'FLOOD BEAM' 
_em_imaging.mode                            'BRIGHT FIELD' 
_em_imaging.nominal_cs                      ? 
_em_imaging.nominal_defocus_min             1200 
_em_imaging.nominal_defocus_max             2000 
_em_imaging.calibrated_defocus_min          ? 
_em_imaging.calibrated_defocus_max          ? 
_em_imaging.tilt_angle_min                  ? 
_em_imaging.tilt_angle_max                  ? 
_em_imaging.nominal_magnification           ? 
_em_imaging.calibrated_magnification        ? 
_em_imaging.electron_source                 'FIELD EMISSION GUN' 
_em_imaging.citation_id                     ? 
_em_imaging.temperature                     ? 
_em_imaging.detector_distance               ? 
_em_imaging.recording_temperature_minimum   ? 
_em_imaging.recording_temperature_maximum   ? 
_em_imaging.alignment_procedure             ? 
_em_imaging.c2_aperture_diameter            ? 
_em_imaging.specimen_id                     1 
_em_imaging.cryogen                         ? 
# 
_em_vitrification.entry_id              8GI2 
_em_vitrification.id                    1 
_em_vitrification.specimen_id           1 
_em_vitrification.cryogen_name          ETHANE 
_em_vitrification.humidity              ? 
_em_vitrification.temp                  ? 
_em_vitrification.chamber_temperature   ? 
_em_vitrification.instrument            ? 
_em_vitrification.method                ? 
_em_vitrification.time_resolved_state   ? 
_em_vitrification.citation_id           ? 
_em_vitrification.details               ? 
# 
_em_experiment.entry_id                8GI2 
_em_experiment.id                      1 
_em_experiment.reconstruction_method   HELICAL 
_em_experiment.aggregation_state       FILAMENT 
_em_experiment.entity_assembly_id      1 
# 
loop_
_pdbx_unobs_or_zero_occ_residues.id 
_pdbx_unobs_or_zero_occ_residues.PDB_model_num 
_pdbx_unobs_or_zero_occ_residues.polymer_flag 
_pdbx_unobs_or_zero_occ_residues.occupancy_flag 
_pdbx_unobs_or_zero_occ_residues.auth_asym_id 
_pdbx_unobs_or_zero_occ_residues.auth_comp_id 
_pdbx_unobs_or_zero_occ_residues.auth_seq_id 
_pdbx_unobs_or_zero_occ_residues.PDB_ins_code 
_pdbx_unobs_or_zero_occ_residues.label_asym_id 
_pdbx_unobs_or_zero_occ_residues.label_comp_id 
_pdbx_unobs_or_zero_occ_residues.label_seq_id 
1  1 Y 1 A MET 1  ? A MET 1  
2  1 Y 1 A ASP 2  ? A ASP 2  
3  1 Y 1 A LEU 3  ? A LEU 3  
4  1 Y 1 A LYS 4  ? A LYS 4  
5  1 Y 1 A LYS 5  ? A LYS 5  
6  1 Y 1 A TYR 6  ? A TYR 6  
7  1 Y 1 A LYS 7  ? A LYS 7  
8  1 Y 1 A GLN 8  ? A GLN 8  
9  1 Y 1 A LYS 9  ? A LYS 9  
10 1 Y 1 A LEU 10 ? A LEU 10 
11 1 Y 1 A ILE 11 ? A ILE 11 
12 1 Y 1 A GLY 12 ? A GLY 12 
13 1 Y 1 A SER 13 ? A SER 13 
14 1 Y 1 A ASP 14 ? A ASP 14 
15 1 Y 1 A GLU 15 ? A GLU 15 
16 1 Y 1 A GLU 16 ? A GLU 16 
17 1 Y 1 A ARG 17 ? A ARG 17 
18 1 Y 1 A ALA 18 ? A ALA 18 
# 
loop_
_chem_comp_atom.comp_id 
_chem_comp_atom.atom_id 
_chem_comp_atom.type_symbol 
_chem_comp_atom.pdbx_aromatic_flag 
_chem_comp_atom.pdbx_stereo_config 
_chem_comp_atom.pdbx_ordinal 
ALA N    N N N 1   
ALA CA   C N S 2   
ALA C    C N N 3   
ALA O    O N N 4   
ALA CB   C N N 5   
ALA OXT  O N N 6   
ALA H    H N N 7   
ALA H2   H N N 8   
ALA HA   H N N 9   
ALA HB1  H N N 10  
ALA HB2  H N N 11  
ALA HB3  H N N 12  
ALA HXT  H N N 13  
ARG N    N N N 14  
ARG CA   C N S 15  
ARG C    C N N 16  
ARG O    O N N 17  
ARG CB   C N N 18  
ARG CG   C N N 19  
ARG CD   C N N 20  
ARG NE   N N N 21  
ARG CZ   C N N 22  
ARG NH1  N N N 23  
ARG NH2  N N N 24  
ARG OXT  O N N 25  
ARG H    H N N 26  
ARG H2   H N N 27  
ARG HA   H N N 28  
ARG HB2  H N N 29  
ARG HB3  H N N 30  
ARG HG2  H N N 31  
ARG HG3  H N N 32  
ARG HD2  H N N 33  
ARG HD3  H N N 34  
ARG HE   H N N 35  
ARG HH11 H N N 36  
ARG HH12 H N N 37  
ARG HH21 H N N 38  
ARG HH22 H N N 39  
ARG HXT  H N N 40  
ASN N    N N N 41  
ASN CA   C N S 42  
ASN C    C N N 43  
ASN O    O N N 44  
ASN CB   C N N 45  
ASN CG   C N N 46  
ASN OD1  O N N 47  
ASN ND2  N N N 48  
ASN OXT  O N N 49  
ASN H    H N N 50  
ASN H2   H N N 51  
ASN HA   H N N 52  
ASN HB2  H N N 53  
ASN HB3  H N N 54  
ASN HD21 H N N 55  
ASN HD22 H N N 56  
ASN HXT  H N N 57  
ASP N    N N N 58  
ASP CA   C N S 59  
ASP C    C N N 60  
ASP O    O N N 61  
ASP CB   C N N 62  
ASP CG   C N N 63  
ASP OD1  O N N 64  
ASP OD2  O N N 65  
ASP OXT  O N N 66  
ASP H    H N N 67  
ASP H2   H N N 68  
ASP HA   H N N 69  
ASP HB2  H N N 70  
ASP HB3  H N N 71  
ASP HD2  H N N 72  
ASP HXT  H N N 73  
GLN N    N N N 74  
GLN CA   C N S 75  
GLN C    C N N 76  
GLN O    O N N 77  
GLN CB   C N N 78  
GLN CG   C N N 79  
GLN CD   C N N 80  
GLN OE1  O N N 81  
GLN NE2  N N N 82  
GLN OXT  O N N 83  
GLN H    H N N 84  
GLN H2   H N N 85  
GLN HA   H N N 86  
GLN HB2  H N N 87  
GLN HB3  H N N 88  
GLN HG2  H N N 89  
GLN HG3  H N N 90  
GLN HE21 H N N 91  
GLN HE22 H N N 92  
GLN HXT  H N N 93  
GLU N    N N N 94  
GLU CA   C N S 95  
GLU C    C N N 96  
GLU O    O N N 97  
GLU CB   C N N 98  
GLU CG   C N N 99  
GLU CD   C N N 100 
GLU OE1  O N N 101 
GLU OE2  O N N 102 
GLU OXT  O N N 103 
GLU H    H N N 104 
GLU H2   H N N 105 
GLU HA   H N N 106 
GLU HB2  H N N 107 
GLU HB3  H N N 108 
GLU HG2  H N N 109 
GLU HG3  H N N 110 
GLU HE2  H N N 111 
GLU HXT  H N N 112 
GLY N    N N N 113 
GLY CA   C N N 114 
GLY C    C N N 115 
GLY O    O N N 116 
GLY OXT  O N N 117 
GLY H    H N N 118 
GLY H2   H N N 119 
GLY HA2  H N N 120 
GLY HA3  H N N 121 
GLY HXT  H N N 122 
HIS N    N N N 123 
HIS CA   C N S 124 
HIS C    C N N 125 
HIS O    O N N 126 
HIS CB   C N N 127 
HIS CG   C Y N 128 
HIS ND1  N Y N 129 
HIS CD2  C Y N 130 
HIS CE1  C Y N 131 
HIS NE2  N Y N 132 
HIS OXT  O N N 133 
HIS H    H N N 134 
HIS H2   H N N 135 
HIS HA   H N N 136 
HIS HB2  H N N 137 
HIS HB3  H N N 138 
HIS HD1  H N N 139 
HIS HD2  H N N 140 
HIS HE1  H N N 141 
HIS HE2  H N N 142 
HIS HXT  H N N 143 
ILE N    N N N 144 
ILE CA   C N S 145 
ILE C    C N N 146 
ILE O    O N N 147 
ILE CB   C N S 148 
ILE CG1  C N N 149 
ILE CG2  C N N 150 
ILE CD1  C N N 151 
ILE OXT  O N N 152 
ILE H    H N N 153 
ILE H2   H N N 154 
ILE HA   H N N 155 
ILE HB   H N N 156 
ILE HG12 H N N 157 
ILE HG13 H N N 158 
ILE HG21 H N N 159 
ILE HG22 H N N 160 
ILE HG23 H N N 161 
ILE HD11 H N N 162 
ILE HD12 H N N 163 
ILE HD13 H N N 164 
ILE HXT  H N N 165 
LEU N    N N N 166 
LEU CA   C N S 167 
LEU C    C N N 168 
LEU O    O N N 169 
LEU CB   C N N 170 
LEU CG   C N N 171 
LEU CD1  C N N 172 
LEU CD2  C N N 173 
LEU OXT  O N N 174 
LEU H    H N N 175 
LEU H2   H N N 176 
LEU HA   H N N 177 
LEU HB2  H N N 178 
LEU HB3  H N N 179 
LEU HG   H N N 180 
LEU HD11 H N N 181 
LEU HD12 H N N 182 
LEU HD13 H N N 183 
LEU HD21 H N N 184 
LEU HD22 H N N 185 
LEU HD23 H N N 186 
LEU HXT  H N N 187 
LYS N    N N N 188 
LYS CA   C N S 189 
LYS C    C N N 190 
LYS O    O N N 191 
LYS CB   C N N 192 
LYS CG   C N N 193 
LYS CD   C N N 194 
LYS CE   C N N 195 
LYS NZ   N N N 196 
LYS OXT  O N N 197 
LYS H    H N N 198 
LYS H2   H N N 199 
LYS HA   H N N 200 
LYS HB2  H N N 201 
LYS HB3  H N N 202 
LYS HG2  H N N 203 
LYS HG3  H N N 204 
LYS HD2  H N N 205 
LYS HD3  H N N 206 
LYS HE2  H N N 207 
LYS HE3  H N N 208 
LYS HZ1  H N N 209 
LYS HZ2  H N N 210 
LYS HZ3  H N N 211 
LYS HXT  H N N 212 
MET N    N N N 213 
MET CA   C N S 214 
MET C    C N N 215 
MET O    O N N 216 
MET CB   C N N 217 
MET CG   C N N 218 
MET SD   S N N 219 
MET CE   C N N 220 
MET OXT  O N N 221 
MET H    H N N 222 
MET H2   H N N 223 
MET HA   H N N 224 
MET HB2  H N N 225 
MET HB3  H N N 226 
MET HG2  H N N 227 
MET HG3  H N N 228 
MET HE1  H N N 229 
MET HE2  H N N 230 
MET HE3  H N N 231 
MET HXT  H N N 232 
PHE N    N N N 233 
PHE CA   C N S 234 
PHE C    C N N 235 
PHE O    O N N 236 
PHE CB   C N N 237 
PHE CG   C Y N 238 
PHE CD1  C Y N 239 
PHE CD2  C Y N 240 
PHE CE1  C Y N 241 
PHE CE2  C Y N 242 
PHE CZ   C Y N 243 
PHE OXT  O N N 244 
PHE H    H N N 245 
PHE H2   H N N 246 
PHE HA   H N N 247 
PHE HB2  H N N 248 
PHE HB3  H N N 249 
PHE HD1  H N N 250 
PHE HD2  H N N 251 
PHE HE1  H N N 252 
PHE HE2  H N N 253 
PHE HZ   H N N 254 
PHE HXT  H N N 255 
PRO N    N N N 256 
PRO CA   C N S 257 
PRO C    C N N 258 
PRO O    O N N 259 
PRO CB   C N N 260 
PRO CG   C N N 261 
PRO CD   C N N 262 
PRO OXT  O N N 263 
PRO H    H N N 264 
PRO HA   H N N 265 
PRO HB2  H N N 266 
PRO HB3  H N N 267 
PRO HG2  H N N 268 
PRO HG3  H N N 269 
PRO HD2  H N N 270 
PRO HD3  H N N 271 
PRO HXT  H N N 272 
SER N    N N N 273 
SER CA   C N S 274 
SER C    C N N 275 
SER O    O N N 276 
SER CB   C N N 277 
SER OG   O N N 278 
SER OXT  O N N 279 
SER H    H N N 280 
SER H2   H N N 281 
SER HA   H N N 282 
SER HB2  H N N 283 
SER HB3  H N N 284 
SER HG   H N N 285 
SER HXT  H N N 286 
THR N    N N N 287 
THR CA   C N S 288 
THR C    C N N 289 
THR O    O N N 290 
THR CB   C N R 291 
THR OG1  O N N 292 
THR CG2  C N N 293 
THR OXT  O N N 294 
THR H    H N N 295 
THR H2   H N N 296 
THR HA   H N N 297 
THR HB   H N N 298 
THR HG1  H N N 299 
THR HG21 H N N 300 
THR HG22 H N N 301 
THR HG23 H N N 302 
THR HXT  H N N 303 
TYR N    N N N 304 
TYR CA   C N S 305 
TYR C    C N N 306 
TYR O    O N N 307 
TYR CB   C N N 308 
TYR CG   C Y N 309 
TYR CD1  C Y N 310 
TYR CD2  C Y N 311 
TYR CE1  C Y N 312 
TYR CE2  C Y N 313 
TYR CZ   C Y N 314 
TYR OH   O N N 315 
TYR OXT  O N N 316 
TYR H    H N N 317 
TYR H2   H N N 318 
TYR HA   H N N 319 
TYR HB2  H N N 320 
TYR HB3  H N N 321 
TYR HD1  H N N 322 
TYR HD2  H N N 323 
TYR HE1  H N N 324 
TYR HE2  H N N 325 
TYR HH   H N N 326 
TYR HXT  H N N 327 
VAL N    N N N 328 
VAL CA   C N S 329 
VAL C    C N N 330 
VAL O    O N N 331 
VAL CB   C N N 332 
VAL CG1  C N N 333 
VAL CG2  C N N 334 
VAL OXT  O N N 335 
VAL H    H N N 336 
VAL H2   H N N 337 
VAL HA   H N N 338 
VAL HB   H N N 339 
VAL HG11 H N N 340 
VAL HG12 H N N 341 
VAL HG13 H N N 342 
VAL HG21 H N N 343 
VAL HG22 H N N 344 
VAL HG23 H N N 345 
VAL HXT  H N N 346 
# 
loop_
_chem_comp_bond.comp_id 
_chem_comp_bond.atom_id_1 
_chem_comp_bond.atom_id_2 
_chem_comp_bond.value_order 
_chem_comp_bond.pdbx_aromatic_flag 
_chem_comp_bond.pdbx_stereo_config 
_chem_comp_bond.pdbx_ordinal 
ALA N   CA   sing N N 1   
ALA N   H    sing N N 2   
ALA N   H2   sing N N 3   
ALA CA  C    sing N N 4   
ALA CA  CB   sing N N 5   
ALA CA  HA   sing N N 6   
ALA C   O    doub N N 7   
ALA C   OXT  sing N N 8   
ALA CB  HB1  sing N N 9   
ALA CB  HB2  sing N N 10  
ALA CB  HB3  sing N N 11  
ALA OXT HXT  sing N N 12  
ARG N   CA   sing N N 13  
ARG N   H    sing N N 14  
ARG N   H2   sing N N 15  
ARG CA  C    sing N N 16  
ARG CA  CB   sing N N 17  
ARG CA  HA   sing N N 18  
ARG C   O    doub N N 19  
ARG C   OXT  sing N N 20  
ARG CB  CG   sing N N 21  
ARG CB  HB2  sing N N 22  
ARG CB  HB3  sing N N 23  
ARG CG  CD   sing N N 24  
ARG CG  HG2  sing N N 25  
ARG CG  HG3  sing N N 26  
ARG CD  NE   sing N N 27  
ARG CD  HD2  sing N N 28  
ARG CD  HD3  sing N N 29  
ARG NE  CZ   sing N N 30  
ARG NE  HE   sing N N 31  
ARG CZ  NH1  sing N N 32  
ARG CZ  NH2  doub N N 33  
ARG NH1 HH11 sing N N 34  
ARG NH1 HH12 sing N N 35  
ARG NH2 HH21 sing N N 36  
ARG NH2 HH22 sing N N 37  
ARG OXT HXT  sing N N 38  
ASN N   CA   sing N N 39  
ASN N   H    sing N N 40  
ASN N   H2   sing N N 41  
ASN CA  C    sing N N 42  
ASN CA  CB   sing N N 43  
ASN CA  HA   sing N N 44  
ASN C   O    doub N N 45  
ASN C   OXT  sing N N 46  
ASN CB  CG   sing N N 47  
ASN CB  HB2  sing N N 48  
ASN CB  HB3  sing N N 49  
ASN CG  OD1  doub N N 50  
ASN CG  ND2  sing N N 51  
ASN ND2 HD21 sing N N 52  
ASN ND2 HD22 sing N N 53  
ASN OXT HXT  sing N N 54  
ASP N   CA   sing N N 55  
ASP N   H    sing N N 56  
ASP N   H2   sing N N 57  
ASP CA  C    sing N N 58  
ASP CA  CB   sing N N 59  
ASP CA  HA   sing N N 60  
ASP C   O    doub N N 61  
ASP C   OXT  sing N N 62  
ASP CB  CG   sing N N 63  
ASP CB  HB2  sing N N 64  
ASP CB  HB3  sing N N 65  
ASP CG  OD1  doub N N 66  
ASP CG  OD2  sing N N 67  
ASP OD2 HD2  sing N N 68  
ASP OXT HXT  sing N N 69  
GLN N   CA   sing N N 70  
GLN N   H    sing N N 71  
GLN N   H2   sing N N 72  
GLN CA  C    sing N N 73  
GLN CA  CB   sing N N 74  
GLN CA  HA   sing N N 75  
GLN C   O    doub N N 76  
GLN C   OXT  sing N N 77  
GLN CB  CG   sing N N 78  
GLN CB  HB2  sing N N 79  
GLN CB  HB3  sing N N 80  
GLN CG  CD   sing N N 81  
GLN CG  HG2  sing N N 82  
GLN CG  HG3  sing N N 83  
GLN CD  OE1  doub N N 84  
GLN CD  NE2  sing N N 85  
GLN NE2 HE21 sing N N 86  
GLN NE2 HE22 sing N N 87  
GLN OXT HXT  sing N N 88  
GLU N   CA   sing N N 89  
GLU N   H    sing N N 90  
GLU N   H2   sing N N 91  
GLU CA  C    sing N N 92  
GLU CA  CB   sing N N 93  
GLU CA  HA   sing N N 94  
GLU C   O    doub N N 95  
GLU C   OXT  sing N N 96  
GLU CB  CG   sing N N 97  
GLU CB  HB2  sing N N 98  
GLU CB  HB3  sing N N 99  
GLU CG  CD   sing N N 100 
GLU CG  HG2  sing N N 101 
GLU CG  HG3  sing N N 102 
GLU CD  OE1  doub N N 103 
GLU CD  OE2  sing N N 104 
GLU OE2 HE2  sing N N 105 
GLU OXT HXT  sing N N 106 
GLY N   CA   sing N N 107 
GLY N   H    sing N N 108 
GLY N   H2   sing N N 109 
GLY CA  C    sing N N 110 
GLY CA  HA2  sing N N 111 
GLY CA  HA3  sing N N 112 
GLY C   O    doub N N 113 
GLY C   OXT  sing N N 114 
GLY OXT HXT  sing N N 115 
HIS N   CA   sing N N 116 
HIS N   H    sing N N 117 
HIS N   H2   sing N N 118 
HIS CA  C    sing N N 119 
HIS CA  CB   sing N N 120 
HIS CA  HA   sing N N 121 
HIS C   O    doub N N 122 
HIS C   OXT  sing N N 123 
HIS CB  CG   sing N N 124 
HIS CB  HB2  sing N N 125 
HIS CB  HB3  sing N N 126 
HIS CG  ND1  sing Y N 127 
HIS CG  CD2  doub Y N 128 
HIS ND1 CE1  doub Y N 129 
HIS ND1 HD1  sing N N 130 
HIS CD2 NE2  sing Y N 131 
HIS CD2 HD2  sing N N 132 
HIS CE1 NE2  sing Y N 133 
HIS CE1 HE1  sing N N 134 
HIS NE2 HE2  sing N N 135 
HIS OXT HXT  sing N N 136 
ILE N   CA   sing N N 137 
ILE N   H    sing N N 138 
ILE N   H2   sing N N 139 
ILE CA  C    sing N N 140 
ILE CA  CB   sing N N 141 
ILE CA  HA   sing N N 142 
ILE C   O    doub N N 143 
ILE C   OXT  sing N N 144 
ILE CB  CG1  sing N N 145 
ILE CB  CG2  sing N N 146 
ILE CB  HB   sing N N 147 
ILE CG1 CD1  sing N N 148 
ILE CG1 HG12 sing N N 149 
ILE CG1 HG13 sing N N 150 
ILE CG2 HG21 sing N N 151 
ILE CG2 HG22 sing N N 152 
ILE CG2 HG23 sing N N 153 
ILE CD1 HD11 sing N N 154 
ILE CD1 HD12 sing N N 155 
ILE CD1 HD13 sing N N 156 
ILE OXT HXT  sing N N 157 
LEU N   CA   sing N N 158 
LEU N   H    sing N N 159 
LEU N   H2   sing N N 160 
LEU CA  C    sing N N 161 
LEU CA  CB   sing N N 162 
LEU CA  HA   sing N N 163 
LEU C   O    doub N N 164 
LEU C   OXT  sing N N 165 
LEU CB  CG   sing N N 166 
LEU CB  HB2  sing N N 167 
LEU CB  HB3  sing N N 168 
LEU CG  CD1  sing N N 169 
LEU CG  CD2  sing N N 170 
LEU CG  HG   sing N N 171 
LEU CD1 HD11 sing N N 172 
LEU CD1 HD12 sing N N 173 
LEU CD1 HD13 sing N N 174 
LEU CD2 HD21 sing N N 175 
LEU CD2 HD22 sing N N 176 
LEU CD2 HD23 sing N N 177 
LEU OXT HXT  sing N N 178 
LYS N   CA   sing N N 179 
LYS N   H    sing N N 180 
LYS N   H2   sing N N 181 
LYS CA  C    sing N N 182 
LYS CA  CB   sing N N 183 
LYS CA  HA   sing N N 184 
LYS C   O    doub N N 185 
LYS C   OXT  sing N N 186 
LYS CB  CG   sing N N 187 
LYS CB  HB2  sing N N 188 
LYS CB  HB3  sing N N 189 
LYS CG  CD   sing N N 190 
LYS CG  HG2  sing N N 191 
LYS CG  HG3  sing N N 192 
LYS CD  CE   sing N N 193 
LYS CD  HD2  sing N N 194 
LYS CD  HD3  sing N N 195 
LYS CE  NZ   sing N N 196 
LYS CE  HE2  sing N N 197 
LYS CE  HE3  sing N N 198 
LYS NZ  HZ1  sing N N 199 
LYS NZ  HZ2  sing N N 200 
LYS NZ  HZ3  sing N N 201 
LYS OXT HXT  sing N N 202 
MET N   CA   sing N N 203 
MET N   H    sing N N 204 
MET N   H2   sing N N 205 
MET CA  C    sing N N 206 
MET CA  CB   sing N N 207 
MET CA  HA   sing N N 208 
MET C   O    doub N N 209 
MET C   OXT  sing N N 210 
MET CB  CG   sing N N 211 
MET CB  HB2  sing N N 212 
MET CB  HB3  sing N N 213 
MET CG  SD   sing N N 214 
MET CG  HG2  sing N N 215 
MET CG  HG3  sing N N 216 
MET SD  CE   sing N N 217 
MET CE  HE1  sing N N 218 
MET CE  HE2  sing N N 219 
MET CE  HE3  sing N N 220 
MET OXT HXT  sing N N 221 
PHE N   CA   sing N N 222 
PHE N   H    sing N N 223 
PHE N   H2   sing N N 224 
PHE CA  C    sing N N 225 
PHE CA  CB   sing N N 226 
PHE CA  HA   sing N N 227 
PHE C   O    doub N N 228 
PHE C   OXT  sing N N 229 
PHE CB  CG   sing N N 230 
PHE CB  HB2  sing N N 231 
PHE CB  HB3  sing N N 232 
PHE CG  CD1  doub Y N 233 
PHE CG  CD2  sing Y N 234 
PHE CD1 CE1  sing Y N 235 
PHE CD1 HD1  sing N N 236 
PHE CD2 CE2  doub Y N 237 
PHE CD2 HD2  sing N N 238 
PHE CE1 CZ   doub Y N 239 
PHE CE1 HE1  sing N N 240 
PHE CE2 CZ   sing Y N 241 
PHE CE2 HE2  sing N N 242 
PHE CZ  HZ   sing N N 243 
PHE OXT HXT  sing N N 244 
PRO N   CA   sing N N 245 
PRO N   CD   sing N N 246 
PRO N   H    sing N N 247 
PRO CA  C    sing N N 248 
PRO CA  CB   sing N N 249 
PRO CA  HA   sing N N 250 
PRO C   O    doub N N 251 
PRO C   OXT  sing N N 252 
PRO CB  CG   sing N N 253 
PRO CB  HB2  sing N N 254 
PRO CB  HB3  sing N N 255 
PRO CG  CD   sing N N 256 
PRO CG  HG2  sing N N 257 
PRO CG  HG3  sing N N 258 
PRO CD  HD2  sing N N 259 
PRO CD  HD3  sing N N 260 
PRO OXT HXT  sing N N 261 
SER N   CA   sing N N 262 
SER N   H    sing N N 263 
SER N   H2   sing N N 264 
SER CA  C    sing N N 265 
SER CA  CB   sing N N 266 
SER CA  HA   sing N N 267 
SER C   O    doub N N 268 
SER C   OXT  sing N N 269 
SER CB  OG   sing N N 270 
SER CB  HB2  sing N N 271 
SER CB  HB3  sing N N 272 
SER OG  HG   sing N N 273 
SER OXT HXT  sing N N 274 
THR N   CA   sing N N 275 
THR N   H    sing N N 276 
THR N   H2   sing N N 277 
THR CA  C    sing N N 278 
THR CA  CB   sing N N 279 
THR CA  HA   sing N N 280 
THR C   O    doub N N 281 
THR C   OXT  sing N N 282 
THR CB  OG1  sing N N 283 
THR CB  CG2  sing N N 284 
THR CB  HB   sing N N 285 
THR OG1 HG1  sing N N 286 
THR CG2 HG21 sing N N 287 
THR CG2 HG22 sing N N 288 
THR CG2 HG23 sing N N 289 
THR OXT HXT  sing N N 290 
TYR N   CA   sing N N 291 
TYR N   H    sing N N 292 
TYR N   H2   sing N N 293 
TYR CA  C    sing N N 294 
TYR CA  CB   sing N N 295 
TYR CA  HA   sing N N 296 
TYR C   O    doub N N 297 
TYR C   OXT  sing N N 298 
TYR CB  CG   sing N N 299 
TYR CB  HB2  sing N N 300 
TYR CB  HB3  sing N N 301 
TYR CG  CD1  doub Y N 302 
TYR CG  CD2  sing Y N 303 
TYR CD1 CE1  sing Y N 304 
TYR CD1 HD1  sing N N 305 
TYR CD2 CE2  doub Y N 306 
TYR CD2 HD2  sing N N 307 
TYR CE1 CZ   doub Y N 308 
TYR CE1 HE1  sing N N 309 
TYR CE2 CZ   sing Y N 310 
TYR CE2 HE2  sing N N 311 
TYR CZ  OH   sing N N 312 
TYR OH  HH   sing N N 313 
TYR OXT HXT  sing N N 314 
VAL N   CA   sing N N 315 
VAL N   H    sing N N 316 
VAL N   H2   sing N N 317 
VAL CA  C    sing N N 318 
VAL CA  CB   sing N N 319 
VAL CA  HA   sing N N 320 
VAL C   O    doub N N 321 
VAL C   OXT  sing N N 322 
VAL CB  CG1  sing N N 323 
VAL CB  CG2  sing N N 324 
VAL CB  HB   sing N N 325 
VAL CG1 HG11 sing N N 326 
VAL CG1 HG12 sing N N 327 
VAL CG1 HG13 sing N N 328 
VAL CG2 HG21 sing N N 329 
VAL CG2 HG22 sing N N 330 
VAL CG2 HG23 sing N N 331 
VAL OXT HXT  sing N N 332 
# 
_em_admin.current_status     REL 
_em_admin.deposition_date    2023-03-13 
_em_admin.deposition_site    RCSB 
_em_admin.entry_id           8GI2 
_em_admin.last_update        2025-11-26 
_em_admin.map_release_date   2023-08-16 
_em_admin.title              'Cryo-EM structure of Natrinema sp. J7-2 Type IV pilus' 
# 
_em_ctf_correction.details                  ? 
_em_ctf_correction.em_image_processing_id   1 
_em_ctf_correction.id                       1 
_em_ctf_correction.type                     'PHASE FLIPPING AND AMPLITUDE CORRECTION' 
# 
_em_entity_assembly_naturalsource.cell                 ? 
_em_entity_assembly_naturalsource.cellular_location    ? 
_em_entity_assembly_naturalsource.entity_assembly_id   1 
_em_entity_assembly_naturalsource.id                   2 
_em_entity_assembly_naturalsource.ncbi_tax_id          406552 
_em_entity_assembly_naturalsource.organism             'Natrinema sp. J7-2' 
_em_entity_assembly_naturalsource.organelle            ? 
_em_entity_assembly_naturalsource.organ                ? 
_em_entity_assembly_naturalsource.strain               ? 
_em_entity_assembly_naturalsource.tissue               ? 
_em_entity_assembly_naturalsource.details              ? 
# 
_em_helical_entity.id                             1 
_em_helical_entity.image_processing_id            1 
_em_helical_entity.details                        ? 
_em_helical_entity.axial_symmetry                 C1 
_em_helical_entity.angular_rotation_per_subunit   108.72 
_em_helical_entity.axial_rise_per_subunit         4.95 
# 
_em_image_processing.details              ? 
_em_image_processing.id                   1 
_em_image_processing.image_recording_id   1 
# 
_em_image_recording.average_exposure_time               ? 
_em_image_recording.avg_electron_dose_per_subtomogram   ? 
_em_image_recording.avg_electron_dose_per_image         50 
_em_image_recording.details                             ? 
_em_image_recording.detector_mode                       ? 
_em_image_recording.film_or_detector_model              'GATAN K3 (6k x 4k)' 
_em_image_recording.id                                  1 
_em_image_recording.imaging_id                          1 
_em_image_recording.num_diffraction_images              ? 
_em_image_recording.num_grids_imaged                    ? 
_em_image_recording.num_real_images                     ? 
# 
loop_
_em_software.category 
_em_software.details 
_em_software.id 
_em_software.image_processing_id 
_em_software.fitting_id 
_em_software.imaging_id 
_em_software.name 
_em_software.version 
'MODEL REFINEMENT'              ? 1  ? ? ? PHENIX 1.20.1_4487: 
'IMAGE ACQUISITION'             ? 2  1 ? 1 ?      ?            
'PARTICLE SELECTION'            ? 3  1 1 1 ?      ?            
'VOLUME SELECTION'              ? 4  1 1 1 ?      ?            
CLASSIFICATION                  ? 5  1 1 1 ?      ?            
MASKING                         ? 6  1 1 1 ?      ?            
RECONSTRUCTION                  ? 7  1 1 1 ?      ?            
'INITIAL EULER ASSIGNMENT'      ? 8  1 1 1 ?      ?            
'FINAL EULER ASSIGNMENT'        ? 9  1 1 1 ?      ?            
'CTF CORRECTION'                ? 10 1 1 1 ?      ?            
'LAYERLINE INDEXING'            ? 11 1 1 1 ?      ?            
'DIFFRACTION INDEXING'          ? 12 1 1 1 ?      ?            
'MODEL FITTING'                 ? 13 1 1 1 ?      ?            
'SERIES ALIGNMENT'              ? 14 1 1 1 ?      ?            
'MOLECULAR REPLACEMENT'         ? 15 1 1 1 ?      ?            
'LATTICE DISTORTION CORRECTION' ? 16 1 1 1 ?      ?            
'SYMMETRY DETERMINATION'        ? 17 1 1 1 ?      ?            
'CRYSTALLOGRAPHY MERGING'       ? 18 1 1 1 ?      ?            
OTHER                           ? 19 1 1 1 ?      ?            
# 
_em_specimen.concentration           ? 
_em_specimen.details                 ? 
_em_specimen.embedding_applied       NO 
_em_specimen.experiment_id           1 
_em_specimen.id                      1 
_em_specimen.shadowing_applied       NO 
_em_specimen.staining_applied        NO 
_em_specimen.vitrification_applied   YES 
# 
_pdbx_audit_support.funding_organization   
'National Institutes of Health/National Institute of General Medical Sciences (NIH/NIGMS)' 
_pdbx_audit_support.country                'United States' 
_pdbx_audit_support.grant_number           GM122510 
_pdbx_audit_support.ordinal                1 
# 
_atom_sites.entry_id                    8GI2 
_atom_sites.Cartn_transf_matrix[1][1]   ? 
_atom_sites.Cartn_transf_matrix[1][2]   ? 
_atom_sites.Cartn_transf_matrix[1][3]   ? 
_atom_sites.Cartn_transf_matrix[2][1]   ? 
_atom_sites.Cartn_transf_matrix[2][2]   ? 
_atom_sites.Cartn_transf_matrix[2][3]   ? 
_atom_sites.Cartn_transf_matrix[3][1]   ? 
_atom_sites.Cartn_transf_matrix[3][2]   ? 
_atom_sites.Cartn_transf_matrix[3][3]   ? 
_atom_sites.Cartn_transf_vector[1]      ? 
_atom_sites.Cartn_transf_vector[2]      ? 
_atom_sites.Cartn_transf_vector[3]      ? 
_atom_sites.Cartn_transform_axes        ? 
_atom_sites.fract_transf_matrix[1][1]   1.000000 
_atom_sites.fract_transf_matrix[1][2]   0.000000 
_atom_sites.fract_transf_matrix[1][3]   0.000000 
_atom_sites.fract_transf_matrix[2][1]   0.000000 
_atom_sites.fract_transf_matrix[2][2]   1.000000 
_atom_sites.fract_transf_matrix[2][3]   0.000000 
_atom_sites.fract_transf_matrix[3][1]   0.000000 
_atom_sites.fract_transf_matrix[3][2]   0.000000 
_atom_sites.fract_transf_matrix[3][3]   1.000000 
_atom_sites.fract_transf_vector[1]      0.00000 
_atom_sites.fract_transf_vector[2]      0.00000 
_atom_sites.fract_transf_vector[3]      0.00000 
_atom_sites.solution_primary            ? 
_atom_sites.solution_secondary          ? 
_atom_sites.solution_hydrogens          ? 
_atom_sites.special_details             ? 
# 
loop_
_atom_type.symbol 
C 
N 
O 
S 
# 
loop_
_atom_site.group_PDB 
_atom_site.id 
_atom_site.type_symbol 
_atom_site.label_atom_id 
_atom_site.label_alt_id 
_atom_site.label_comp_id 
_atom_site.label_asym_id 
_atom_site.label_entity_id 
_atom_site.label_seq_id 
_atom_site.pdbx_PDB_ins_code 
_atom_site.Cartn_x 
_atom_site.Cartn_y 
_atom_site.Cartn_z 
_atom_site.occupancy 
_atom_site.B_iso_or_equiv 
_atom_site.pdbx_formal_charge 
_atom_site.auth_seq_id 
_atom_site.auth_comp_id 
_atom_site.auth_asym_id 
_atom_site.auth_atom_id 
_atom_site.pdbx_PDB_model_num 
ATOM 1    N N   . VAL A 1 19  ? -14.326 29.565  57.730  1.00 47.02  ? 19  VAL A N   1 
ATOM 2    C CA  . VAL A 1 19  ? -14.971 28.313  58.223  1.00 47.97  ? 19  VAL A CA  1 
ATOM 3    C C   . VAL A 1 19  ? -14.740 27.185  57.211  1.00 53.71  ? 19  VAL A C   1 
ATOM 4    O O   . VAL A 1 19  ? -14.553 27.437  56.022  1.00 53.13  ? 19  VAL A O   1 
ATOM 5    C CB  . VAL A 1 19  ? -16.471 28.545  58.501  1.00 50.79  ? 19  VAL A CB  1 
ATOM 6    C CG1 . VAL A 1 19  ? -17.272 28.505  57.212  1.00 52.75  ? 19  VAL A CG1 1 
ATOM 7    C CG2 . VAL A 1 19  ? -16.992 27.535  59.523  1.00 52.22  ? 19  VAL A CG2 1 
ATOM 8    N N   . SER A 1 20  ? -14.756 25.943  57.696  1.00 50.78  ? 20  SER A N   1 
ATOM 9    C CA  . SER A 1 20  ? -14.231 24.810  56.928  1.00 48.63  ? 20  SER A CA  1 
ATOM 10   C C   . SER A 1 20  ? -14.915 24.583  55.587  1.00 50.91  ? 20  SER A C   1 
ATOM 11   O O   . SER A 1 20  ? -14.202 24.497  54.567  1.00 53.31  ? 20  SER A O   1 
ATOM 12   C CB  . SER A 1 20  ? -14.335 23.547  57.793  1.00 47.05  ? 20  SER A CB  1 
ATOM 13   O OG  . SER A 1 20  ? -13.958 23.813  59.133  1.00 56.94  ? 20  SER A OG  1 
ATOM 14   N N   . PRO A 1 21  ? -16.240 24.462  55.492  1.00 47.74  ? 21  PRO A N   1 
ATOM 15   C CA  . PRO A 1 21  ? -16.841 24.063  54.211  1.00 44.58  ? 21  PRO A CA  1 
ATOM 16   C C   . PRO A 1 21  ? -16.612 25.058  53.086  1.00 47.19  ? 21  PRO A C   1 
ATOM 17   O O   . PRO A 1 21  ? -16.491 24.645  51.926  1.00 53.49  ? 21  PRO A O   1 
ATOM 18   C CB  . PRO A 1 21  ? -18.331 23.915  54.549  1.00 42.87  ? 21  PRO A CB  1 
ATOM 19   C CG  . PRO A 1 21  ? -18.537 24.787  55.732  1.00 46.09  ? 21  PRO A CG  1 
ATOM 20   C CD  . PRO A 1 21  ? -17.267 24.680  56.526  1.00 47.76  ? 21  PRO A CD  1 
ATOM 21   N N   . VAL A 1 22  ? -16.516 26.352  53.387  1.00 42.16  ? 22  VAL A N   1 
ATOM 22   C CA  . VAL A 1 22  ? -16.290 27.330  52.331  1.00 42.64  ? 22  VAL A CA  1 
ATOM 23   C C   . VAL A 1 22  ? -14.884 27.167  51.764  1.00 45.10  ? 22  VAL A C   1 
ATOM 24   O O   . VAL A 1 22  ? -14.670 27.219  50.543  1.00 48.35  ? 22  VAL A O   1 
ATOM 25   C CB  . VAL A 1 22  ? -16.523 28.749  52.878  1.00 39.21  ? 22  VAL A CB  1 
ATOM 26   C CG1 . VAL A 1 22  ? -16.400 29.781  51.773  1.00 46.80  ? 22  VAL A CG1 1 
ATOM 27   C CG2 . VAL A 1 22  ? -17.874 28.842  53.585  1.00 36.52  ? 22  VAL A CG2 1 
ATOM 28   N N   . ILE A 1 23  ? -13.909 26.938  52.642  1.00 43.10  ? 23  ILE A N   1 
ATOM 29   C CA  . ILE A 1 23  ? -12.538 26.732  52.193  1.00 46.04  ? 23  ILE A CA  1 
ATOM 30   C C   . ILE A 1 23  ? -12.447 25.438  51.391  1.00 44.91  ? 23  ILE A C   1 
ATOM 31   O O   . ILE A 1 23  ? -11.731 25.361  50.384  1.00 47.45  ? 23  ILE A O   1 
ATOM 32   C CB  . ILE A 1 23  ? -11.591 26.722  53.408  1.00 41.78  ? 23  ILE A CB  1 
ATOM 33   C CG1 . ILE A 1 23  ? -11.279 28.147  53.886  1.00 41.17  ? 23  ILE A CG1 1 
ATOM 34   C CG2 . ILE A 1 23  ? -10.294 26.015  53.073  1.00 40.36  ? 23  ILE A CG2 1 
ATOM 35   C CD1 . ILE A 1 23  ? -10.768 29.100  52.826  1.00 44.08  ? 23  ILE A CD1 1 
ATOM 36   N N   . GLY A 1 24  ? -13.171 24.405  51.826  1.00 42.70  ? 24  GLY A N   1 
ATOM 37   C CA  . GLY A 1 24  ? -13.227 23.177  51.050  1.00 37.89  ? 24  GLY A CA  1 
ATOM 38   C C   . GLY A 1 24  ? -13.799 23.397  49.663  1.00 41.54  ? 24  GLY A C   1 
ATOM 39   O O   . GLY A 1 24  ? -13.316 22.824  48.682  1.00 46.35  ? 24  GLY A O   1 
ATOM 40   N N   . VAL A 1 25  ? -14.838 24.227  49.562  1.00 38.68  ? 25  VAL A N   1 
ATOM 41   C CA  . VAL A 1 25  ? -15.398 24.553  48.253  1.00 34.19  ? 25  VAL A CA  1 
ATOM 42   C C   . VAL A 1 25  ? -14.336 25.213  47.386  1.00 39.93  ? 25  VAL A C   1 
ATOM 43   O O   . VAL A 1 25  ? -14.171 24.880  46.207  1.00 46.99  ? 25  VAL A O   1 
ATOM 44   C CB  . VAL A 1 25  ? -16.636 25.455  48.408  1.00 34.72  ? 25  VAL A CB  1 
ATOM 45   C CG1 . VAL A 1 25  ? -17.026 26.055  47.069  1.00 35.23  ? 25  VAL A CG1 1 
ATOM 46   C CG2 . VAL A 1 25  ? -17.793 24.680  49.013  1.00 39.79  ? 25  VAL A CG2 1 
ATOM 47   N N   . ILE A 1 26  ? -13.602 26.163  47.964  1.00 34.70  ? 26  ILE A N   1 
ATOM 48   C CA  . ILE A 1 26  ? -12.554 26.854  47.213  1.00 31.24  ? 26  ILE A CA  1 
ATOM 49   C C   . ILE A 1 26  ? -11.544 25.846  46.670  1.00 40.06  ? 26  ILE A C   1 
ATOM 50   O O   . ILE A 1 26  ? -11.188 25.854  45.479  1.00 43.79  ? 26  ILE A O   1 
ATOM 51   C CB  . ILE A 1 26  ? -11.871 27.902  48.112  1.00 36.26  ? 26  ILE A CB  1 
ATOM 52   C CG1 . ILE A 1 26  ? -12.670 29.209  48.154  1.00 43.57  ? 26  ILE A CG1 1 
ATOM 53   C CG2 . ILE A 1 26  ? -10.456 28.175  47.643  1.00 38.89  ? 26  ILE A CG2 1 
ATOM 54   C CD1 . ILE A 1 26  ? -12.948 29.840  46.814  1.00 41.05  ? 26  ILE A CD1 1 
ATOM 55   N N   . LEU A 1 27  ? -11.078 24.952  47.541  1.00 42.85  ? 27  LEU A N   1 
ATOM 56   C CA  . LEU A 1 27  ? -10.031 24.017  47.145  1.00 34.86  ? 27  LEU A CA  1 
ATOM 57   C C   . LEU A 1 27  ? -10.534 23.057  46.074  1.00 35.40  ? 27  LEU A C   1 
ATOM 58   O O   . LEU A 1 27  ? -9.807  22.734  45.123  1.00 44.22  ? 27  LEU A O   1 
ATOM 59   C CB  . LEU A 1 27  ? -9.532  23.254  48.371  1.00 33.98  ? 27  LEU A CB  1 
ATOM 60   C CG  . LEU A 1 27  ? -8.866  24.118  49.449  1.00 35.93  ? 27  LEU A CG  1 
ATOM 61   C CD1 . LEU A 1 27  ? -8.459  23.265  50.635  1.00 39.62  ? 27  LEU A CD1 1 
ATOM 62   C CD2 . LEU A 1 27  ? -7.670  24.887  48.913  1.00 33.34  ? 27  LEU A CD2 1 
ATOM 63   N N   . MET A 1 28  ? -11.779 22.596  46.202  1.00 31.83  ? 28  MET A N   1 
ATOM 64   C CA  . MET A 1 28  ? -12.328 21.696  45.197  1.00 31.35  ? 28  MET A CA  1 
ATOM 65   C C   . MET A 1 28  ? -12.542 22.402  43.865  1.00 30.99  ? 28  MET A C   1 
ATOM 66   O O   . MET A 1 28  ? -12.423 21.772  42.810  1.00 36.06  ? 28  MET A O   1 
ATOM 67   C CB  . MET A 1 28  ? -13.638 21.089  45.700  1.00 31.53  ? 28  MET A CB  1 
ATOM 68   C CG  . MET A 1 28  ? -13.589 19.576  45.921  1.00 38.02  ? 28  MET A CG  1 
ATOM 69   S SD  . MET A 1 28  ? -12.117 18.982  46.787  1.00 54.42  ? 28  MET A SD  1 
ATOM 70   C CE  . MET A 1 28  ? -12.673 18.981  48.489  1.00 42.73  ? 28  MET A CE  1 
ATOM 71   N N   . VAL A 1 29  ? -12.816 23.707  43.881  1.00 31.55  ? 29  VAL A N   1 
ATOM 72   C CA  . VAL A 1 29  ? -12.887 24.446  42.622  1.00 31.99  ? 29  VAL A CA  1 
ATOM 73   C C   . VAL A 1 29  ? -11.515 24.500  41.961  1.00 32.47  ? 29  VAL A C   1 
ATOM 74   O O   . VAL A 1 29  ? -11.392 24.376  40.735  1.00 40.76  ? 29  VAL A O   1 
ATOM 75   C CB  . VAL A 1 29  ? -13.456 25.855  42.856  1.00 32.19  ? 29  VAL A CB  1 
ATOM 76   C CG1 . VAL A 1 29  ? -13.340 26.681  41.592  1.00 34.58  ? 29  VAL A CG1 1 
ATOM 77   C CG2 . VAL A 1 29  ? -14.905 25.765  43.296  1.00 28.70  ? 29  VAL A CG2 1 
ATOM 78   N N   . ALA A 1 30  ? -10.462 24.693  42.757  1.00 28.36  ? 30  ALA A N   1 
ATOM 79   C CA  . ALA A 1 30  ? -9.117  24.659  42.182  1.00 26.00  ? 30  ALA A CA  1 
ATOM 80   C C   . ALA A 1 30  ? -8.821  23.297  41.555  1.00 30.78  ? 30  ALA A C   1 
ATOM 81   O O   . ALA A 1 30  ? -8.288  23.208  40.433  1.00 35.39  ? 30  ALA A O   1 
ATOM 82   C CB  . ALA A 1 30  ? -8.082  24.990  43.256  1.00 26.69  ? 30  ALA A CB  1 
ATOM 83   N N   . ILE A 1 31  ? -9.168  22.224  42.269  1.00 32.24  ? 31  ILE A N   1 
ATOM 84   C CA  . ILE A 1 31  ? -8.967  20.882  41.728  1.00 30.69  ? 31  ILE A CA  1 
ATOM 85   C C   . ILE A 1 31  ? -9.741  20.725  40.428  1.00 31.23  ? 31  ILE A C   1 
ATOM 86   O O   . ILE A 1 31  ? -9.262  20.103  39.471  1.00 35.28  ? 31  ILE A O   1 
ATOM 87   C CB  . ILE A 1 31  ? -9.383  19.815  42.758  1.00 30.37  ? 31  ILE A CB  1 
ATOM 88   C CG1 . ILE A 1 31  ? -8.636  19.982  44.086  1.00 34.48  ? 31  ILE A CG1 1 
ATOM 89   C CG2 . ILE A 1 31  ? -9.128  18.427  42.204  1.00 31.72  ? 31  ILE A CG2 1 
ATOM 90   C CD1 . ILE A 1 31  ? -7.271  20.624  43.992  1.00 37.60  ? 31  ILE A CD1 1 
ATOM 91   N N   . THR A 1 32  ? -10.953 21.280  40.376  1.00 29.63  ? 32  THR A N   1 
ATOM 92   C CA  . THR A 1 32  ? -11.759 21.195  39.166  1.00 19.89  ? 32  THR A CA  1 
ATOM 93   C C   . THR A 1 32  ? -11.072 21.892  38.003  1.00 29.40  ? 32  THR A C   1 
ATOM 94   O O   . THR A 1 32  ? -11.074 21.380  36.879  1.00 33.51  ? 32  THR A O   1 
ATOM 95   C CB  . THR A 1 32  ? -13.138 21.804  39.411  1.00 21.84  ? 32  THR A CB  1 
ATOM 96   O OG1 . THR A 1 32  ? -13.787 21.104  40.479  1.00 31.00  ? 32  THR A OG1 1 
ATOM 97   C CG2 . THR A 1 32  ? -13.994 21.728  38.161  1.00 30.91  ? 32  THR A CG2 1 
ATOM 98   N N   . VAL A 1 33  ? -10.476 23.057  38.250  1.00 34.16  ? 33  VAL A N   1 
ATOM 99   C CA  . VAL A 1 33  ? -9.795  23.758  37.165  1.00 28.41  ? 33  VAL A CA  1 
ATOM 100  C C   . VAL A 1 33  ? -8.656  22.906  36.617  1.00 31.48  ? 33  VAL A C   1 
ATOM 101  O O   . VAL A 1 33  ? -8.520  22.730  35.395  1.00 35.28  ? 33  VAL A O   1 
ATOM 102  C CB  . VAL A 1 33  ? -9.293  25.132  37.646  1.00 22.78  ? 33  VAL A CB  1 
ATOM 103  C CG1 . VAL A 1 33  ? -8.089  25.588  36.828  1.00 34.08  ? 33  VAL A CG1 1 
ATOM 104  C CG2 . VAL A 1 33  ? -10.409 26.159  37.576  1.00 23.55  ? 33  VAL A CG2 1 
ATOM 105  N N   . ILE A 1 34  ? -7.835  22.343  37.504  1.00 33.95  ? 34  ILE A N   1 
ATOM 106  C CA  . ILE A 1 34  ? -6.687  21.569  37.031  1.00 28.19  ? 34  ILE A CA  1 
ATOM 107  C C   . ILE A 1 34  ? -7.157  20.337  36.259  1.00 29.56  ? 34  ILE A C   1 
ATOM 108  O O   . ILE A 1 34  ? -6.651  20.022  35.169  1.00 30.68  ? 34  ILE A O   1 
ATOM 109  C CB  . ILE A 1 34  ? -5.777  21.183  38.210  1.00 29.97  ? 34  ILE A CB  1 
ATOM 110  C CG1 . ILE A 1 34  ? -5.153  22.431  38.833  1.00 26.12  ? 34  ILE A CG1 1 
ATOM 111  C CG2 . ILE A 1 34  ? -4.674  20.253  37.739  1.00 32.74  ? 34  ILE A CG2 1 
ATOM 112  C CD1 . ILE A 1 34  ? -4.591  22.200  40.217  1.00 31.33  ? 34  ILE A CD1 1 
ATOM 113  N N   . LEU A 1 35  ? -8.142  19.625  36.811  1.00 36.80  ? 35  LEU A N   1 
ATOM 114  C CA  . LEU A 1 35  ? -8.624  18.410  36.166  1.00 27.94  ? 35  LEU A CA  1 
ATOM 115  C C   . LEU A 1 35  ? -9.257  18.724  34.816  1.00 31.95  ? 35  LEU A C   1 
ATOM 116  O O   . LEU A 1 35  ? -9.098  17.960  33.855  1.00 38.23  ? 35  LEU A O   1 
ATOM 117  C CB  . LEU A 1 35  ? -9.619  17.701  37.084  1.00 21.28  ? 35  LEU A CB  1 
ATOM 118  C CG  . LEU A 1 35  ? -10.203 16.379  36.591  1.00 29.87  ? 35  LEU A CG  1 
ATOM 119  C CD1 . LEU A 1 35  ? -9.098  15.353  36.422  1.00 34.35  ? 35  LEU A CD1 1 
ATOM 120  C CD2 . LEU A 1 35  ? -11.255 15.880  37.559  1.00 32.29  ? 35  LEU A CD2 1 
ATOM 121  N N   . ALA A 1 36  ? -9.980  19.843  34.725  1.00 30.48  ? 36  ALA A N   1 
ATOM 122  C CA  . ALA A 1 36  ? -10.559 20.251  33.452  1.00 22.35  ? 36  ALA A CA  1 
ATOM 123  C C   . ALA A 1 36  ? -9.472  20.533  32.428  1.00 31.91  ? 36  ALA A C   1 
ATOM 124  O O   . ALA A 1 36  ? -9.623  20.198  31.250  1.00 35.61  ? 36  ALA A O   1 
ATOM 125  C CB  . ALA A 1 36  ? -11.442 21.484  33.642  1.00 26.83  ? 36  ALA A CB  1 
ATOM 126  N N   . ALA A 1 37  ? -8.369  21.152  32.855  1.00 33.92  ? 37  ALA A N   1 
ATOM 127  C CA  . ALA A 1 37  ? -7.268  21.373  31.922  1.00 27.65  ? 37  ALA A CA  1 
ATOM 128  C C   . ALA A 1 37  ? -6.736  20.048  31.388  1.00 30.98  ? 37  ALA A C   1 
ATOM 129  O O   . ALA A 1 37  ? -6.521  19.892  30.175  1.00 37.71  ? 37  ALA A O   1 
ATOM 130  C CB  . ALA A 1 37  ? -6.157  22.166  32.607  1.00 24.29  ? 37  ALA A CB  1 
ATOM 131  N N   . VAL A 1 38  ? -6.546  19.071  32.276  1.00 33.18  ? 38  VAL A N   1 
ATOM 132  C CA  . VAL A 1 38  ? -6.016  17.779  31.842  1.00 31.21  ? 38  VAL A CA  1 
ATOM 133  C C   . VAL A 1 38  ? -6.965  17.123  30.843  1.00 31.65  ? 38  VAL A C   1 
ATOM 134  O O   . VAL A 1 38  ? -6.548  16.610  29.791  1.00 33.82  ? 38  VAL A O   1 
ATOM 135  C CB  . VAL A 1 38  ? -5.765  16.866  33.055  1.00 28.66  ? 38  VAL A CB  1 
ATOM 136  C CG1 . VAL A 1 38  ? -5.465  15.457  32.595  1.00 36.16  ? 38  VAL A CG1 1 
ATOM 137  C CG2 . VAL A 1 38  ? -4.632  17.407  33.910  1.00 23.26  ? 38  VAL A CG2 1 
ATOM 138  N N   . ILE A 1 39  ? -8.260  17.119  31.164  1.00 35.42  ? 39  ILE A N   1 
ATOM 139  C CA  . ILE A 1 39  ? -9.230  16.451  30.304  1.00 29.29  ? 39  ILE A CA  1 
ATOM 140  C C   . ILE A 1 39  ? -9.325  17.159  28.959  1.00 32.74  ? 39  ILE A C   1 
ATOM 141  O O   . ILE A 1 39  ? -9.471  16.513  27.914  1.00 38.75  ? 39  ILE A O   1 
ATOM 142  C CB  . ILE A 1 39  ? -10.598 16.371  31.002  1.00 29.86  ? 39  ILE A CB  1 
ATOM 143  C CG1 . ILE A 1 39  ? -10.523 15.414  32.193  1.00 34.44  ? 39  ILE A CG1 1 
ATOM 144  C CG2 . ILE A 1 39  ? -11.665 15.908  30.019  1.00 28.20  ? 39  ILE A CG2 1 
ATOM 145  C CD1 . ILE A 1 39  ? -11.709 15.498  33.117  1.00 35.42  ? 39  ILE A CD1 1 
ATOM 146  N N   . ALA A 1 40  ? -9.270  18.493  28.960  1.00 33.48  ? 40  ALA A N   1 
ATOM 147  C CA  . ALA A 1 40  ? -9.275  19.229  27.703  1.00 27.94  ? 40  ALA A CA  1 
ATOM 148  C C   . ALA A 1 40  ? -8.094  18.819  26.840  1.00 31.52  ? 40  ALA A C   1 
ATOM 149  O O   . ALA A 1 40  ? -8.240  18.591  25.633  1.00 36.51  ? 40  ALA A O   1 
ATOM 150  C CB  . ALA A 1 40  ? -9.245  20.735  27.966  1.00 34.41  ? 40  ALA A CB  1 
ATOM 151  N N   . ALA A 1 41  ? -6.905  18.724  27.441  1.00 39.37  ? 41  ALA A N   1 
ATOM 152  C CA  . ALA A 1 41  ? -5.743  18.295  26.670  1.00 36.89  ? 41  ALA A CA  1 
ATOM 153  C C   . ALA A 1 41  ? -5.977  16.925  26.045  1.00 40.70  ? 41  ALA A C   1 
ATOM 154  O O   . ALA A 1 41  ? -5.766  16.734  24.836  1.00 41.29  ? 41  ALA A O   1 
ATOM 155  C CB  . ALA A 1 41  ? -4.500  18.269  27.557  1.00 39.00  ? 41  ALA A CB  1 
ATOM 156  N N   . PHE A 1 42  ? -6.458  15.967  26.843  1.00 39.37  ? 42  PHE A N   1 
ATOM 157  C CA  . PHE A 1 42  ? -6.672  14.621  26.317  1.00 37.14  ? 42  PHE A CA  1 
ATOM 158  C C   . PHE A 1 42  ? -7.661  14.633  25.159  1.00 40.46  ? 42  PHE A C   1 
ATOM 159  O O   . PHE A 1 42  ? -7.388  14.079  24.089  1.00 44.74  ? 42  PHE A O   1 
ATOM 160  C CB  . PHE A 1 42  ? -7.181  13.684  27.410  1.00 42.86  ? 42  PHE A CB  1 
ATOM 161  C CG  . PHE A 1 42  ? -7.549  12.321  26.899  1.00 44.07  ? 42  PHE A CG  1 
ATOM 162  C CD1 . PHE A 1 42  ? -6.572  11.395  26.574  1.00 44.98  ? 42  PHE A CD1 1 
ATOM 163  C CD2 . PHE A 1 42  ? -8.876  11.984  26.695  1.00 45.23  ? 42  PHE A CD2 1 
ATOM 164  C CE1 . PHE A 1 42  ? -6.917  10.144  26.091  1.00 43.30  ? 42  PHE A CE1 1 
ATOM 165  C CE2 . PHE A 1 42  ? -9.227  10.739  26.208  1.00 44.01  ? 42  PHE A CE2 1 
ATOM 166  C CZ  . PHE A 1 42  ? -8.246  9.819   25.904  1.00 42.16  ? 42  PHE A CZ  1 
ATOM 167  N N   . VAL A 1 43  ? -8.821  15.260  25.355  1.00 43.92  ? 43  VAL A N   1 
ATOM 168  C CA  . VAL A 1 43  ? -9.868  15.187  24.340  1.00 35.25  ? 43  VAL A CA  1 
ATOM 169  C C   . VAL A 1 43  ? -9.472  15.946  23.084  1.00 35.80  ? 43  VAL A C   1 
ATOM 170  O O   . VAL A 1 43  ? -9.853  15.553  21.976  1.00 36.39  ? 43  VAL A O   1 
ATOM 171  C CB  . VAL A 1 43  ? -11.212 15.693  24.891  1.00 28.24  ? 43  VAL A CB  1 
ATOM 172  C CG1 . VAL A 1 43  ? -11.619 14.897  26.116  1.00 31.90  ? 43  VAL A CG1 1 
ATOM 173  C CG2 . VAL A 1 43  ? -11.134 17.169  25.217  1.00 34.16  ? 43  VAL A CG2 1 
ATOM 174  N N   . LEU A 1 44  ? -8.720  17.041  23.214  1.00 37.09  ? 44  LEU A N   1 
ATOM 175  C CA  . LEU A 1 44  ? -8.288  17.751  22.019  1.00 34.70  ? 44  LEU A CA  1 
ATOM 176  C C   . LEU A 1 44  ? -7.245  16.956  21.250  1.00 38.80  ? 44  LEU A C   1 
ATOM 177  O O   . LEU A 1 44  ? -7.208  17.021  20.015  1.00 41.31  ? 44  LEU A O   1 
ATOM 178  C CB  . LEU A 1 44  ? -7.744  19.130  22.386  1.00 37.19  ? 44  LEU A CB  1 
ATOM 179  C CG  . LEU A 1 44  ? -8.770  20.137  22.905  1.00 34.51  ? 44  LEU A CG  1 
ATOM 180  C CD1 . LEU A 1 44  ? -8.073  21.410  23.340  1.00 38.17  ? 44  LEU A CD1 1 
ATOM 181  C CD2 . LEU A 1 44  ? -9.818  20.448  21.849  1.00 37.47  ? 44  LEU A CD2 1 
ATOM 182  N N   . ASP A 1 45  ? -6.392  16.200  21.947  1.00 49.02  ? 45  ASP A N   1 
ATOM 183  C CA  . ASP A 1 45  ? -5.488  15.300  21.237  1.00 46.79  ? 45  ASP A CA  1 
ATOM 184  C C   . ASP A 1 45  ? -6.287  14.266  20.451  1.00 47.18  ? 45  ASP A C   1 
ATOM 185  O O   . ASP A 1 45  ? -6.004  14.001  19.278  1.00 47.18  ? 45  ASP A O   1 
ATOM 186  C CB  . ASP A 1 45  ? -4.535  14.629  22.233  1.00 51.24  ? 45  ASP A CB  1 
ATOM 187  C CG  . ASP A 1 45  ? -3.986  13.292  21.740  1.00 56.22  ? 45  ASP A CG  1 
ATOM 188  O OD1 . ASP A 1 45  ? -3.478  12.526  22.584  1.00 55.65  ? 45  ASP A OD1 1 
ATOM 189  O OD2 . ASP A 1 45  ? -4.001  13.021  20.521  1.00 56.41  ? 45  ASP A OD2 1 
ATOM 190  N N   . LEU A 1 46  ? -7.300  13.675  21.088  1.00 51.19  ? 46  LEU A N   1 
ATOM 191  C CA  . LEU A 1 46  ? -8.087  12.622  20.453  1.00 42.73  ? 46  LEU A CA  1 
ATOM 192  C C   . LEU A 1 46  ? -8.889  13.122  19.258  1.00 43.13  ? 46  LEU A C   1 
ATOM 193  O O   . LEU A 1 46  ? -9.291  12.312  18.418  1.00 47.88  ? 46  LEU A O   1 
ATOM 194  C CB  . LEU A 1 46  ? -9.019  11.999  21.494  1.00 41.35  ? 46  LEU A CB  1 
ATOM 195  C CG  . LEU A 1 46  ? -9.856  10.787  21.091  1.00 42.63  ? 46  LEU A CG  1 
ATOM 196  C CD1 . LEU A 1 46  ? -8.969  9.665   20.597  1.00 45.67  ? 46  LEU A CD1 1 
ATOM 197  C CD2 . LEU A 1 46  ? -10.698 10.326  22.272  1.00 40.57  ? 46  LEU A CD2 1 
ATOM 198  N N   . GLY A 1 47  ? -9.138  14.428  19.159  1.00 50.39  ? 47  GLY A N   1 
ATOM 199  C CA  . GLY A 1 47  ? -9.958  14.949  18.082  1.00 49.13  ? 47  GLY A CA  1 
ATOM 200  C C   . GLY A 1 47  ? -9.238  15.196  16.775  1.00 51.69  ? 47  GLY A C   1 
ATOM 201  O O   . GLY A 1 47  ? -9.899  15.421  15.758  1.00 53.64  ? 47  GLY A O   1 
ATOM 202  N N   . GLY A 1 48  ? -7.908  15.168  16.773  1.00 51.02  ? 48  GLY A N   1 
ATOM 203  C CA  . GLY A 1 48  ? -7.120  15.432  15.591  1.00 51.32  ? 48  GLY A CA  1 
ATOM 204  C C   . GLY A 1 48  ? -6.550  14.224  14.885  1.00 54.70  ? 48  GLY A C   1 
ATOM 205  O O   . GLY A 1 48  ? -5.750  14.393  13.960  1.00 57.59  ? 48  GLY A O   1 
ATOM 206  N N   . SER A 1 49  ? -6.931  13.010  15.279  1.00 56.12  ? 49  SER A N   1 
ATOM 207  C CA  . SER A 1 49  ? -6.236  11.808  14.835  1.00 56.63  ? 49  SER A CA  1 
ATOM 208  C C   . SER A 1 49  ? -6.856  11.144  13.612  1.00 62.14  ? 49  SER A C   1 
ATOM 209  O O   . SER A 1 49  ? -6.194  10.307  12.989  1.00 64.58  ? 49  SER A O   1 
ATOM 210  C CB  . SER A 1 49  ? -6.176  10.787  15.976  1.00 56.80  ? 49  SER A CB  1 
ATOM 211  O OG  . SER A 1 49  ? -7.475  10.343  16.328  1.00 55.06  ? 49  SER A OG  1 
ATOM 212  N N   . VAL A 1 50  ? -8.089  11.487  13.243  1.00 60.78  ? 50  VAL A N   1 
ATOM 213  C CA  . VAL A 1 50  ? -8.733  10.826  12.114  1.00 58.38  ? 50  VAL A CA  1 
ATOM 214  C C   . VAL A 1 50  ? -8.001  11.194  10.832  1.00 60.11  ? 50  VAL A C   1 
ATOM 215  O O   . VAL A 1 50  ? -7.718  12.372  10.575  1.00 61.35  ? 50  VAL A O   1 
ATOM 216  C CB  . VAL A 1 50  ? -10.219 11.206  12.049  1.00 59.07  ? 50  VAL A CB  1 
ATOM 217  C CG1 . VAL A 1 50  ? -10.872 10.599  10.817  1.00 59.16  ? 50  VAL A CG1 1 
ATOM 218  C CG2 . VAL A 1 50  ? -10.928 10.749  13.313  1.00 59.07  ? 50  VAL A CG2 1 
ATOM 219  N N   . GLY A 1 51  ? -7.687  10.184  10.014  1.00 64.94  ? 51  GLY A N   1 
ATOM 220  C CA  . GLY A 1 51  ? -6.834  10.363  8.859   1.00 66.25  ? 51  GLY A CA  1 
ATOM 221  C C   . GLY A 1 51  ? -7.440  9.788   7.588   1.00 66.41  ? 51  GLY A C   1 
ATOM 222  O O   . GLY A 1 51  ? -8.527  9.208   7.597   1.00 66.89  ? 51  GLY A O   1 
ATOM 223  N N   . ASN A 1 52  ? -6.698  9.970   6.496   1.00 59.41  ? 52  ASN A N   1 
ATOM 224  C CA  . ASN A 1 52  ? -7.154  9.572   5.169   1.00 54.87  ? 52  ASN A CA  1 
ATOM 225  C C   . ASN A 1 52  ? -6.977  8.075   4.941   1.00 54.22  ? 52  ASN A C   1 
ATOM 226  O O   . ASN A 1 52  ? -6.122  7.425   5.547   1.00 54.31  ? 52  ASN A O   1 
ATOM 227  C CB  . ASN A 1 52  ? -6.377  10.318  4.079   1.00 62.27  ? 52  ASN A CB  1 
ATOM 228  C CG  . ASN A 1 52  ? -5.934  11.703  4.502   1.00 62.81  ? 52  ASN A CG  1 
ATOM 229  O OD1 . ASN A 1 52  ? -4.883  11.867  5.121   1.00 57.59  ? 52  ASN A OD1 1 
ATOM 230  N ND2 . ASN A 1 52  ? -6.710  12.713  4.130   1.00 63.88  ? 52  ASN A ND2 1 
ATOM 231  N N   . GLU A 1 53  ? -7.803  7.532   4.049   1.00 48.71  ? 53  GLU A N   1 
ATOM 232  C CA  . GLU A 1 53  ? -7.554  6.249   3.406   1.00 43.62  ? 53  GLU A CA  1 
ATOM 233  C C   . GLU A 1 53  ? -7.322  6.481   1.918   1.00 48.19  ? 53  GLU A C   1 
ATOM 234  O O   . GLU A 1 53  ? -8.061  7.234   1.278   1.00 49.66  ? 53  GLU A O   1 
ATOM 235  C CB  . GLU A 1 53  ? -8.723  5.279   3.612   1.00 43.50  ? 53  GLU A CB  1 
ATOM 236  C CG  . GLU A 1 53  ? -8.799  4.636   4.998   1.00 48.76  ? 53  GLU A CG  1 
ATOM 237  C CD  . GLU A 1 53  ? -7.590  3.779   5.341   1.00 51.93  ? 53  GLU A CD  1 
ATOM 238  O OE1 . GLU A 1 53  ? -6.605  3.780   4.576   1.00 55.64  ? 53  GLU A OE1 1 
ATOM 239  O OE2 . GLU A 1 53  ? -7.623  3.102   6.389   1.00 50.57  ? 53  GLU A OE2 1 
ATOM 240  N N   . ALA A 1 54  ? -6.298  5.831   1.370   1.00 40.00  ? 54  ALA A N   1 
ATOM 241  C CA  . ALA A 1 54  ? -5.916  6.044   -0.020  1.00 34.36  ? 54  ALA A CA  1 
ATOM 242  C C   . ALA A 1 54  ? -6.918  5.405   -0.974  1.00 42.57  ? 54  ALA A C   1 
ATOM 243  O O   . ALA A 1 54  ? -7.473  4.337   -0.696  1.00 39.94  ? 54  ALA A O   1 
ATOM 244  C CB  . ALA A 1 54  ? -4.522  5.478   -0.280  1.00 32.78  ? 54  ALA A CB  1 
ATOM 245  N N   . GLN A 1 55  ? -7.150  6.073   -2.104  1.00 35.67  ? 55  GLN A N   1 
ATOM 246  C CA  . GLN A 1 55  ? -8.074  5.611   -3.131  1.00 30.79  ? 55  GLN A CA  1 
ATOM 247  C C   . GLN A 1 55  ? -7.373  5.641   -4.481  1.00 32.92  ? 55  GLN A C   1 
ATOM 248  O O   . GLN A 1 55  ? -6.697  6.620   -4.807  1.00 42.55  ? 55  GLN A O   1 
ATOM 249  C CB  . GLN A 1 55  ? -9.328  6.489   -3.172  1.00 34.42  ? 55  GLN A CB  1 
ATOM 250  C CG  . GLN A 1 55  ? -10.159 6.463   -1.898  1.00 45.19  ? 55  GLN A CG  1 
ATOM 251  C CD  . GLN A 1 55  ? -11.257 7.506   -1.899  1.00 44.76  ? 55  GLN A CD  1 
ATOM 252  O OE1 . GLN A 1 55  ? -11.358 8.320   -2.818  1.00 44.09  ? 55  GLN A OE1 1 
ATOM 253  N NE2 . GLN A 1 55  ? -12.096 7.481   -0.870  1.00 38.05  ? 55  GLN A NE2 1 
ATOM 254  N N   . ALA A 1 56  ? -7.529  4.574   -5.262  1.00 27.79  ? 56  ALA A N   1 
ATOM 255  C CA  . ALA A 1 56  ? -6.975  4.536   -6.608  1.00 20.93  ? 56  ALA A CA  1 
ATOM 256  C C   . ALA A 1 56  ? -7.682  3.452   -7.407  1.00 31.39  ? 56  ALA A C   1 
ATOM 257  O O   . ALA A 1 56  ? -8.141  2.450   -6.855  1.00 26.70  ? 56  ALA A O   1 
ATOM 258  C CB  . ALA A 1 56  ? -5.462  4.291   -6.583  1.00 26.96  ? 56  ALA A CB  1 
ATOM 259  N N   . GLY A 1 57  ? -7.772  3.671   -8.718  1.00 38.66  ? 57  GLY A N   1 
ATOM 260  C CA  . GLY A 1 57  ? -8.292  2.663   -9.622  1.00 30.47  ? 57  GLY A CA  1 
ATOM 261  C C   . GLY A 1 57  ? -7.189  1.919   -10.346 1.00 33.09  ? 57  GLY A C   1 
ATOM 262  O O   . GLY A 1 57  ? -6.649  2.421   -11.336 1.00 44.77  ? 57  GLY A O   1 
ATOM 263  N N   . VAL A 1 58  ? -6.858  0.718   -9.880  1.00 31.52  ? 58  VAL A N   1 
ATOM 264  C CA  . VAL A 1 58  ? -5.770  -0.079  -10.438 1.00 32.80  ? 58  VAL A CA  1 
ATOM 265  C C   . VAL A 1 58  ? -6.366  -1.257  -11.192 1.00 42.59  ? 58  VAL A C   1 
ATOM 266  O O   . VAL A 1 58  ? -7.270  -1.934  -10.688 1.00 40.33  ? 58  VAL A O   1 
ATOM 267  C CB  . VAL A 1 58  ? -4.815  -0.563  -9.336  1.00 30.91  ? 58  VAL A CB  1 
ATOM 268  C CG1 . VAL A 1 58  ? -3.620  -1.280  -9.943  1.00 32.24  ? 58  VAL A CG1 1 
ATOM 269  C CG2 . VAL A 1 58  ? -4.374  0.603   -8.469  1.00 36.68  ? 58  VAL A CG2 1 
ATOM 270  N N   . ASN A 1 59  ? -5.860  -1.502  -12.397 1.00 48.24  ? 59  ASN A N   1 
ATOM 271  C CA  . ASN A 1 59  ? -6.324  -2.592  -13.245 1.00 40.00  ? 59  ASN A CA  1 
ATOM 272  C C   . ASN A 1 59  ? -5.247  -3.665  -13.311 1.00 42.62  ? 59  ASN A C   1 
ATOM 273  O O   . ASN A 1 59  ? -4.137  -3.406  -13.785 1.00 53.91  ? 59  ASN A O   1 
ATOM 274  C CB  . ASN A 1 59  ? -6.661  -2.082  -14.647 1.00 43.99  ? 59  ASN A CB  1 
ATOM 275  C CG  . ASN A 1 59  ? -7.391  -3.114  -15.503 1.00 49.77  ? 59  ASN A CG  1 
ATOM 276  O OD1 . ASN A 1 59  ? -7.996  -4.042  -14.969 1.00 56.42  ? 59  ASN A OD1 1 
ATOM 277  N ND2 . ASN A 1 59  ? -7.336  -2.965  -16.826 1.00 47.74  ? 59  ASN A ND2 1 
ATOM 278  N N   . MET A 1 60  ? -5.579  -4.865  -12.842 1.00 45.72  ? 60  MET A N   1 
ATOM 279  C CA  . MET A 1 60  ? -4.676  -6.008  -12.868 1.00 43.37  ? 60  MET A CA  1 
ATOM 280  C C   . MET A 1 60  ? -5.365  -7.151  -13.594 1.00 46.12  ? 60  MET A C   1 
ATOM 281  O O   . MET A 1 60  ? -6.497  -7.513  -13.256 1.00 51.54  ? 60  MET A O   1 
ATOM 282  C CB  . MET A 1 60  ? -4.286  -6.431  -11.451 1.00 41.59  ? 60  MET A CB  1 
ATOM 283  C CG  . MET A 1 60  ? -3.858  -5.268  -10.567 1.00 52.58  ? 60  MET A CG  1 
ATOM 284  S SD  . MET A 1 60  ? -3.084  -5.675  -8.984  1.00 60.55  ? 60  MET A SD  1 
ATOM 285  C CE  . MET A 1 60  ? -2.484  -7.342  -9.240  1.00 53.74  ? 60  MET A CE  1 
ATOM 286  N N   . GLU A 1 61  ? -4.681  -7.721  -14.583 1.00 43.72  ? 61  GLU A N   1 
ATOM 287  C CA  . GLU A 1 61  ? -5.235  -8.793  -15.394 1.00 45.37  ? 61  GLU A CA  1 
ATOM 288  C C   . GLU A 1 61  ? -4.176  -9.860  -15.612 1.00 46.69  ? 61  GLU A C   1 
ATOM 289  O O   . GLU A 1 61  ? -2.980  -9.566  -15.685 1.00 47.77  ? 61  GLU A O   1 
ATOM 290  C CB  . GLU A 1 61  ? -5.759  -8.265  -16.739 1.00 45.86  ? 61  GLU A CB  1 
ATOM 291  C CG  . GLU A 1 61  ? -4.680  -7.806  -17.717 1.00 50.80  ? 61  GLU A CG  1 
ATOM 292  C CD  . GLU A 1 61  ? -5.012  -8.152  -19.155 1.00 60.65  ? 61  GLU A CD  1 
ATOM 293  O OE1 . GLU A 1 61  ? -4.071  -8.381  -19.944 1.00 57.57  ? 61  GLU A OE1 1 
ATOM 294  O OE2 . GLU A 1 61  ? -6.212  -8.198  -19.497 1.00 61.53  ? 61  GLU A OE2 1 
ATOM 295  N N   . VAL A 1 62  ? -4.628  -11.106 -15.723 1.00 46.42  ? 62  VAL A N   1 
ATOM 296  C CA  . VAL A 1 62  ? -3.751  -12.259 -15.890 1.00 42.33  ? 62  VAL A CA  1 
ATOM 297  C C   . VAL A 1 62  ? -3.947  -12.805 -17.295 1.00 46.77  ? 62  VAL A C   1 
ATOM 298  O O   . VAL A 1 62  ? -5.076  -13.102 -17.705 1.00 51.93  ? 62  VAL A O   1 
ATOM 299  C CB  . VAL A 1 62  ? -4.032  -13.347 -14.842 1.00 43.72  ? 62  VAL A CB  1 
ATOM 300  C CG1 . VAL A 1 62  ? -3.165  -14.570 -15.109 1.00 46.20  ? 62  VAL A CG1 1 
ATOM 301  C CG2 . VAL A 1 62  ? -3.803  -12.814 -13.438 1.00 41.87  ? 62  VAL A CG2 1 
ATOM 302  N N   . ASP A 1 63  ? -2.848  -12.940 -18.031 1.00 48.38  ? 63  ASP A N   1 
ATOM 303  C CA  . ASP A 1 63  ? -2.828  -13.640 -19.307 1.00 46.05  ? 63  ASP A CA  1 
ATOM 304  C C   . ASP A 1 63  ? -2.391  -15.074 -19.041 1.00 50.91  ? 63  ASP A C   1 
ATOM 305  O O   . ASP A 1 63  ? -1.297  -15.300 -18.517 1.00 56.79  ? 63  ASP A O   1 
ATOM 306  C CB  . ASP A 1 63  ? -1.880  -12.953 -20.287 1.00 49.02  ? 63  ASP A CB  1 
ATOM 307  C CG  . ASP A 1 63  ? -1.896  -13.590 -21.658 1.00 54.54  ? 63  ASP A CG  1 
ATOM 308  O OD1 . ASP A 1 63  ? -0.956  -13.340 -22.442 1.00 53.23  ? 63  ASP A OD1 1 
ATOM 309  O OD2 . ASP A 1 63  ? -2.848  -14.340 -21.955 1.00 60.67  ? 63  ASP A OD2 1 
ATOM 310  N N   . GLU A 1 64  ? -3.252  -16.035 -19.366 1.00 52.99  ? 64  GLU A N   1 
ATOM 311  C CA  . GLU A 1 64  ? -3.001  -17.430 -19.029 1.00 53.26  ? 64  GLU A CA  1 
ATOM 312  C C   . GLU A 1 64  ? -2.306  -18.216 -20.134 1.00 59.61  ? 64  GLU A C   1 
ATOM 313  O O   . GLU A 1 64  ? -1.920  -19.367 -19.900 1.00 59.40  ? 64  GLU A O   1 
ATOM 314  C CB  . GLU A 1 64  ? -4.317  -18.124 -18.664 1.00 55.08  ? 64  GLU A CB  1 
ATOM 315  C CG  . GLU A 1 64  ? -4.856  -17.724 -17.300 1.00 58.26  ? 64  GLU A CG  1 
ATOM 316  C CD  . GLU A 1 64  ? -6.369  -17.749 -17.231 1.00 62.98  ? 64  GLU A CD  1 
ATOM 317  O OE1 . GLU A 1 64  ? -6.940  -18.846 -17.078 1.00 60.15  ? 64  GLU A OE1 1 
ATOM 318  O OE2 . GLU A 1 64  ? -6.985  -16.667 -17.319 1.00 64.11  ? 64  GLU A OE2 1 
ATOM 319  N N   . SER A 1 65  ? -2.128  -17.637 -21.316 1.00 56.47  ? 65  SER A N   1 
ATOM 320  C CA  . SER A 1 65  ? -1.543  -18.374 -22.428 1.00 53.56  ? 65  SER A CA  1 
ATOM 321  C C   . SER A 1 65  ? -0.022  -18.447 -22.313 1.00 55.65  ? 65  SER A C   1 
ATOM 322  O O   . SER A 1 65  ? 0.641   -17.504 -21.871 1.00 58.46  ? 65  SER A O   1 
ATOM 323  C CB  . SER A 1 65  ? -1.934  -17.719 -23.752 1.00 54.06  ? 65  SER A CB  1 
ATOM 324  O OG  . SER A 1 65  ? -1.346  -16.438 -23.873 1.00 55.80  ? 65  SER A OG  1 
ATOM 325  N N   . GLN A 1 66  ? 0.526   -19.589 -22.734 1.00 68.28  ? 66  GLN A N   1 
ATOM 326  C CA  . GLN A 1 66  ? 1.966   -19.800 -22.907 1.00 70.44  ? 66  GLN A CA  1 
ATOM 327  C C   . GLN A 1 66  ? 2.761   -19.295 -21.702 1.00 72.38  ? 66  GLN A C   1 
ATOM 328  O O   . GLN A 1 66  ? 3.518   -18.326 -21.774 1.00 76.42  ? 66  GLN A O   1 
ATOM 329  C CB  . GLN A 1 66  ? 2.463   -19.158 -24.208 1.00 69.43  ? 66  GLN A CB  1 
ATOM 330  C CG  . GLN A 1 66  ? 2.266   -17.655 -24.323 1.00 69.75  ? 66  GLN A CG  1 
ATOM 331  C CD  . GLN A 1 66  ? 2.678   -17.124 -25.675 1.00 71.05  ? 66  GLN A CD  1 
ATOM 332  O OE1 . GLN A 1 66  ? 3.165   -17.868 -26.527 1.00 74.01  ? 66  GLN A OE1 1 
ATOM 333  N NE2 . GLN A 1 66  ? 2.481   -15.829 -25.883 1.00 71.78  ? 66  GLN A NE2 1 
ATOM 334  N N   . GLY A 1 67  ? 2.575   -19.980 -20.577 1.00 67.63  ? 67  GLY A N   1 
ATOM 335  C CA  . GLY A 1 67  ? 3.305   -19.691 -19.365 1.00 66.94  ? 67  GLY A CA  1 
ATOM 336  C C   . GLY A 1 67  ? 2.713   -18.589 -18.516 1.00 65.85  ? 67  GLY A C   1 
ATOM 337  O O   . GLY A 1 67  ? 2.843   -18.634 -17.288 1.00 65.50  ? 67  GLY A O   1 
ATOM 338  N N   . GLY A 1 68  ? 2.078   -17.606 -19.130 1.00 58.20  ? 68  GLY A N   1 
ATOM 339  C CA  . GLY A 1 68  ? 1.310   -16.618 -18.398 1.00 56.65  ? 68  GLY A CA  1 
ATOM 340  C C   . GLY A 1 68  ? 2.109   -15.376 -18.056 1.00 55.44  ? 68  GLY A C   1 
ATOM 341  O O   . GLY A 1 68  ? 3.315   -15.416 -17.812 1.00 58.35  ? 68  GLY A O   1 
ATOM 342  N N   . ASN A 1 69  ? 1.405   -14.244 -18.037 1.00 55.95  ? 69  ASN A N   1 
ATOM 343  C CA  . ASN A 1 69  ? 1.965   -12.951 -17.669 1.00 50.34  ? 69  ASN A CA  1 
ATOM 344  C C   . ASN A 1 69  ? 0.923   -12.171 -16.883 1.00 49.55  ? 69  ASN A C   1 
ATOM 345  O O   . ASN A 1 69  ? -0.279  -12.410 -17.018 1.00 57.91  ? 69  ASN A O   1 
ATOM 346  C CB  . ASN A 1 69  ? 2.392   -12.137 -18.902 1.00 49.01  ? 69  ASN A CB  1 
ATOM 347  C CG  . ASN A 1 69  ? 3.657   -12.664 -19.550 1.00 57.84  ? 69  ASN A CG  1 
ATOM 348  O OD1 . ASN A 1 69  ? 4.757   -12.496 -19.023 1.00 60.90  ? 69  ASN A OD1 1 
ATOM 349  N ND2 . ASN A 1 69  ? 3.509   -13.295 -20.708 1.00 60.85  ? 69  ASN A ND2 1 
ATOM 350  N N   . ILE A 1 70  ? 1.388   -11.236 -16.056 1.00 43.79  ? 70  ILE A N   1 
ATOM 351  C CA  . ILE A 1 70  ? 0.520   -10.344 -15.289 1.00 36.25  ? 70  ILE A CA  1 
ATOM 352  C C   . ILE A 1 70  ? 0.859   -8.910  -15.672 1.00 43.23  ? 70  ILE A C   1 
ATOM 353  O O   . ILE A 1 70  ? 2.015   -8.490  -15.556 1.00 55.98  ? 70  ILE A O   1 
ATOM 354  C CB  . ILE A 1 70  ? 0.670   -10.554 -13.774 1.00 39.71  ? 70  ILE A CB  1 
ATOM 355  C CG1 . ILE A 1 70  ? 0.505   -12.033 -13.414 1.00 47.30  ? 70  ILE A CG1 1 
ATOM 356  C CG2 . ILE A 1 70  ? -0.346  -9.711  -13.012 1.00 45.27  ? 70  ILE A CG2 1 
ATOM 357  C CD1 . ILE A 1 70  ? 0.634   -12.320 -11.939 1.00 48.33  ? 70  ILE A CD1 1 
ATOM 358  N N   . THR A 1 71  ? -0.150  -8.158  -16.110 1.00 43.36  ? 71  THR A N   1 
ATOM 359  C CA  . THR A 1 71  ? 0.002   -6.759  -16.495 1.00 42.36  ? 71  THR A CA  1 
ATOM 360  C C   . THR A 1 71  ? -0.795  -5.878  -15.543 1.00 44.45  ? 71  THR A C   1 
ATOM 361  O O   . THR A 1 71  ? -1.998  -6.085  -15.364 1.00 48.73  ? 71  THR A O   1 
ATOM 362  C CB  . THR A 1 71  ? -0.471  -6.530  -17.934 1.00 48.80  ? 71  THR A CB  1 
ATOM 363  O OG1 . THR A 1 71  ? 0.371   -7.253  -18.840 1.00 55.17  ? 71  THR A OG1 1 
ATOM 364  C CG2 . THR A 1 71  ? -0.422  -5.050  -18.285 1.00 47.88  ? 71  THR A CG2 1 
ATOM 365  N N   . VAL A 1 72  ? -0.127  -4.889  -14.952 1.00 45.96  ? 72  VAL A N   1 
ATOM 366  C CA  . VAL A 1 72  ? -0.742  -3.957  -14.012 1.00 44.18  ? 72  VAL A CA  1 
ATOM 367  C C   . VAL A 1 72  ? -0.778  -2.575  -14.648 1.00 38.43  ? 72  VAL A C   1 
ATOM 368  O O   . VAL A 1 72  ? 0.254   -2.065  -15.099 1.00 44.01  ? 72  VAL A O   1 
ATOM 369  C CB  . VAL A 1 72  ? 0.017   -3.918  -12.674 1.00 39.95  ? 72  VAL A CB  1 
ATOM 370  C CG1 . VAL A 1 72  ? -0.732  -3.070  -11.660 1.00 41.44  ? 72  VAL A CG1 1 
ATOM 371  C CG2 . VAL A 1 72  ? 0.233   -5.323  -12.143 1.00 40.40  ? 72  VAL A CG2 1 
ATOM 372  N N   . GLU A 1 73  ? -1.963  -1.969  -14.674 1.00 42.83  ? 73  GLU A N   1 
ATOM 373  C CA  . GLU A 1 73  ? -2.148  -0.615  -15.175 1.00 38.16  ? 73  GLU A CA  1 
ATOM 374  C C   . GLU A 1 73  ? -2.992  0.178   -14.191 1.00 44.17  ? 73  GLU A C   1 
ATOM 375  O O   . GLU A 1 73  ? -3.880  -0.366  -13.531 1.00 50.15  ? 73  GLU A O   1 
ATOM 376  C CB  . GLU A 1 73  ? -2.818  -0.609  -16.555 1.00 40.67  ? 73  GLU A CB  1 
ATOM 377  C CG  . GLU A 1 73  ? -1.844  -0.617  -17.720 1.00 50.56  ? 73  GLU A CG  1 
ATOM 378  C CD  . GLU A 1 73  ? -2.329  -1.461  -18.881 1.00 55.49  ? 73  GLU A CD  1 
ATOM 379  O OE1 . GLU A 1 73  ? -3.472  -1.248  -19.335 1.00 55.92  ? 73  GLU A OE1 1 
ATOM 380  O OE2 . GLU A 1 73  ? -1.567  -2.335  -19.342 1.00 53.70  ? 73  GLU A OE2 1 
ATOM 381  N N   . VAL A 1 74  ? -2.707  1.475   -14.101 1.00 37.21  ? 74  VAL A N   1 
ATOM 382  C CA  . VAL A 1 74  ? -3.416  2.394   -13.217 1.00 36.59  ? 74  VAL A CA  1 
ATOM 383  C C   . VAL A 1 74  ? -4.259  3.329   -14.072 1.00 32.70  ? 74  VAL A C   1 
ATOM 384  O O   . VAL A 1 74  ? -3.742  3.970   -14.994 1.00 43.91  ? 74  VAL A O   1 
ATOM 385  C CB  . VAL A 1 74  ? -2.444  3.191   -12.332 1.00 34.11  ? 74  VAL A CB  1 
ATOM 386  C CG1 . VAL A 1 74  ? -3.214  4.001   -11.298 1.00 31.11  ? 74  VAL A CG1 1 
ATOM 387  C CG2 . VAL A 1 74  ? -1.450  2.256   -11.658 1.00 38.20  ? 74  VAL A CG2 1 
ATOM 388  N N   . THR A 1 75  ? -5.554  3.400   -13.771 1.00 26.44  ? 75  THR A N   1 
ATOM 389  C CA  . THR A 1 75  ? -6.465  4.261   -14.513 1.00 29.54  ? 75  THR A CA  1 
ATOM 390  C C   . THR A 1 75  ? -6.780  5.565   -13.796 1.00 32.43  ? 75  THR A C   1 
ATOM 391  O O   . THR A 1 75  ? -7.067  6.564   -14.461 1.00 39.99  ? 75  THR A O   1 
ATOM 392  C CB  . THR A 1 75  ? -7.780  3.531   -14.803 1.00 32.31  ? 75  THR A CB  1 
ATOM 393  O OG1 . THR A 1 75  ? -8.524  3.373   -13.589 1.00 45.44  ? 75  THR A OG1 1 
ATOM 394  C CG2 . THR A 1 75  ? -7.503  2.164   -15.408 1.00 34.54  ? 75  THR A CG2 1 
ATOM 395  N N   . SER A 1 76  ? -6.744  5.587   -12.466 1.00 38.74  ? 76  SER A N   1 
ATOM 396  C CA  . SER A 1 76  ? -7.035  6.804   -11.724 1.00 33.07  ? 76  SER A CA  1 
ATOM 397  C C   . SER A 1 76  ? -6.215  6.830   -10.444 1.00 34.10  ? 76  SER A C   1 
ATOM 398  O O   . SER A 1 76  ? -6.087  5.812   -9.761  1.00 35.87  ? 76  SER A O   1 
ATOM 399  C CB  . SER A 1 76  ? -8.528  6.905   -11.396 1.00 33.19  ? 76  SER A CB  1 
ATOM 400  O OG  . SER A 1 76  ? -8.821  8.110   -10.713 1.00 41.75  ? 76  SER A OG  1 
ATOM 401  N N   . MET A 1 77  ? -5.665  8.002   -10.128 1.00 34.90  ? 77  MET A N   1 
ATOM 402  C CA  . MET A 1 77  ? -4.903  8.200   -8.901  1.00 28.79  ? 77  MET A CA  1 
ATOM 403  C C   . MET A 1 77  ? -5.770  8.463   -7.679  1.00 33.88  ? 77  MET A C   1 
ATOM 404  O O   . MET A 1 77  ? -5.271  8.338   -6.557  1.00 42.90  ? 77  MET A O   1 
ATOM 405  C CB  . MET A 1 77  ? -3.938  9.376   -9.068  1.00 37.98  ? 77  MET A CB  1 
ATOM 406  C CG  . MET A 1 77  ? -2.503  9.061   -9.508  1.00 41.40  ? 77  MET A CG  1 
ATOM 407  S SD  . MET A 1 77  ? -1.560  7.916   -8.470  1.00 44.73  ? 77  MET A SD  1 
ATOM 408  C CE  . MET A 1 77  ? -2.134  6.310   -9.005  1.00 43.88  ? 77  MET A CE  1 
ATOM 409  N N   . GLY A 1 78  ? -7.039  8.814   -7.854  1.00 33.21  ? 78  GLY A N   1 
ATOM 410  C CA  . GLY A 1 78  ? -7.856  9.181   -6.716  1.00 31.55  ? 78  GLY A CA  1 
ATOM 411  C C   . GLY A 1 78  ? -7.195  10.267  -5.895  1.00 37.43  ? 78  GLY A C   1 
ATOM 412  O O   . GLY A 1 78  ? -7.025  11.394  -6.370  1.00 34.79  ? 78  GLY A O   1 
ATOM 413  N N   . ASN A 1 79  ? -6.811  9.940   -4.661  1.00 41.04  ? 79  ASN A N   1 
ATOM 414  C CA  . ASN A 1 79  ? -6.091  10.860  -3.794  1.00 43.57  ? 79  ASN A CA  1 
ATOM 415  C C   . ASN A 1 79  ? -4.691  10.372  -3.451  1.00 44.90  ? 79  ASN A C   1 
ATOM 416  O O   . ASN A 1 79  ? -3.979  11.050  -2.703  1.00 44.46  ? 79  ASN A O   1 
ATOM 417  C CB  . ASN A 1 79  ? -6.887  11.103  -2.507  1.00 39.77  ? 79  ASN A CB  1 
ATOM 418  C CG  . ASN A 1 79  ? -7.049  9.850   -1.677  1.00 38.84  ? 79  ASN A CG  1 
ATOM 419  O OD1 . ASN A 1 79  ? -6.572  8.782   -2.053  1.00 50.56  ? 79  ASN A OD1 1 
ATOM 420  N ND2 . ASN A 1 79  ? -7.724  9.973   -0.540  1.00 42.06  ? 79  ASN A ND2 1 
ATOM 421  N N   . ALA A 1 80  ? -4.275  9.227   -3.985  1.00 36.24  ? 80  ALA A N   1 
ATOM 422  C CA  . ALA A 1 80  ? -2.974  8.656   -3.686  1.00 35.46  ? 80  ALA A CA  1 
ATOM 423  C C   . ALA A 1 80  ? -1.870  9.375   -4.456  1.00 41.30  ? 80  ALA A C   1 
ATOM 424  O O   . ALA A 1 80  ? -2.117  10.113  -5.412  1.00 44.20  ? 80  ALA A O   1 
ATOM 425  C CB  . ALA A 1 80  ? -2.952  7.168   -4.028  1.00 40.77  ? 80  ALA A CB  1 
ATOM 426  N N   . ASP A 1 81  ? -0.632  9.151   -4.015  1.00 37.94  ? 81  ASP A N   1 
ATOM 427  C CA  . ASP A 1 81  ? 0.544   9.682   -4.694  1.00 34.82  ? 81  ASP A CA  1 
ATOM 428  C C   . ASP A 1 81  ? 1.119   8.692   -5.698  1.00 42.55  ? 81  ASP A C   1 
ATOM 429  O O   . ASP A 1 81  ? 1.504   9.086   -6.805  1.00 44.69  ? 81  ASP A O   1 
ATOM 430  C CB  . ASP A 1 81  ? 1.615   10.057  -3.669  1.00 36.47  ? 81  ASP A CB  1 
ATOM 431  C CG  . ASP A 1 81  ? 1.139   11.108  -2.688  1.00 47.62  ? 81  ASP A CG  1 
ATOM 432  O OD1 . ASP A 1 81  ? 0.403   12.024  -3.110  1.00 49.14  ? 81  ASP A OD1 1 
ATOM 433  O OD2 . ASP A 1 81  ? 1.497   11.018  -1.496  1.00 52.72  ? 81  ASP A OD2 1 
ATOM 434  N N   . HIS A 1 82  ? 1.192   7.416   -5.329  1.00 44.24  ? 82  HIS A N   1 
ATOM 435  C CA  . HIS A 1 82  ? 1.674   6.382   -6.231  1.00 38.77  ? 82  HIS A CA  1 
ATOM 436  C C   . HIS A 1 82  ? 1.147   5.044   -5.741  1.00 34.55  ? 82  HIS A C   1 
ATOM 437  O O   . HIS A 1 82  ? 0.645   4.925   -4.622  1.00 42.41  ? 82  HIS A O   1 
ATOM 438  C CB  . HIS A 1 82  ? 3.204   6.367   -6.310  1.00 38.32  ? 82  HIS A CB  1 
ATOM 439  C CG  . HIS A 1 82  ? 3.875   6.168   -4.988  1.00 37.15  ? 82  HIS A CG  1 
ATOM 440  N ND1 . HIS A 1 82  ? 4.405   7.209   -4.257  1.00 40.36  ? 82  HIS A ND1 1 
ATOM 441  C CD2 . HIS A 1 82  ? 4.109   5.047   -4.269  1.00 43.48  ? 82  HIS A CD2 1 
ATOM 442  C CE1 . HIS A 1 82  ? 4.933   6.736   -3.142  1.00 40.64  ? 82  HIS A CE1 1 
ATOM 443  N NE2 . HIS A 1 82  ? 4.766   5.426   -3.126  1.00 41.67  ? 82  HIS A NE2 1 
ATOM 444  N N   . VAL A 1 83  ? 1.263   4.035   -6.601  1.00 38.67  ? 83  VAL A N   1 
ATOM 445  C CA  . VAL A 1 83  ? 0.821   2.678   -6.308  1.00 39.06  ? 83  VAL A CA  1 
ATOM 446  C C   . VAL A 1 83  ? 2.043   1.771   -6.275  1.00 37.16  ? 83  VAL A C   1 
ATOM 447  O O   . VAL A 1 83  ? 2.876   1.809   -7.189  1.00 44.76  ? 83  VAL A O   1 
ATOM 448  C CB  . VAL A 1 83  ? -0.202  2.189   -7.347  1.00 29.46  ? 83  VAL A CB  1 
ATOM 449  C CG1 . VAL A 1 83  ? -0.339  0.682   -7.290  1.00 30.66  ? 83  VAL A CG1 1 
ATOM 450  C CG2 . VAL A 1 83  ? -1.550  2.855   -7.123  1.00 36.26  ? 83  VAL A CG2 1 
ATOM 451  N N   . VAL A 1 84  ? 2.150   0.959   -5.226  1.00 34.74  ? 84  VAL A N   1 
ATOM 452  C CA  . VAL A 1 84  ? 3.217   -0.025  -5.095  1.00 31.52  ? 84  VAL A CA  1 
ATOM 453  C C   . VAL A 1 84  ? 2.596   -1.413  -5.089  1.00 39.31  ? 84  VAL A C   1 
ATOM 454  O O   . VAL A 1 84  ? 1.463   -1.608  -4.635  1.00 44.17  ? 84  VAL A O   1 
ATOM 455  C CB  . VAL A 1 84  ? 4.067   0.187   -3.821  1.00 36.55  ? 84  VAL A CB  1 
ATOM 456  C CG1 . VAL A 1 84  ? 5.071   1.309   -4.022  1.00 44.82  ? 84  VAL A CG1 1 
ATOM 457  C CG2 . VAL A 1 84  ? 3.182   0.452   -2.616  1.00 35.97  ? 84  VAL A CG2 1 
ATOM 458  N N   . LEU A 1 85  ? 3.348   -2.383  -5.598  1.00 43.42  ? 85  LEU A N   1 
ATOM 459  C CA  . LEU A 1 85  ? 2.900   -3.767  -5.634  1.00 40.23  ? 85  LEU A CA  1 
ATOM 460  C C   . LEU A 1 85  ? 3.359   -4.511  -4.387  1.00 38.81  ? 85  LEU A C   1 
ATOM 461  O O   . LEU A 1 85  ? 4.422   -4.233  -3.826  1.00 41.95  ? 85  LEU A O   1 
ATOM 462  C CB  . LEU A 1 85  ? 3.423   -4.482  -6.882  1.00 41.48  ? 85  LEU A CB  1 
ATOM 463  C CG  . LEU A 1 85  ? 3.154   -3.818  -8.232  1.00 39.11  ? 85  LEU A CG  1 
ATOM 464  C CD1 . LEU A 1 85  ? 3.645   -4.702  -9.372  1.00 41.26  ? 85  LEU A CD1 1 
ATOM 465  C CD2 . LEU A 1 85  ? 1.677   -3.498  -8.394  1.00 41.69  ? 85  LEU A CD2 1 
ATOM 466  N N   . GLY A 1 86  ? 2.539   -5.466  -3.957  1.00 39.34  ? 86  GLY A N   1 
ATOM 467  C CA  . GLY A 1 86  ? 2.862   -6.309  -2.823  1.00 47.27  ? 86  GLY A CA  1 
ATOM 468  C C   . GLY A 1 86  ? 2.413   -7.737  -3.047  1.00 47.06  ? 86  GLY A C   1 
ATOM 469  O O   . GLY A 1 86  ? 1.984   -8.090  -4.150  1.00 50.06  ? 86  GLY A O   1 
ATOM 470  N N   . GLY A 1 87  ? 2.494   -8.565  -2.013  1.00 38.30  ? 87  GLY A N   1 
ATOM 471  C CA  . GLY A 1 87  ? 2.084   -9.953  -2.148  1.00 36.31  ? 87  GLY A CA  1 
ATOM 472  C C   . GLY A 1 87  ? 3.228   -10.821 -2.612  1.00 45.47  ? 87  GLY A C   1 
ATOM 473  O O   . GLY A 1 87  ? 4.294   -10.848 -1.994  1.00 55.35  ? 87  GLY A O   1 
ATOM 474  N N   . SER A 1 88  ? 3.007   -11.542 -3.708  1.00 46.61  ? 88  SER A N   1 
ATOM 475  C CA  . SER A 1 88  ? 3.963   -12.513 -4.224  1.00 45.94  ? 88  SER A CA  1 
ATOM 476  C C   . SER A 1 88  ? 5.127   -11.880 -4.979  1.00 55.36  ? 88  SER A C   1 
ATOM 477  O O   . SER A 1 88  ? 5.865   -12.603 -5.656  1.00 56.45  ? 88  SER A O   1 
ATOM 478  C CB  . SER A 1 88  ? 3.244   -13.507 -5.139  1.00 48.99  ? 88  SER A CB  1 
ATOM 479  O OG  . SER A 1 88  ? 2.101   -14.045 -4.499  1.00 55.85  ? 88  SER A OG  1 
ATOM 480  N N   . ILE A 1 89  ? 5.319   -10.566 -4.880  1.00 59.14  ? 89  ILE A N   1 
ATOM 481  C CA  . ILE A 1 89  ? 6.333   -9.893  -5.685  1.00 55.64  ? 89  ILE A CA  1 
ATOM 482  C C   . ILE A 1 89  ? 7.720   -10.291 -5.198  1.00 63.89  ? 89  ILE A C   1 
ATOM 483  O O   . ILE A 1 89  ? 8.043   -10.154 -4.012  1.00 57.93  ? 89  ILE A O   1 
ATOM 484  C CB  . ILE A 1 89  ? 6.157   -8.371  -5.637  1.00 48.87  ? 89  ILE A CB  1 
ATOM 485  C CG1 . ILE A 1 89  ? 4.701   -7.990  -5.895  1.00 51.19  ? 89  ILE A CG1 1 
ATOM 486  C CG2 . ILE A 1 89  ? 7.067   -7.707  -6.647  1.00 55.53  ? 89  ILE A CG2 1 
ATOM 487  C CD1 . ILE A 1 89  ? 4.159   -8.510  -7.204  1.00 55.38  ? 89  ILE A CD1 1 
ATOM 488  N N   . ASP A 1 90  ? 8.544   -10.793 -6.118  1.00 72.28  ? 90  ASP A N   1 
ATOM 489  C CA  . ASP A 1 90  ? 9.979   -10.939 -5.889  1.00 70.07  ? 90  ASP A CA  1 
ATOM 490  C C   . ASP A 1 90  ? 10.642  -9.637  -6.326  1.00 70.99  ? 90  ASP A C   1 
ATOM 491  O O   . ASP A 1 90  ? 11.133  -9.493  -7.448  1.00 70.38  ? 90  ASP A O   1 
ATOM 492  C CB  . ASP A 1 90  ? 10.540  -12.133 -6.646  1.00 68.08  ? 90  ASP A CB  1 
ATOM 493  C CG  . ASP A 1 90  ? 12.003  -12.383 -6.332  1.00 72.84  ? 90  ASP A CG  1 
ATOM 494  O OD1 . ASP A 1 90  ? 12.536  -11.739 -5.404  1.00 71.88  ? 90  ASP A OD1 1 
ATOM 495  O OD2 . ASP A 1 90  ? 12.631  -13.217 -7.021  1.00 75.20  ? 90  ASP A OD2 1 
ATOM 496  N N   . SER A 1 91  ? 10.662  -8.674  -5.411  1.00 74.85  ? 91  SER A N   1 
ATOM 497  C CA  . SER A 1 91  ? 11.158  -7.334  -5.713  1.00 72.27  ? 91  SER A CA  1 
ATOM 498  C C   . SER A 1 91  ? 12.652  -7.294  -5.943  1.00 74.03  ? 91  SER A C   1 
ATOM 499  O O   . SER A 1 91  ? 13.203  -6.204  -6.143  1.00 74.21  ? 91  SER A O   1 
ATOM 500  C CB  . SER A 1 91  ? 10.789  -6.385  -4.573  1.00 71.17  ? 91  SER A CB  1 
ATOM 501  O OG  . SER A 1 91  ? 11.394  -6.800  -3.360  1.00 70.65  ? 91  SER A OG  1 
ATOM 502  N N   . ASP A 1 92  ? 13.322  -8.447  -5.920  1.00 80.66  ? 92  ASP A N   1 
ATOM 503  C CA  . ASP A 1 92  ? 14.745  -8.499  -6.218  1.00 80.73  ? 92  ASP A CA  1 
ATOM 504  C C   . ASP A 1 92  ? 15.031  -8.371  -7.708  1.00 81.16  ? 92  ASP A C   1 
ATOM 505  O O   . ASP A 1 92  ? 16.167  -8.056  -8.080  1.00 79.00  ? 92  ASP A O   1 
ATOM 506  C CB  . ASP A 1 92  ? 15.333  -9.808  -5.691  1.00 79.42  ? 92  ASP A CB  1 
ATOM 507  C CG  . ASP A 1 92  ? 14.928  -10.092 -4.255  1.00 78.89  ? 92  ASP A CG  1 
ATOM 508  O OD1 . ASP A 1 92  ? 14.383  -9.180  -3.598  1.00 78.31  ? 92  ASP A OD1 1 
ATOM 509  O OD2 . ASP A 1 92  ? 15.146  -11.227 -3.788  1.00 80.07  ? 92  ASP A OD2 1 
ATOM 510  N N   . GLN A 1 93  ? 14.034  -8.589  -8.566  1.00 79.46  ? 93  GLN A N   1 
ATOM 511  C CA  . GLN A 1 93  ? 14.252  -8.781  -9.992  1.00 78.93  ? 93  GLN A CA  1 
ATOM 512  C C   . GLN A 1 93  ? 13.472  -7.758  -10.808 1.00 75.92  ? 93  GLN A C   1 
ATOM 513  O O   . GLN A 1 93  ? 12.434  -7.250  -10.375 1.00 75.38  ? 93  GLN A O   1 
ATOM 514  C CB  . GLN A 1 93  ? 13.838  -10.195 -10.417 1.00 77.23  ? 93  GLN A CB  1 
ATOM 515  C CG  . GLN A 1 93  ? 14.606  -11.305 -9.715  1.00 74.66  ? 93  GLN A CG  1 
ATOM 516  C CD  . GLN A 1 93  ? 16.106  -11.135 -9.822  1.00 79.70  ? 93  GLN A CD  1 
ATOM 517  O OE1 . GLN A 1 93  ? 16.832  -11.279 -8.839  1.00 78.52  ? 93  GLN A OE1 1 
ATOM 518  N NE2 . GLN A 1 93  ? 16.580  -10.820 -11.021 1.00 80.20  ? 93  GLN A NE2 1 
ATOM 519  N N   . THR A 1 94  ? 13.991  -7.464  -11.996 1.00 71.68  ? 94  THR A N   1 
ATOM 520  C CA  . THR A 1 94  ? 13.367  -6.483  -12.877 1.00 73.44  ? 94  THR A CA  1 
ATOM 521  C C   . THR A 1 94  ? 12.123  -7.076  -13.535 1.00 77.40  ? 94  THR A C   1 
ATOM 522  O O   . THR A 1 94  ? 12.155  -8.230  -13.977 1.00 76.73  ? 94  THR A O   1 
ATOM 523  C CB  . THR A 1 94  ? 14.354  -6.038  -13.951 1.00 75.99  ? 94  THR A CB  1 
ATOM 524  O OG1 . THR A 1 94  ? 15.613  -5.716  -13.347 1.00 78.50  ? 94  THR A OG1 1 
ATOM 525  C CG2 . THR A 1 94  ? 13.827  -4.822  -14.696 1.00 73.75  ? 94  THR A CG2 1 
ATOM 526  N N   . PRO A 1 95  ? 11.025  -6.330  -13.634 1.00 67.92  ? 95  PRO A N   1 
ATOM 527  C CA  . PRO A 1 95  ? 9.824   -6.869  -14.275 1.00 65.86  ? 95  PRO A CA  1 
ATOM 528  C C   . PRO A 1 95  ? 9.949   -6.908  -15.792 1.00 68.69  ? 95  PRO A C   1 
ATOM 529  O O   . PRO A 1 95  ? 10.783  -6.236  -16.400 1.00 64.75  ? 95  PRO A O   1 
ATOM 530  C CB  . PRO A 1 95  ? 8.726   -5.895  -13.836 1.00 61.84  ? 95  PRO A CB  1 
ATOM 531  C CG  . PRO A 1 95  ? 9.428   -4.612  -13.728 1.00 65.25  ? 95  PRO A CG  1 
ATOM 532  C CD  . PRO A 1 95  ? 10.806  -4.943  -13.188 1.00 64.41  ? 95  PRO A CD  1 
ATOM 533  N N   . TYR A 1 96  ? 9.085   -7.721  -16.396 1.00 74.98  ? 96  TYR A N   1 
ATOM 534  C CA  . TYR A 1 96  ? 9.132   -7.994  -17.829 1.00 71.31  ? 96  TYR A CA  1 
ATOM 535  C C   . TYR A 1 96  ? 8.666   -6.761  -18.597 1.00 71.42  ? 96  TYR A C   1 
ATOM 536  O O   . TYR A 1 96  ? 7.468   -6.464  -18.639 1.00 74.83  ? 96  TYR A O   1 
ATOM 537  C CB  . TYR A 1 96  ? 8.258   -9.206  -18.136 1.00 72.08  ? 96  TYR A CB  1 
ATOM 538  C CG  . TYR A 1 96  ? 8.353   -9.759  -19.539 1.00 73.47  ? 96  TYR A CG  1 
ATOM 539  C CD1 . TYR A 1 96  ? 9.523   -10.351 -19.997 1.00 72.15  ? 96  TYR A CD1 1 
ATOM 540  C CD2 . TYR A 1 96  ? 7.256   -9.730  -20.391 1.00 71.69  ? 96  TYR A CD2 1 
ATOM 541  C CE1 . TYR A 1 96  ? 9.608   -10.876 -21.272 1.00 68.70  ? 96  TYR A CE1 1 
ATOM 542  C CE2 . TYR A 1 96  ? 7.329   -10.252 -21.667 1.00 72.18  ? 96  TYR A CE2 1 
ATOM 543  C CZ  . TYR A 1 96  ? 8.505   -10.824 -22.102 1.00 71.42  ? 96  TYR A CZ  1 
ATOM 544  O OH  . TYR A 1 96  ? 8.575   -11.343 -23.372 1.00 70.34  ? 96  TYR A OH  1 
ATOM 545  N N   . GLN A 1 97  ? 9.614   -6.038  -19.192 1.00 76.87  ? 97  GLN A N   1 
ATOM 546  C CA  . GLN A 1 97  ? 9.330   -4.827  -19.958 1.00 82.36  ? 97  GLN A CA  1 
ATOM 547  C C   . GLN A 1 97  ? 8.383   -3.897  -19.203 1.00 79.21  ? 97  GLN A C   1 
ATOM 548  O O   . GLN A 1 97  ? 8.448   -3.804  -17.972 1.00 75.24  ? 97  GLN A O   1 
ATOM 549  C CB  . GLN A 1 97  ? 8.775   -5.177  -21.346 1.00 77.39  ? 97  GLN A CB  1 
ATOM 550  C CG  . GLN A 1 97  ? 7.378   -5.781  -21.395 1.00 74.39  ? 97  GLN A CG  1 
ATOM 551  C CD  . GLN A 1 97  ? 6.703   -5.530  -22.732 1.00 76.33  ? 97  GLN A CD  1 
ATOM 552  O OE1 . GLN A 1 97  ? 6.795   -4.433  -23.286 1.00 77.25  ? 97  GLN A OE1 1 
ATOM 553  N NE2 . GLN A 1 97  ? 6.030   -6.544  -23.261 1.00 76.55  ? 97  GLN A NE2 1 
ATOM 554  N N   . GLY A 1 98  ? 7.507   -3.203  -19.926 1.00 76.89  ? 98  GLY A N   1 
ATOM 555  C CA  . GLY A 1 98  ? 6.692   -2.173  -19.329 1.00 76.17  ? 98  GLY A CA  1 
ATOM 556  C C   . GLY A 1 98  ? 7.513   -0.924  -19.059 1.00 77.29  ? 98  GLY A C   1 
ATOM 557  O O   . GLY A 1 98  ? 8.687   -0.813  -19.414 1.00 76.30  ? 98  GLY A O   1 
ATOM 558  N N   . SER A 1 99  ? 6.857   0.035   -18.409 1.00 75.86  ? 99  SER A N   1 
ATOM 559  C CA  . SER A 1 99  ? 7.511   1.300   -18.101 1.00 76.09  ? 99  SER A CA  1 
ATOM 560  C C   . SER A 1 99  ? 8.652   1.153   -17.104 1.00 78.53  ? 99  SER A C   1 
ATOM 561  O O   . SER A 1 99  ? 9.436   2.097   -16.949 1.00 77.69  ? 99  SER A O   1 
ATOM 562  C CB  . SER A 1 99  ? 6.489   2.295   -17.546 1.00 74.36  ? 99  SER A CB  1 
ATOM 563  O OG  . SER A 1 99  ? 5.338   2.369   -18.370 1.00 75.35  ? 99  SER A OG  1 
ATOM 564  N N   . SER A 1 100 ? 8.763   0.011   -16.426 1.00 75.26  ? 100 SER A N   1 
ATOM 565  C CA  . SER A 1 100 ? 9.620   -0.082  -15.251 1.00 73.16  ? 100 SER A CA  1 
ATOM 566  C C   . SER A 1 100 ? 11.109  -0.162  -15.566 1.00 75.45  ? 100 SER A C   1 
ATOM 567  O O   . SER A 1 100 ? 11.859  0.783   -15.299 1.00 78.72  ? 100 SER A O   1 
ATOM 568  C CB  . SER A 1 100 ? 9.219   -1.316  -14.451 1.00 69.41  ? 100 SER A CB  1 
ATOM 569  O OG  . SER A 1 100 ? 10.089  -1.509  -13.350 1.00 76.65  ? 100 SER A OG  1 
ATOM 570  N N   . LYS A 1 101 ? 11.541  -1.282  -16.151 1.00 73.79  ? 101 LYS A N   1 
ATOM 571  C CA  . LYS A 1 101 ? 12.953  -1.521  -16.467 1.00 76.81  ? 101 LYS A CA  1 
ATOM 572  C C   . LYS A 1 101 ? 13.900  -1.211  -15.303 1.00 77.21  ? 101 LYS A C   1 
ATOM 573  O O   . LYS A 1 101 ? 15.108  -1.061  -15.507 1.00 76.55  ? 101 LYS A O   1 
ATOM 574  C CB  . LYS A 1 101 ? 13.373  -0.728  -17.705 1.00 78.42  ? 101 LYS A CB  1 
ATOM 575  C CG  . LYS A 1 101 ? 12.767  -1.218  -19.011 1.00 79.39  ? 101 LYS A CG  1 
ATOM 576  C CD  . LYS A 1 101 ? 13.397  -2.547  -19.390 1.00 78.35  ? 101 LYS A CD  1 
ATOM 577  C CE  . LYS A 1 101 ? 13.060  -2.965  -20.804 1.00 76.62  ? 101 LYS A CE  1 
ATOM 578  N NZ  . LYS A 1 101 ? 13.778  -4.218  -21.157 1.00 76.03  ? 101 LYS A NZ  1 
ATOM 579  N N   . ASN A 1 102 ? 13.393  -1.131  -14.067 1.00 78.73  ? 102 ASN A N   1 
ATOM 580  C CA  . ASN A 1 102 ? 14.285  -0.921  -12.929 1.00 77.84  ? 102 ASN A CA  1 
ATOM 581  C C   . ASN A 1 102 ? 14.247  -2.066  -11.921 1.00 79.08  ? 102 ASN A C   1 
ATOM 582  O O   . ASN A 1 102 ? 15.276  -2.698  -11.664 1.00 80.42  ? 102 ASN A O   1 
ATOM 583  C CB  . ASN A 1 102 ? 13.960  0.404   -12.227 1.00 78.41  ? 102 ASN A CB  1 
ATOM 584  C CG  . ASN A 1 102 ? 12.544  0.458   -11.692 1.00 78.94  ? 102 ASN A CG  1 
ATOM 585  O OD1 . ASN A 1 102 ? 11.748  -0.451  -11.922 1.00 81.34  ? 102 ASN A OD1 1 
ATOM 586  N ND2 . ASN A 1 102 ? 12.228  1.517   -10.953 1.00 79.65  ? 102 ASN A ND2 1 
ATOM 587  N N   . THR A 1 103 ? 13.077  -2.351  -11.353 1.00 74.33  ? 103 THR A N   1 
ATOM 588  C CA  . THR A 1 103 ? 12.987  -3.308  -10.259 1.00 72.80  ? 103 THR A CA  1 
ATOM 589  C C   . THR A 1 103 ? 11.565  -3.268  -9.714  1.00 69.21  ? 103 THR A C   1 
ATOM 590  O O   . THR A 1 103 ? 10.815  -2.322  -9.964  1.00 72.02  ? 103 THR A O   1 
ATOM 591  C CB  . THR A 1 103 ? 14.025  -2.999  -9.169  1.00 73.29  ? 103 THR A CB  1 
ATOM 592  O OG1 . THR A 1 103 ? 15.330  -3.341  -9.649  1.00 73.52  ? 103 THR A OG1 1 
ATOM 593  C CG2 . THR A 1 103 ? 13.774  -3.801  -7.907  1.00 71.80  ? 103 THR A CG2 1 
ATOM 594  N N   . GLY A 1 104 ? 11.200  -4.309  -8.968  1.00 62.75  ? 104 GLY A N   1 
ATOM 595  C CA  . GLY A 1 104 ? 9.873   -4.409  -8.395  1.00 59.41  ? 104 GLY A CA  1 
ATOM 596  C C   . GLY A 1 104 ? 9.510   -3.321  -7.402  1.00 60.78  ? 104 GLY A C   1 
ATOM 597  O O   . GLY A 1 104 ? 8.373   -3.286  -6.923  1.00 56.83  ? 104 GLY A O   1 
ATOM 598  N N   . LYS A 1 105 ? 10.451  -2.428  -7.080  1.00 72.49  ? 105 LYS A N   1 
ATOM 599  C CA  . LYS A 1 105 ? 10.174  -1.318  -6.170  1.00 68.99  ? 105 LYS A CA  1 
ATOM 600  C C   . LYS A 1 105 ? 9.506   -0.166  -6.921  1.00 64.95  ? 105 LYS A C   1 
ATOM 601  O O   . LYS A 1 105 ? 9.975   0.976   -6.907  1.00 55.25  ? 105 LYS A O   1 
ATOM 602  C CB  . LYS A 1 105 ? 11.470  -0.896  -5.454  1.00 65.95  ? 105 LYS A CB  1 
ATOM 603  C CG  . LYS A 1 105 ? 12.306  0.215   -6.094  1.00 67.92  ? 105 LYS A CG  1 
ATOM 604  C CD  . LYS A 1 105 ? 13.776  0.097   -5.703  1.00 67.26  ? 105 LYS A CD  1 
ATOM 605  C CE  . LYS A 1 105 ? 13.973  0.242   -4.197  1.00 67.26  ? 105 LYS A CE  1 
ATOM 606  N NZ  . LYS A 1 105 ? 13.239  1.402   -3.615  1.00 67.20  ? 105 LYS A NZ  1 
ATOM 607  N N   . LEU A 1 106 ? 8.377   -0.464  -7.550  1.00 63.72  ? 106 LEU A N   1 
ATOM 608  C CA  . LEU A 1 106 ? 7.766   0.454   -8.496  1.00 56.22  ? 106 LEU A CA  1 
ATOM 609  C C   . LEU A 1 106 ? 7.181   1.681   -7.802  1.00 56.23  ? 106 LEU A C   1 
ATOM 610  O O   . LEU A 1 106 ? 6.872   1.673   -6.609  1.00 57.07  ? 106 LEU A O   1 
ATOM 611  C CB  . LEU A 1 106 ? 6.661   -0.255  -9.277  1.00 52.53  ? 106 LEU A CB  1 
ATOM 612  C CG  . LEU A 1 106 ? 7.074   -1.099  -10.482 1.00 51.36  ? 106 LEU A CG  1 
ATOM 613  C CD1 . LEU A 1 106 ? 8.062   -0.358  -11.344 1.00 48.71  ? 106 LEU A CD1 1 
ATOM 614  C CD2 . LEU A 1 106 ? 7.649   -2.429  -10.041 1.00 53.18  ? 106 LEU A CD2 1 
ATOM 615  N N   . LYS A 1 107 ? 7.045   2.753   -8.582  1.00 50.96  ? 107 LYS A N   1 
ATOM 616  C CA  . LYS A 1 107 ? 6.212   3.910   -8.256  1.00 40.09  ? 107 LYS A CA  1 
ATOM 617  C C   . LYS A 1 107 ? 5.270   4.097   -9.441  1.00 44.32  ? 107 LYS A C   1 
ATOM 618  O O   . LYS A 1 107 ? 5.556   4.868   -10.359 1.00 54.36  ? 107 LYS A O   1 
ATOM 619  C CB  . LYS A 1 107 ? 7.046   5.181   -8.008  1.00 46.70  ? 107 LYS A CB  1 
ATOM 620  C CG  . LYS A 1 107 ? 7.289   5.536   -6.554  1.00 49.40  ? 107 LYS A CG  1 
ATOM 621  C CD  . LYS A 1 107 ? 8.509   4.842   -5.985  1.00 53.68  ? 107 LYS A CD  1 
ATOM 622  C CE  . LYS A 1 107 ? 8.709   5.202   -4.521  1.00 53.11  ? 107 LYS A CE  1 
ATOM 623  N NZ  . LYS A 1 107 ? 9.423   4.141   -3.769  1.00 53.70  ? 107 LYS A NZ  1 
ATOM 624  N N   . LEU A 1 108 ? 4.143   3.393   -9.422  1.00 37.23  ? 108 LEU A N   1 
ATOM 625  C CA  . LEU A 1 108 ? 3.216   3.456   -10.544 1.00 38.93  ? 108 LEU A CA  1 
ATOM 626  C C   . LEU A 1 108 ? 2.347   4.705   -10.466 1.00 38.30  ? 108 LEU A C   1 
ATOM 627  O O   . LEU A 1 108 ? 1.898   5.109   -9.391  1.00 37.49  ? 108 LEU A O   1 
ATOM 628  C CB  . LEU A 1 108 ? 2.334   2.209   -10.583 1.00 41.66  ? 108 LEU A CB  1 
ATOM 629  C CG  . LEU A 1 108 ? 3.046   0.864   -10.735 1.00 33.68  ? 108 LEU A CG  1 
ATOM 630  C CD1 . LEU A 1 108 ? 2.033   -0.266  -10.807 1.00 35.90  ? 108 LEU A CD1 1 
ATOM 631  C CD2 . LEU A 1 108 ? 3.950   0.850   -11.958 1.00 44.39  ? 108 LEU A CD2 1 
ATOM 632  N N   . THR A 1 109 ? 2.120   5.318   -11.624 1.00 36.53  ? 109 THR A N   1 
ATOM 633  C CA  . THR A 1 109 ? 1.230   6.458   -11.774 1.00 37.61  ? 109 THR A CA  1 
ATOM 634  C C   . THR A 1 109 ? 0.360   6.228   -13.000 1.00 36.08  ? 109 THR A C   1 
ATOM 635  O O   . THR A 1 109 ? 0.590   5.307   -13.786 1.00 43.73  ? 109 THR A O   1 
ATOM 636  C CB  . THR A 1 109 ? 2.006   7.776   -11.910 1.00 42.35  ? 109 THR A CB  1 
ATOM 637  O OG1 . THR A 1 109 ? 2.861   7.716   -13.058 1.00 46.39  ? 109 THR A OG1 1 
ATOM 638  C CG2 . THR A 1 109 ? 2.839   8.045   -10.664 1.00 39.60  ? 109 THR A CG2 1 
ATOM 639  N N   . VAL A 1 110 ? -0.654  7.079   -13.162 1.00 38.05  ? 110 VAL A N   1 
ATOM 640  C CA  . VAL A 1 110 ? -1.583  6.914   -14.272 1.00 34.70  ? 110 VAL A CA  1 
ATOM 641  C C   . VAL A 1 110 ? -0.808  6.890   -15.580 1.00 38.64  ? 110 VAL A C   1 
ATOM 642  O O   . VAL A 1 110 ? 0.069   7.729   -15.821 1.00 39.94  ? 110 VAL A O   1 
ATOM 643  C CB  . VAL A 1 110 ? -2.634  8.032   -14.264 1.00 23.90  ? 110 VAL A CB  1 
ATOM 644  C CG1 . VAL A 1 110 ? -3.408  8.029   -15.565 1.00 28.94  ? 110 VAL A CG1 1 
ATOM 645  C CG2 . VAL A 1 110 ? -3.578  7.856   -13.093 1.00 32.06  ? 110 VAL A CG2 1 
ATOM 646  N N   . GLY A 1 111 ? -1.128  5.916   -16.430 1.00 45.47  ? 111 GLY A N   1 
ATOM 647  C CA  . GLY A 1 111 ? -0.463  5.747   -17.702 1.00 39.94  ? 111 GLY A CA  1 
ATOM 648  C C   . GLY A 1 111 ? 0.726   4.813   -17.682 1.00 43.27  ? 111 GLY A C   1 
ATOM 649  O O   . GLY A 1 111 ? 1.273   4.515   -18.750 1.00 46.81  ? 111 GLY A O   1 
ATOM 650  N N   . ASP A 1 112 ? 1.151   4.351   -16.510 1.00 48.20  ? 112 ASP A N   1 
ATOM 651  C CA  . ASP A 1 112 ? 2.264   3.416   -16.417 1.00 44.65  ? 112 ASP A CA  1 
ATOM 652  C C   . ASP A 1 112 ? 1.772   1.984   -16.571 1.00 50.81  ? 112 ASP A C   1 
ATOM 653  O O   . ASP A 1 112 ? 0.768   1.590   -15.971 1.00 53.81  ? 112 ASP A O   1 
ATOM 654  C CB  . ASP A 1 112 ? 2.985   3.576   -15.078 1.00 46.49  ? 112 ASP A CB  1 
ATOM 655  C CG  . ASP A 1 112 ? 3.834   4.831   -15.015 1.00 53.08  ? 112 ASP A CG  1 
ATOM 656  O OD1 . ASP A 1 112 ? 4.868   4.815   -14.315 1.00 55.02  ? 112 ASP A OD1 1 
ATOM 657  O OD2 . ASP A 1 112 ? 3.472   5.831   -15.667 1.00 57.53  ? 112 ASP A OD2 1 
ATOM 658  N N   . SER A 1 113 ? 2.483   1.207   -17.384 1.00 50.68  ? 113 SER A N   1 
ATOM 659  C CA  . SER A 1 113 ? 2.216   -0.212  -17.560 1.00 46.82  ? 113 SER A CA  1 
ATOM 660  C C   . SER A 1 113 ? 3.448   -1.012  -17.161 1.00 49.57  ? 113 SER A C   1 
ATOM 661  O O   . SER A 1 113 ? 4.561   -0.711  -17.598 1.00 55.02  ? 113 SER A O   1 
ATOM 662  C CB  . SER A 1 113 ? 1.834   -0.528  -19.009 1.00 46.69  ? 113 SER A CB  1 
ATOM 663  O OG  . SER A 1 113 ? 0.773   0.300   -19.452 1.00 43.85  ? 113 SER A OG  1 
ATOM 664  N N   . VAL A 1 114 ? 3.241   -2.029  -16.328 1.00 50.32  ? 114 VAL A N   1 
ATOM 665  C CA  . VAL A 1 114 ? 4.298   -2.939  -15.905 1.00 47.74  ? 114 VAL A CA  1 
ATOM 666  C C   . VAL A 1 114 ? 3.772   -4.360  -16.031 1.00 52.76  ? 114 VAL A C   1 
ATOM 667  O O   . VAL A 1 114 ? 2.658   -4.654  -15.584 1.00 54.51  ? 114 VAL A O   1 
ATOM 668  C CB  . VAL A 1 114 ? 4.759   -2.660  -14.462 1.00 42.20  ? 114 VAL A CB  1 
ATOM 669  C CG1 . VAL A 1 114 ? 3.637   -2.963  -13.480 1.00 50.03  ? 114 VAL A CG1 1 
ATOM 670  C CG2 . VAL A 1 114 ? 6.000   -3.476  -14.137 1.00 48.99  ? 114 VAL A CG2 1 
ATOM 671  N N   . THR A 1 115 ? 4.567   -5.235  -16.637 1.00 53.45  ? 115 THR A N   1 
ATOM 672  C CA  . THR A 1 115 ? 4.208   -6.633  -16.815 1.00 47.17  ? 115 THR A CA  1 
ATOM 673  C C   . THR A 1 115 ? 5.135   -7.502  -15.977 1.00 49.78  ? 115 THR A C   1 
ATOM 674  O O   . THR A 1 115 ? 6.357   -7.326  -16.012 1.00 55.04  ? 115 THR A O   1 
ATOM 675  C CB  . THR A 1 115 ? 4.296   -7.040  -18.288 1.00 48.73  ? 115 THR A CB  1 
ATOM 676  O OG1 . THR A 1 115 ? 3.453   -6.189  -19.075 1.00 52.73  ? 115 THR A OG1 1 
ATOM 677  C CG2 . THR A 1 115 ? 3.855   -8.479  -18.467 1.00 54.28  ? 115 THR A CG2 1 
ATOM 678  N N   . ILE A 1 116 ? 4.552   -8.440  -15.231 1.00 54.04  ? 116 ILE A N   1 
ATOM 679  C CA  . ILE A 1 116 ? 5.303   -9.367  -14.396 1.00 46.28  ? 116 ILE A CA  1 
ATOM 680  C C   . ILE A 1 116 ? 5.198   -10.754 -15.012 1.00 49.46  ? 116 ILE A C   1 
ATOM 681  O O   . ILE A 1 116 ? 4.208   -11.088 -15.670 1.00 55.21  ? 116 ILE A O   1 
ATOM 682  C CB  . ILE A 1 116 ? 4.816   -9.386  -12.928 1.00 50.32  ? 116 ILE A CB  1 
ATOM 683  C CG1 . ILE A 1 116 ? 3.947   -8.168  -12.616 1.00 49.30  ? 116 ILE A CG1 1 
ATOM 684  C CG2 . ILE A 1 116 ? 5.998   -9.431  -11.981 1.00 54.00  ? 116 ILE A CG2 1 
ATOM 685  C CD1 . ILE A 1 116 ? 3.340   -8.209  -11.249 1.00 47.55  ? 116 ILE A CD1 1 
ATOM 686  N N   . ASN A 1 117 ? 6.228   -11.566 -14.789 1.00 65.87  ? 117 ASN A N   1 
ATOM 687  C CA  . ASN A 1 117 ? 6.365   -12.840 -15.484 1.00 64.74  ? 117 ASN A CA  1 
ATOM 688  C C   . ASN A 1 117 ? 7.168   -13.791 -14.608 1.00 69.56  ? 117 ASN A C   1 
ATOM 689  O O   . ASN A 1 117 ? 8.211   -13.405 -14.073 1.00 75.46  ? 117 ASN A O   1 
ATOM 690  C CB  . ASN A 1 117 ? 7.061   -12.638 -16.834 1.00 63.12  ? 117 ASN A CB  1 
ATOM 691  C CG  . ASN A 1 117 ? 7.411   -13.938 -17.517 1.00 64.14  ? 117 ASN A CG  1 
ATOM 692  O OD1 . ASN A 1 117 ? 7.048   -15.020 -17.056 1.00 67.74  ? 117 ASN A OD1 1 
ATOM 693  N ND2 . ASN A 1 117 ? 8.136   -13.839 -18.622 1.00 68.27  ? 117 ASN A ND2 1 
ATOM 694  N N   . ALA A 1 118 ? 6.687   -15.030 -14.469 1.00 71.49  ? 118 ALA A N   1 
ATOM 695  C CA  . ALA A 1 118 ? 7.359   -16.005 -13.619 1.00 74.92  ? 118 ALA A CA  1 
ATOM 696  C C   . ALA A 1 118 ? 8.506   -16.714 -14.323 1.00 77.87  ? 118 ALA A C   1 
ATOM 697  O O   . ALA A 1 118 ? 9.361   -17.299 -13.650 1.00 76.76  ? 118 ALA A O   1 
ATOM 698  C CB  . ALA A 1 118 ? 6.361   -17.050 -13.113 1.00 71.19  ? 118 ALA A CB  1 
ATOM 699  N N   . ASN A 1 119 ? 8.543   -16.680 -15.650 1.00 78.99  ? 119 ASN A N   1 
ATOM 700  C CA  . ASN A 1 119 ? 9.649   -17.274 -16.382 1.00 76.65  ? 119 ASN A CA  1 
ATOM 701  C C   . ASN A 1 119 ? 10.930  -16.482 -16.143 1.00 75.79  ? 119 ASN A C   1 
ATOM 702  O O   . ASN A 1 119 ? 10.901  -15.283 -15.860 1.00 78.11  ? 119 ASN A O   1 
ATOM 703  C CB  . ASN A 1 119 ? 9.324   -17.326 -17.874 1.00 76.47  ? 119 ASN A CB  1 
ATOM 704  C CG  . ASN A 1 119 ? 8.054   -18.108 -18.165 1.00 71.71  ? 119 ASN A CG  1 
ATOM 705  O OD1 . ASN A 1 119 ? 7.043   -17.949 -17.481 1.00 68.68  ? 119 ASN A OD1 1 
ATOM 706  N ND2 . ASN A 1 119 ? 8.102   -18.960 -19.182 1.00 74.20  ? 119 ASN A ND2 1 
ATOM 707  N N   . ASN A 1 120 ? 12.061  -17.168 -16.258 1.00 89.88  ? 120 ASN A N   1 
ATOM 708  C CA  . ASN A 1 120 ? 13.379  -16.570 -16.086 1.00 91.12  ? 120 ASN A CA  1 
ATOM 709  C C   . ASN A 1 120 ? 14.066  -16.505 -17.450 1.00 91.50  ? 120 ASN A C   1 
ATOM 710  O O   . ASN A 1 120 ? 13.498  -16.903 -18.470 1.00 92.95  ? 120 ASN A O   1 
ATOM 711  C CB  . ASN A 1 120 ? 14.195  -17.358 -15.057 1.00 92.34  ? 120 ASN A CB  1 
ATOM 712  C CG  . ASN A 1 120 ? 14.507  -18.772 -15.513 1.00 93.12  ? 120 ASN A CG  1 
ATOM 713  O OD1 . ASN A 1 120 ? 14.926  -18.995 -16.648 1.00 93.33  ? 120 ASN A OD1 1 
ATOM 714  N ND2 . ASN A 1 120 ? 14.299  -19.738 -14.623 1.00 92.99  ? 120 ASN A ND2 1 
ATOM 715  N N   . ASP A 1 121 ? 15.303  -16.003 -17.467 1.00 91.77  ? 121 ASP A N   1 
ATOM 716  C CA  . ASP A 1 121 ? 15.993  -15.775 -18.736 1.00 92.95  ? 121 ASP A CA  1 
ATOM 717  C C   . ASP A 1 121 ? 17.500  -15.874 -18.495 1.00 93.81  ? 121 ASP A C   1 
ATOM 718  O O   . ASP A 1 121 ? 18.105  -14.935 -17.971 1.00 95.46  ? 121 ASP A O   1 
ATOM 719  C CB  . ASP A 1 121 ? 15.607  -14.427 -19.322 1.00 93.73  ? 121 ASP A CB  1 
ATOM 720  C CG  . ASP A 1 121 ? 16.057  -14.263 -20.761 1.00 94.50  ? 121 ASP A CG  1 
ATOM 721  O OD1 . ASP A 1 121 ? 16.896  -15.066 -21.221 1.00 93.17  ? 121 ASP A OD1 1 
ATOM 722  O OD2 . ASP A 1 121 ? 15.575  -13.328 -21.432 1.00 94.71  ? 121 ASP A OD2 1 
ATOM 723  N N   . GLY A 1 122 ? 18.084  -16.998 -18.889 1.00 99.01  ? 122 GLY A N   1 
ATOM 724  C CA  . GLY A 1 122 ? 19.525  -17.158 -18.784 1.00 99.28  ? 122 GLY A CA  1 
ATOM 725  C C   . GLY A 1 122 ? 19.996  -16.964 -17.358 1.00 100.87 ? 122 GLY A C   1 
ATOM 726  O O   . GLY A 1 122 ? 19.569  -17.666 -16.433 1.00 99.92  ? 122 GLY A O   1 
ATOM 727  N N   . SER A 1 123 ? 20.897  -15.997 -17.170 1.00 102.96 ? 123 SER A N   1 
ATOM 728  C CA  . SER A 1 123 ? 21.424  -15.711 -15.843 1.00 103.44 ? 123 SER A CA  1 
ATOM 729  C C   . SER A 1 123 ? 20.423  -14.973 -14.968 1.00 101.45 ? 123 SER A C   1 
ATOM 730  O O   . SER A 1 123 ? 20.519  -15.051 -13.738 1.00 100.74 ? 123 SER A O   1 
ATOM 731  C CB  . SER A 1 123 ? 22.705  -14.883 -15.952 1.00 103.06 ? 123 SER A CB  1 
ATOM 732  O OG  . SER A 1 123 ? 22.466  -13.664 -16.638 1.00 104.16 ? 123 SER A OG  1 
ATOM 733  N N   . VAL A 1 124 ? 19.467  -14.266 -15.569 1.00 96.84  ? 124 VAL A N   1 
ATOM 734  C CA  . VAL A 1 124 ? 18.477  -13.531 -14.794 1.00 96.09  ? 124 VAL A CA  1 
ATOM 735  C C   . VAL A 1 124 ? 17.482  -14.506 -14.185 1.00 96.02  ? 124 VAL A C   1 
ATOM 736  O O   . VAL A 1 124 ? 17.052  -15.470 -14.833 1.00 96.64  ? 124 VAL A O   1 
ATOM 737  C CB  . VAL A 1 124 ? 17.762  -12.492 -15.669 1.00 95.67  ? 124 VAL A CB  1 
ATOM 738  C CG1 . VAL A 1 124 ? 16.996  -11.509 -14.796 1.00 92.66  ? 124 VAL A CG1 1 
ATOM 739  C CG2 . VAL A 1 124 ? 18.761  -11.763 -16.561 1.00 96.14  ? 124 VAL A CG2 1 
ATOM 740  N N   . ALA A 1 125 ? 17.115  -14.262 -12.933 1.00 86.08  ? 125 ALA A N   1 
ATOM 741  C CA  . ALA A 1 125 ? 16.078  -15.040 -12.274 1.00 83.96  ? 125 ALA A CA  1 
ATOM 742  C C   . ALA A 1 125 ? 14.714  -14.588 -12.793 1.00 86.54  ? 125 ALA A C   1 
ATOM 743  O O   . ALA A 1 125 ? 14.604  -13.805 -13.741 1.00 87.85  ? 125 ALA A O   1 
ATOM 744  C CB  . ALA A 1 125 ? 16.191  -14.905 -10.759 1.00 80.82  ? 125 ALA A CB  1 
ATOM 745  N N   . ASN A 1 126 ? 13.654  -15.097 -12.168 1.00 83.64  ? 126 ASN A N   1 
ATOM 746  C CA  . ASN A 1 126 ? 12.295  -14.797 -12.600 1.00 81.46  ? 126 ASN A CA  1 
ATOM 747  C C   . ASN A 1 126 ? 12.096  -13.302 -12.817 1.00 74.93  ? 126 ASN A C   1 
ATOM 748  O O   . ASN A 1 126 ? 12.749  -12.473 -12.179 1.00 79.34  ? 126 ASN A O   1 
ATOM 749  C CB  . ASN A 1 126 ? 11.290  -15.314 -11.566 1.00 82.85  ? 126 ASN A CB  1 
ATOM 750  C CG  . ASN A 1 126 ? 11.699  -15.006 -10.127 1.00 80.77  ? 126 ASN A CG  1 
ATOM 751  O OD1 . ASN A 1 126 ? 11.666  -15.888 -9.271  1.00 78.27  ? 126 ASN A OD1 1 
ATOM 752  N ND2 . ASN A 1 126 ? 12.082  -13.762 -9.855  1.00 78.91  ? 126 ASN A ND2 1 
ATOM 753  N N   . TYR A 1 127 ? 11.187  -12.964 -13.731 1.00 66.12  ? 127 TYR A N   1 
ATOM 754  C CA  . TYR A 1 127 ? 10.855  -11.569 -13.991 1.00 69.92  ? 127 TYR A CA  1 
ATOM 755  C C   . TYR A 1 127 ? 9.816   -11.048 -13.005 1.00 71.84  ? 127 TYR A C   1 
ATOM 756  O O   . TYR A 1 127 ? 8.785   -10.507 -13.413 1.00 71.60  ? 127 TYR A O   1 
ATOM 757  C CB  . TYR A 1 127 ? 10.342  -11.394 -15.421 1.00 69.94  ? 127 TYR A CB  1 
ATOM 758  C CG  . TYR A 1 127 ? 11.406  -11.451 -16.491 1.00 73.27  ? 127 TYR A CG  1 
ATOM 759  C CD1 . TYR A 1 127 ? 12.339  -10.434 -16.615 1.00 74.79  ? 127 TYR A CD1 1 
ATOM 760  C CD2 . TYR A 1 127 ? 11.453  -12.500 -17.401 1.00 74.03  ? 127 TYR A CD2 1 
ATOM 761  C CE1 . TYR A 1 127 ? 13.309  -10.468 -17.597 1.00 77.23  ? 127 TYR A CE1 1 
ATOM 762  C CE2 . TYR A 1 127 ? 12.420  -12.542 -18.391 1.00 72.36  ? 127 TYR A CE2 1 
ATOM 763  C CZ  . TYR A 1 127 ? 13.343  -11.521 -18.484 1.00 76.95  ? 127 TYR A CZ  1 
ATOM 764  O OH  . TYR A 1 127 ? 14.312  -11.548 -19.462 1.00 79.75  ? 127 TYR A OH  1 
ATOM 765  N N   . GLY A 1 128 ? 10.077  -11.198 -11.708 1.00 70.11  ? 128 GLY A N   1 
ATOM 766  C CA  . GLY A 1 128 ? 9.274   -10.577 -10.674 1.00 68.44  ? 128 GLY A CA  1 
ATOM 767  C C   . GLY A 1 128 ? 8.402   -11.519 -9.877  1.00 70.98  ? 128 GLY A C   1 
ATOM 768  O O   . GLY A 1 128 ? 7.951   -11.139 -8.790  1.00 68.92  ? 128 GLY A O   1 
ATOM 769  N N   . LEU A 1 129 ? 8.145   -12.728 -10.368 1.00 68.34  ? 129 LEU A N   1 
ATOM 770  C CA  . LEU A 1 129 ? 7.307   -13.696 -9.670  1.00 63.23  ? 129 LEU A CA  1 
ATOM 771  C C   . LEU A 1 129 ? 8.171   -14.871 -9.232  1.00 63.65  ? 129 LEU A C   1 
ATOM 772  O O   . LEU A 1 129 ? 8.758   -15.561 -10.072 1.00 62.36  ? 129 LEU A O   1 
ATOM 773  C CB  . LEU A 1 129 ? 6.158   -14.177 -10.557 1.00 58.10  ? 129 LEU A CB  1 
ATOM 774  C CG  . LEU A 1 129 ? 5.224   -13.101 -11.115 1.00 54.38  ? 129 LEU A CG  1 
ATOM 775  C CD1 . LEU A 1 129 ? 4.142   -13.715 -11.994 1.00 51.49  ? 129 LEU A CD1 1 
ATOM 776  C CD2 . LEU A 1 129 ? 4.604   -12.291 -9.993  1.00 56.76  ? 129 LEU A CD2 1 
ATOM 777  N N   . SER A 1 130 ? 8.249   -15.088 -7.919  1.00 63.17  ? 130 SER A N   1 
ATOM 778  C CA  . SER A 1 130 ? 8.979   -16.222 -7.367  1.00 64.08  ? 130 SER A CA  1 
ATOM 779  C C   . SER A 1 130 ? 8.102   -17.458 -7.241  1.00 62.11  ? 130 SER A C   1 
ATOM 780  O O   . SER A 1 130 ? 8.534   -18.564 -7.584  1.00 60.56  ? 130 SER A O   1 
ATOM 781  C CB  . SER A 1 130 ? 9.553   -15.858 -5.996  1.00 63.21  ? 130 SER A CB  1 
ATOM 782  O OG  . SER A 1 130 ? 10.239  -16.955 -5.421  1.00 57.70  ? 130 SER A OG  1 
ATOM 783  N N   . SER A 1 131 ? 6.876   -17.292 -6.755  1.00 52.19  ? 131 SER A N   1 
ATOM 784  C CA  . SER A 1 131 ? 5.953   -18.407 -6.643  1.00 48.86  ? 131 SER A CA  1 
ATOM 785  C C   . SER A 1 131 ? 5.201   -18.602 -7.952  1.00 47.67  ? 131 SER A C   1 
ATOM 786  O O   . SER A 1 131 ? 4.894   -17.643 -8.665  1.00 50.14  ? 131 SER A O   1 
ATOM 787  C CB  . SER A 1 131 ? 4.965   -18.169 -5.503  1.00 53.82  ? 131 SER A CB  1 
ATOM 788  O OG  . SER A 1 131 ? 5.646   -17.943 -4.280  1.00 55.62  ? 131 SER A OG  1 
ATOM 789  N N   . THR A 1 132 ? 4.905   -19.863 -8.266  1.00 53.77  ? 132 THR A N   1 
ATOM 790  C CA  . THR A 1 132 ? 4.136   -20.169 -9.462  1.00 53.46  ? 132 THR A CA  1 
ATOM 791  C C   . THR A 1 132 ? 2.653   -19.886 -9.281  1.00 53.75  ? 132 THR A C   1 
ATOM 792  O O   . THR A 1 132 ? 1.948   -19.673 -10.275 1.00 53.42  ? 132 THR A O   1 
ATOM 793  C CB  . THR A 1 132 ? 4.332   -21.633 -9.855  1.00 56.35  ? 132 THR A CB  1 
ATOM 794  O OG1 . THR A 1 132 ? 5.698   -21.851 -10.227 1.00 61.54  ? 132 THR A OG1 1 
ATOM 795  C CG2 . THR A 1 132 ? 3.428   -22.001 -11.020 1.00 52.39  ? 132 THR A CG2 1 
ATOM 796  N N   . GLU A 1 133 ? 2.168   -19.888 -8.043  1.00 48.56  ? 133 GLU A N   1 
ATOM 797  C CA  . GLU A 1 133 ? 0.816   -19.460 -7.723  1.00 43.01  ? 133 GLU A CA  1 
ATOM 798  C C   . GLU A 1 133 ? 0.858   -18.555 -6.501  1.00 44.39  ? 133 GLU A C   1 
ATOM 799  O O   . GLU A 1 133 ? 1.745   -18.675 -5.653  1.00 49.17  ? 133 GLU A O   1 
ATOM 800  C CB  . GLU A 1 133 ? -0.119  -20.655 -7.475  1.00 51.21  ? 133 GLU A CB  1 
ATOM 801  C CG  . GLU A 1 133 ? 0.279   -21.552 -6.315  1.00 56.71  ? 133 GLU A CG  1 
ATOM 802  C CD  . GLU A 1 133 ? 1.227   -22.656 -6.737  1.00 58.36  ? 133 GLU A CD  1 
ATOM 803  O OE1 . GLU A 1 133 ? 0.876   -23.415 -7.664  1.00 59.91  ? 133 GLU A OE1 1 
ATOM 804  O OE2 . GLU A 1 133 ? 2.316   -22.773 -6.138  1.00 58.74  ? 133 GLU A OE2 1 
ATOM 805  N N   . GLY A 1 134 ? -0.102  -17.646 -6.422  1.00 43.94  ? 134 GLY A N   1 
ATOM 806  C CA  . GLY A 1 134 ? -0.149  -16.710 -5.320  1.00 46.14  ? 134 GLY A CA  1 
ATOM 807  C C   . GLY A 1 134 ? -0.986  -15.498 -5.680  1.00 43.60  ? 134 GLY A C   1 
ATOM 808  O O   . GLY A 1 134 ? -1.675  -15.472 -6.698  1.00 46.85  ? 134 GLY A O   1 
ATOM 809  N N   . THR A 1 135 ? -0.913  -14.498 -4.805  1.00 42.57  ? 135 THR A N   1 
ATOM 810  C CA  . THR A 1 135 ? -1.673  -13.266 -4.944  1.00 37.22  ? 135 THR A CA  1 
ATOM 811  C C   . THR A 1 135 ? -0.735  -12.079 -5.133  1.00 41.73  ? 135 THR A C   1 
ATOM 812  O O   . THR A 1 135 ? 0.286   -11.968 -4.448  1.00 53.40  ? 135 THR A O   1 
ATOM 813  C CB  . THR A 1 135 ? -2.554  -13.026 -3.717  1.00 41.28  ? 135 THR A CB  1 
ATOM 814  O OG1 . THR A 1 135 ? -3.404  -14.160 -3.504  1.00 50.42  ? 135 THR A OG1 1 
ATOM 815  C CG2 . THR A 1 135 ? -3.416  -11.795 -3.919  1.00 42.55  ? 135 THR A CG2 1 
ATOM 816  N N   . VAL A 1 136 ? -1.088  -11.199 -6.066  1.00 41.50  ? 136 VAL A N   1 
ATOM 817  C CA  . VAL A 1 136 ? -0.440  -9.902  -6.229  1.00 39.23  ? 136 VAL A CA  1 
ATOM 818  C C   . VAL A 1 136 ? -1.423  -8.828  -5.790  1.00 43.10  ? 136 VAL A C   1 
ATOM 819  O O   . VAL A 1 136 ? -2.578  -8.819  -6.233  1.00 46.86  ? 136 VAL A O   1 
ATOM 820  C CB  . VAL A 1 136 ? 0.015   -9.675  -7.682  1.00 41.29  ? 136 VAL A CB  1 
ATOM 821  C CG1 . VAL A 1 136 ? 0.772   -8.367  -7.795  1.00 40.82  ? 136 VAL A CG1 1 
ATOM 822  C CG2 . VAL A 1 136 ? 0.879   -10.836 -8.162  1.00 43.16  ? 136 VAL A CG2 1 
ATOM 823  N N   . THR A 1 137 ? -0.975  -7.930  -4.917  1.00 38.75  ? 137 THR A N   1 
ATOM 824  C CA  . THR A 1 137 ? -1.811  -6.869  -4.374  1.00 35.47  ? 137 THR A CA  1 
ATOM 825  C C   . THR A 1 137 ? -1.248  -5.509  -4.758  1.00 39.58  ? 137 THR A C   1 
ATOM 826  O O   . THR A 1 137 ? -0.030  -5.319  -4.791  1.00 47.18  ? 137 THR A O   1 
ATOM 827  C CB  . THR A 1 137 ? -1.909  -6.966  -2.851  1.00 36.14  ? 137 THR A CB  1 
ATOM 828  O OG1 . THR A 1 137 ? -0.628  -6.694  -2.272  1.00 40.19  ? 137 THR A OG1 1 
ATOM 829  C CG2 . THR A 1 137 ? -2.359  -8.351  -2.437  1.00 33.17  ? 137 THR A CG2 1 
ATOM 830  N N   . ALA A 1 138 ? -2.144  -4.566  -5.036  1.00 39.57  ? 138 ALA A N   1 
ATOM 831  C CA  . ALA A 1 138 ? -1.785  -3.191  -5.354  1.00 35.18  ? 138 ALA A CA  1 
ATOM 832  C C   . ALA A 1 138 ? -2.120  -2.305  -4.163  1.00 37.08  ? 138 ALA A C   1 
ATOM 833  O O   . ALA A 1 138 ? -3.244  -2.346  -3.652  1.00 39.18  ? 138 ALA A O   1 
ATOM 834  C CB  . ALA A 1 138 ? -2.522  -2.704  -6.602  1.00 34.97  ? 138 ALA A CB  1 
ATOM 835  N N   . ILE A 1 139 ? -1.148  -1.509  -3.726  1.00 30.09  ? 139 ILE A N   1 
ATOM 836  C CA  . ILE A 1 139 ? -1.258  -0.712  -2.510  1.00 25.23  ? 139 ILE A CA  1 
ATOM 837  C C   . ILE A 1 139 ? -1.106  0.757   -2.883  1.00 31.27  ? 139 ILE A C   1 
ATOM 838  O O   . ILE A 1 139 ? -0.098  1.148   -3.484  1.00 45.10  ? 139 ILE A O   1 
ATOM 839  C CB  . ILE A 1 139 ? -0.198  -1.119  -1.474  1.00 27.59  ? 139 ILE A CB  1 
ATOM 840  C CG1 . ILE A 1 139 ? -0.383  -2.579  -1.062  1.00 30.96  ? 139 ILE A CG1 1 
ATOM 841  C CG2 . ILE A 1 139 ? -0.272  -0.228  -0.251  1.00 32.15  ? 139 ILE A CG2 1 
ATOM 842  C CD1 . ILE A 1 139 ? 0.910   -3.269  -0.707  1.00 29.93  ? 139 ILE A CD1 1 
ATOM 843  N N   . ALA A 1 140 ? -2.097  1.567   -2.517  1.00 29.49  ? 140 ALA A N   1 
ATOM 844  C CA  . ALA A 1 140 ? -2.049  3.007   -2.735  1.00 30.01  ? 140 ALA A CA  1 
ATOM 845  C C   . ALA A 1 140 ? -1.389  3.680   -1.540  1.00 38.06  ? 140 ALA A C   1 
ATOM 846  O O   . ALA A 1 140 ? -1.709  3.366   -0.389  1.00 46.05  ? 140 ALA A O   1 
ATOM 847  C CB  . ALA A 1 140 ? -3.453  3.569   -2.953  1.00 30.98  ? 140 ALA A CB  1 
ATOM 848  N N   . VAL A 1 141 ? -0.478  4.612   -1.812  1.00 34.71  ? 141 VAL A N   1 
ATOM 849  C CA  . VAL A 1 141 ? 0.352   5.236   -0.789  1.00 27.24  ? 141 VAL A CA  1 
ATOM 850  C C   . VAL A 1 141 ? 0.108   6.737   -0.796  1.00 37.73  ? 141 VAL A C   1 
ATOM 851  O O   . VAL A 1 141 ? 0.110   7.365   -1.860  1.00 42.58  ? 141 VAL A O   1 
ATOM 852  C CB  . VAL A 1 141 ? 1.845   4.941   -1.016  1.00 31.48  ? 141 VAL A CB  1 
ATOM 853  C CG1 . VAL A 1 141 ? 2.673   5.544   0.102   1.00 38.75  ? 141 VAL A CG1 1 
ATOM 854  C CG2 . VAL A 1 141 ? 2.081   3.446   -1.130  1.00 34.50  ? 141 VAL A CG2 1 
ATOM 855  N N   . ILE A 1 142 ? -0.098  7.305   0.390   1.00 42.45  ? 142 ILE A N   1 
ATOM 856  C CA  . ILE A 1 142 ? -0.088  8.750   0.599   1.00 37.71  ? 142 ILE A CA  1 
ATOM 857  C C   . ILE A 1 142 ? 1.143   9.071   1.435   1.00 42.75  ? 142 ILE A C   1 
ATOM 858  O O   . ILE A 1 142 ? 1.230   8.667   2.601   1.00 49.78  ? 142 ILE A O   1 
ATOM 859  C CB  . ILE A 1 142 ? -1.370  9.242   1.286   1.00 36.12  ? 142 ILE A CB  1 
ATOM 860  C CG1 . ILE A 1 142 ? -2.580  9.076   0.364   1.00 37.87  ? 142 ILE A CG1 1 
ATOM 861  C CG2 . ILE A 1 142 ? -1.227  10.699  1.698   1.00 42.01  ? 142 ILE A CG2 1 
ATOM 862  C CD1 . ILE A 1 142 ? -3.909  9.269   1.063   1.00 34.90  ? 142 ILE A CD1 1 
ATOM 863  N N   . GLU A 1 143 ? 2.093   9.800   0.846   1.00 44.57  ? 143 GLU A N   1 
ATOM 864  C CA  . GLU A 1 143 ? 3.365   10.057  1.515   1.00 40.41  ? 143 GLU A CA  1 
ATOM 865  C C   . GLU A 1 143 ? 3.249   11.052  2.661   1.00 47.25  ? 143 GLU A C   1 
ATOM 866  O O   . GLU A 1 143 ? 4.098   11.040  3.557   1.00 50.76  ? 143 GLU A O   1 
ATOM 867  C CB  . GLU A 1 143 ? 4.401   10.571  0.516   1.00 45.21  ? 143 GLU A CB  1 
ATOM 868  C CG  . GLU A 1 143 ? 4.379   9.869   -0.827  1.00 49.81  ? 143 GLU A CG  1 
ATOM 869  C CD  . GLU A 1 143 ? 5.762   9.739   -1.430  1.00 57.86  ? 143 GLU A CD  1 
ATOM 870  O OE1 . GLU A 1 143 ? 6.044   10.433  -2.430  1.00 55.37  ? 143 GLU A OE1 1 
ATOM 871  O OE2 . GLU A 1 143 ? 6.569   8.946   -0.902  1.00 57.43  ? 143 GLU A OE2 1 
ATOM 872  N N   . GLU A 1 144 ? 2.233   11.917  2.653   1.00 53.88  ? 144 GLU A N   1 
ATOM 873  C CA  . GLU A 1 144 ? 2.087   12.882  3.738   1.00 50.13  ? 144 GLU A CA  1 
ATOM 874  C C   . GLU A 1 144 ? 1.865   12.170  5.068   1.00 48.40  ? 144 GLU A C   1 
ATOM 875  O O   . GLU A 1 144 ? 2.473   12.524  6.084   1.00 47.63  ? 144 GLU A O   1 
ATOM 876  C CB  . GLU A 1 144 ? 0.944   13.853  3.413   1.00 54.94  ? 144 GLU A CB  1 
ATOM 877  C CG  . GLU A 1 144 ? 0.095   14.362  4.587   1.00 59.51  ? 144 GLU A CG  1 
ATOM 878  C CD  . GLU A 1 144 ? -1.276  14.841  4.137   1.00 58.51  ? 144 GLU A CD  1 
ATOM 879  O OE1 . GLU A 1 144 ? -2.098  15.205  5.003   1.00 59.74  ? 144 GLU A OE1 1 
ATOM 880  O OE2 . GLU A 1 144 ? -1.533  14.852  2.915   1.00 54.13  ? 144 GLU A OE2 1 
ATOM 881  N N   . ASP A 1 145 ? 0.996   11.162  5.078   1.00 52.18  ? 145 ASP A N   1 
ATOM 882  C CA  . ASP A 1 145 ? 0.666   10.433  6.295   1.00 49.79  ? 145 ASP A CA  1 
ATOM 883  C C   . ASP A 1 145 ? 1.348   9.078   6.390   1.00 54.25  ? 145 ASP A C   1 
ATOM 884  O O   . ASP A 1 145 ? 1.298   8.451   7.454   1.00 56.28  ? 145 ASP A O   1 
ATOM 885  C CB  . ASP A 1 145 ? -0.848  10.230  6.385   1.00 55.90  ? 145 ASP A CB  1 
ATOM 886  C CG  . ASP A 1 145 ? -1.587  11.509  6.704   1.00 64.85  ? 145 ASP A CG  1 
ATOM 887  O OD1 . ASP A 1 145 ? -1.363  12.068  7.798   1.00 65.52  ? 145 ASP A OD1 1 
ATOM 888  O OD2 . ASP A 1 145 ? -2.394  11.955  5.863   1.00 61.88  ? 145 ASP A OD2 1 
ATOM 889  N N   . GLU A 1 146 ? 1.970   8.608   5.309   1.00 56.05  ? 146 GLU A N   1 
ATOM 890  C CA  . GLU A 1 146 ? 2.431   7.226   5.204   1.00 50.06  ? 146 GLU A CA  1 
ATOM 891  C C   . GLU A 1 146 ? 1.259   6.252   5.209   1.00 54.69  ? 146 GLU A C   1 
ATOM 892  O O   . GLU A 1 146 ? 1.407   5.085   5.578   1.00 60.14  ? 146 GLU A O   1 
ATOM 893  C CB  . GLU A 1 146 ? 3.414   6.875   6.323   1.00 50.30  ? 146 GLU A CB  1 
ATOM 894  C CG  . GLU A 1 146 ? 4.540   7.877   6.495   1.00 58.03  ? 146 GLU A CG  1 
ATOM 895  C CD  . GLU A 1 146 ? 5.623   7.372   7.428   1.00 62.40  ? 146 GLU A CD  1 
ATOM 896  O OE1 . GLU A 1 146 ? 6.694   8.009   7.504   1.00 62.19  ? 146 GLU A OE1 1 
ATOM 897  O OE2 . GLU A 1 146 ? 5.400   6.338   8.091   1.00 60.12  ? 146 GLU A OE2 1 
ATOM 898  N N   . THR A 1 147 ? 0.086   6.728   4.800   1.00 45.92  ? 147 THR A N   1 
ATOM 899  C CA  . THR A 1 147 ? -1.080  5.863   4.698   1.00 41.16  ? 147 THR A CA  1 
ATOM 900  C C   . THR A 1 147 ? -0.903  4.887   3.544   1.00 43.48  ? 147 THR A C   1 
ATOM 901  O O   . THR A 1 147 ? -0.592  5.291   2.420   1.00 49.59  ? 147 THR A O   1 
ATOM 902  C CB  . THR A 1 147 ? -2.345  6.694   4.497   1.00 37.93  ? 147 THR A CB  1 
ATOM 903  O OG1 . THR A 1 147 ? -2.789  7.208   5.759   1.00 43.41  ? 147 THR A OG1 1 
ATOM 904  C CG2 . THR A 1 147 ? -3.450  5.857   3.859   1.00 42.22  ? 147 THR A CG2 1 
ATOM 905  N N   . ARG A 1 148 ? -1.105  3.602   3.821   1.00 40.13  ? 148 ARG A N   1 
ATOM 906  C CA  . ARG A 1 148 ? -1.004  2.551   2.816   1.00 33.33  ? 148 ARG A CA  1 
ATOM 907  C C   . ARG A 1 148 ? -2.299  1.753   2.831   1.00 34.87  ? 148 ARG A C   1 
ATOM 908  O O   . ARG A 1 148 ? -2.667  1.185   3.863   1.00 39.95  ? 148 ARG A O   1 
ATOM 909  C CB  . ARG A 1 148 ? 0.198   1.651   3.097   1.00 35.75  ? 148 ARG A CB  1 
ATOM 910  C CG  . ARG A 1 148 ? 1.513   2.408   3.162   1.00 44.40  ? 148 ARG A CG  1 
ATOM 911  C CD  . ARG A 1 148 ? 2.686   1.497   3.471   1.00 42.95  ? 148 ARG A CD  1 
ATOM 912  N NE  . ARG A 1 148 ? 3.189   0.826   2.277   1.00 48.60  ? 148 ARG A NE  1 
ATOM 913  C CZ  . ARG A 1 148 ? 3.183   -0.485  2.070   1.00 49.44  ? 148 ARG A CZ  1 
ATOM 914  N NH1 . ARG A 1 148 ? 2.714   -1.333  2.971   1.00 43.30  ? 148 ARG A NH1 1 
ATOM 915  N NH2 . ARG A 1 148 ? 3.670   -0.959  0.926   1.00 50.79  ? 148 ARG A NH2 1 
ATOM 916  N N   . THR A 1 149 ? -2.982  1.708   1.688   1.00 35.10  ? 149 THR A N   1 
ATOM 917  C CA  . THR A 1 149 ? -4.276  1.051   1.569   1.00 25.12  ? 149 THR A CA  1 
ATOM 918  C C   . THR A 1 149 ? -4.272  0.137   0.355   1.00 26.67  ? 149 THR A C   1 
ATOM 919  O O   . THR A 1 149 ? -3.797  0.518   -0.718  1.00 46.89  ? 149 THR A O   1 
ATOM 920  C CB  . THR A 1 149 ? -5.408  2.076   1.439   1.00 25.43  ? 149 THR A CB  1 
ATOM 921  O OG1 . THR A 1 149 ? -5.257  3.088   2.439   1.00 35.77  ? 149 THR A OG1 1 
ATOM 922  C CG2 . THR A 1 149 ? -6.762  1.412   1.610   1.00 27.10  ? 149 THR A CG2 1 
ATOM 923  N N   . GLN A 1 150 ? -4.802  -1.070  0.527   1.00 22.22  ? 150 GLN A N   1 
ATOM 924  C CA  . GLN A 1 150 ? -4.881  -2.033  -0.565  1.00 23.22  ? 150 GLN A CA  1 
ATOM 925  C C   . GLN A 1 150 ? -6.081  -1.711  -1.446  1.00 31.35  ? 150 GLN A C   1 
ATOM 926  O O   . GLN A 1 150 ? -7.220  -1.688  -0.968  1.00 30.20  ? 150 GLN A O   1 
ATOM 927  C CB  . GLN A 1 150 ? -4.982  -3.452  -0.017  1.00 24.49  ? 150 GLN A CB  1 
ATOM 928  C CG  . GLN A 1 150 ? -5.116  -4.516  -1.089  1.00 28.50  ? 150 GLN A CG  1 
ATOM 929  C CD  . GLN A 1 150 ? -4.995  -5.915  -0.533  1.00 32.01  ? 150 GLN A CD  1 
ATOM 930  O OE1 . GLN A 1 150 ? -3.996  -6.257  0.096   1.00 31.12  ? 150 GLN A OE1 1 
ATOM 931  N NE2 . GLN A 1 150 ? -6.012  -6.736  -0.764  1.00 37.17  ? 150 GLN A NE2 1 
ATOM 932  N N   . VAL A 1 151 ? -5.827  -1.473  -2.732  1.00 30.95  ? 151 VAL A N   1 
ATOM 933  C CA  . VAL A 1 151 ? -6.882  -1.099  -3.666  1.00 26.74  ? 151 VAL A CA  1 
ATOM 934  C C   . VAL A 1 151 ? -7.284  -2.237  -4.602  1.00 28.41  ? 151 VAL A C   1 
ATOM 935  O O   . VAL A 1 151 ? -8.414  -2.226  -5.112  1.00 30.82  ? 151 VAL A O   1 
ATOM 936  C CB  . VAL A 1 151 ? -6.462  0.137   -4.489  1.00 34.37  ? 151 VAL A CB  1 
ATOM 937  C CG1 . VAL A 1 151 ? -6.365  1.366   -3.595  1.00 29.20  ? 151 VAL A CG1 1 
ATOM 938  C CG2 . VAL A 1 151 ? -5.145  -0.109  -5.204  1.00 32.38  ? 151 VAL A CG2 1 
ATOM 939  N N   . ALA A 1 152 ? -6.406  -3.207  -4.847  1.00 33.37  ? 152 ALA A N   1 
ATOM 940  C CA  . ALA A 1 152 ? -6.733  -4.306  -5.747  1.00 31.82  ? 152 ALA A CA  1 
ATOM 941  C C   . ALA A 1 152 ? -5.848  -5.503  -5.434  1.00 34.19  ? 152 ALA A C   1 
ATOM 942  O O   . ALA A 1 152 ? -4.766  -5.364  -4.859  1.00 38.30  ? 152 ALA A O   1 
ATOM 943  C CB  . ALA A 1 152 ? -6.568  -3.892  -7.212  1.00 36.40  ? 152 ALA A CB  1 
ATOM 944  N N   . SER A 1 153 ? -6.326  -6.684  -5.822  1.00 38.01  ? 153 SER A N   1 
ATOM 945  C CA  . SER A 1 153 ? -5.546  -7.910  -5.729  1.00 36.70  ? 153 SER A CA  1 
ATOM 946  C C   . SER A 1 153 ? -6.056  -8.897  -6.770  1.00 42.01  ? 153 SER A C   1 
ATOM 947  O O   . SER A 1 153 ? -7.237  -8.882  -7.129  1.00 46.67  ? 153 SER A O   1 
ATOM 948  C CB  . SER A 1 153 ? -5.625  -8.531  -4.330  1.00 40.95  ? 153 SER A CB  1 
ATOM 949  O OG  . SER A 1 153 ? -6.951  -8.925  -4.023  1.00 43.62  ? 153 SER A OG  1 
ATOM 950  N N   . VAL A 1 154 ? -5.159  -9.757  -7.249  1.00 38.22  ? 154 VAL A N   1 
ATOM 951  C CA  . VAL A 1 154 ? -5.501  -10.772 -8.239  1.00 35.52  ? 154 VAL A CA  1 
ATOM 952  C C   . VAL A 1 154 ? -4.721  -12.044 -7.933  1.00 38.62  ? 154 VAL A C   1 
ATOM 953  O O   . VAL A 1 154 ? -3.546  -11.991 -7.557  1.00 42.59  ? 154 VAL A O   1 
ATOM 954  C CB  . VAL A 1 154 ? -5.218  -10.280 -9.674  1.00 42.36  ? 154 VAL A CB  1 
ATOM 955  C CG1 . VAL A 1 154 ? -4.904  -11.445 -10.600 1.00 44.40  ? 154 VAL A CG1 1 
ATOM 956  C CG2 . VAL A 1 154 ? -6.396  -9.478  -10.197 1.00 44.11  ? 154 VAL A CG2 1 
ATOM 957  N N   . ASP A 1 155 ? -5.381  -13.187 -8.102  1.00 46.55  ? 155 ASP A N   1 
ATOM 958  C CA  . ASP A 1 155 ? -4.776  -14.494 -7.886  1.00 41.71  ? 155 ASP A CA  1 
ATOM 959  C C   . ASP A 1 155 ? -4.335  -15.094 -9.213  1.00 42.50  ? 155 ASP A C   1 
ATOM 960  O O   . ASP A 1 155 ? -5.065  -15.037 -10.206 1.00 49.25  ? 155 ASP A O   1 
ATOM 961  C CB  . ASP A 1 155 ? -5.755  -15.445 -7.194  1.00 42.98  ? 155 ASP A CB  1 
ATOM 962  C CG  . ASP A 1 155 ? -6.052  -15.040 -5.764  1.00 52.41  ? 155 ASP A CG  1 
ATOM 963  O OD1 . ASP A 1 155 ? -5.971  -13.834 -5.451  1.00 60.33  ? 155 ASP A OD1 1 
ATOM 964  O OD2 . ASP A 1 155 ? -6.364  -15.932 -4.949  1.00 48.14  ? 155 ASP A OD2 1 
ATOM 965  N N   . TYR A 1 156 ? -3.138  -15.676 -9.222  1.00 42.78  ? 156 TYR A N   1 
ATOM 966  C CA  . TYR A 1 156 ? -2.591  -16.332 -10.398 1.00 38.13  ? 156 TYR A CA  1 
ATOM 967  C C   . TYR A 1 156 ? -2.120  -17.731 -10.034 1.00 44.51  ? 156 TYR A C   1 
ATOM 968  O O   . TYR A 1 156 ? -1.682  -17.985 -8.910  1.00 55.64  ? 156 TYR A O   1 
ATOM 969  C CB  . TYR A 1 156 ? -1.433  -15.525 -11.002 1.00 42.41  ? 156 TYR A CB  1 
ATOM 970  C CG  . TYR A 1 156 ? -0.150  -15.563 -10.205 1.00 33.95  ? 156 TYR A CG  1 
ATOM 971  C CD1 . TYR A 1 156 ? 0.095   -14.629 -9.209  1.00 32.13  ? 156 TYR A CD1 1 
ATOM 972  C CD2 . TYR A 1 156 ? 0.821   -16.521 -10.458 1.00 40.38  ? 156 TYR A CD2 1 
ATOM 973  C CE1 . TYR A 1 156 ? 1.266   -14.651 -8.483  1.00 34.78  ? 156 TYR A CE1 1 
ATOM 974  C CE2 . TYR A 1 156 ? 1.998   -16.550 -9.733  1.00 42.54  ? 156 TYR A CE2 1 
ATOM 975  C CZ  . TYR A 1 156 ? 2.212   -15.612 -8.748  1.00 34.45  ? 156 TYR A CZ  1 
ATOM 976  O OH  . TYR A 1 156 ? 3.377   -15.631 -8.021  1.00 46.44  ? 156 TYR A OH  1 
ATOM 977  N N   . SER A 1 157 ? -2.220  -18.639 -11.003 1.00 45.78  ? 157 SER A N   1 
ATOM 978  C CA  . SER A 1 157 ? -1.812  -20.022 -10.805 1.00 48.30  ? 157 SER A CA  1 
ATOM 979  C C   . SER A 1 157 ? -1.609  -20.670 -12.165 1.00 45.70  ? 157 SER A C   1 
ATOM 980  O O   . SER A 1 157 ? -2.046  -20.148 -13.193 1.00 49.40  ? 157 SER A O   1 
ATOM 981  C CB  . SER A 1 157 ? -2.840  -20.809 -9.989  1.00 53.61  ? 157 SER A CB  1 
ATOM 982  O OG  . SER A 1 157 ? -2.403  -22.139 -9.769  1.00 53.16  ? 157 SER A OG  1 
ATOM 983  N N   . GLY A 1 158 ? -0.947  -21.822 -12.153 1.00 50.49  ? 158 GLY A N   1 
ATOM 984  C CA  . GLY A 1 158 ? -0.666  -22.531 -13.384 1.00 56.77  ? 158 GLY A CA  1 
ATOM 985  C C   . GLY A 1 158 ? 0.417   -21.915 -14.236 1.00 59.68  ? 158 GLY A C   1 
ATOM 986  O O   . GLY A 1 158 ? 0.514   -22.239 -15.422 1.00 56.68  ? 158 GLY A O   1 
ATOM 987  N N   . PHE A 1 159 ? 1.236   -21.034 -13.672 1.00 55.30  ? 159 PHE A N   1 
ATOM 988  C CA  . PHE A 1 159 ? 2.336   -20.428 -14.411 1.00 54.03  ? 159 PHE A CA  1 
ATOM 989  C C   . PHE A 1 159 ? 3.478   -21.442 -14.530 1.00 61.76  ? 159 PHE A C   1 
ATOM 990  O O   . PHE A 1 159 ? 3.392   -22.580 -14.062 1.00 64.82  ? 159 PHE A O   1 
ATOM 991  C CB  . PHE A 1 159 ? 2.787   -19.140 -13.728 1.00 56.04  ? 159 PHE A CB  1 
ATOM 992  C CG  . PHE A 1 159 ? 1.877   -17.965 -13.968 1.00 50.65  ? 159 PHE A CG  1 
ATOM 993  C CD1 . PHE A 1 159 ? 0.623   -18.132 -14.530 1.00 48.41  ? 159 PHE A CD1 1 
ATOM 994  C CD2 . PHE A 1 159 ? 2.293   -16.685 -13.643 1.00 49.86  ? 159 PHE A CD2 1 
ATOM 995  C CE1 . PHE A 1 159 ? -0.205  -17.048 -14.750 1.00 46.12  ? 159 PHE A CE1 1 
ATOM 996  C CE2 . PHE A 1 159 ? 1.472   -15.595 -13.861 1.00 52.09  ? 159 PHE A CE2 1 
ATOM 997  C CZ  . PHE A 1 159 ? 0.219   -15.778 -14.416 1.00 50.06  ? 159 PHE A CZ  1 
ATOM 998  N N   . THR A 1 160 ? 4.575   -21.022 -15.160 1.00 78.52  ? 160 THR A N   1 
ATOM 999  C CA  . THR A 1 160 ? 5.761   -21.853 -15.316 1.00 79.22  ? 160 THR A CA  1 
ATOM 1000 C C   . THR A 1 160 ? 6.996   -20.976 -15.164 1.00 81.03  ? 160 THR A C   1 
ATOM 1001 O O   . THR A 1 160 ? 6.929   -19.748 -15.260 1.00 82.70  ? 160 THR A O   1 
ATOM 1002 C CB  . THR A 1 160 ? 5.775   -22.570 -16.674 1.00 78.17  ? 160 THR A CB  1 
ATOM 1003 O OG1 . THR A 1 160 ? 6.778   -23.594 -16.668 1.00 79.45  ? 160 THR A OG1 1 
ATOM 1004 C CG2 . THR A 1 160 ? 6.067   -21.589 -17.799 1.00 75.35  ? 160 THR A CG2 1 
ATOM 1005 N N   . ALA A 1 161 ? 8.139   -21.620 -14.929 1.00 84.63  ? 161 ALA A N   1 
ATOM 1006 C CA  . ALA A 1 161 ? 9.416   -20.932 -14.738 1.00 82.68  ? 161 ALA A CA  1 
ATOM 1007 C C   . ALA A 1 161 ? 10.450  -21.601 -15.639 1.00 83.56  ? 161 ALA A C   1 
ATOM 1008 O O   . ALA A 1 161 ? 11.037  -22.620 -15.266 1.00 85.70  ? 161 ALA A O   1 
ATOM 1009 C CB  . ALA A 1 161 ? 9.854   -20.971 -13.277 1.00 83.91  ? 161 ALA A CB  1 
ATOM 1010 N N   . LYS A 1 162 ? 10.677  -21.027 -16.819 1.00 84.42  ? 162 LYS A N   1 
ATOM 1011 C CA  . LYS A 1 162 ? 11.568  -21.611 -17.809 1.00 87.51  ? 162 LYS A CA  1 
ATOM 1012 C C   . LYS A 1 162 ? 12.439  -20.519 -18.421 1.00 87.63  ? 162 LYS A C   1 
ATOM 1013 O O   . LYS A 1 162 ? 12.262  -19.327 -18.158 1.00 88.14  ? 162 LYS A O   1 
ATOM 1014 C CB  . LYS A 1 162 ? 10.771  -22.353 -18.890 1.00 87.29  ? 162 LYS A CB  1 
ATOM 1015 C CG  . LYS A 1 162 ? 10.141  -23.657 -18.382 1.00 85.49  ? 162 LYS A CG  1 
ATOM 1016 C CD  . LYS A 1 162 ? 9.732   -24.632 -19.487 1.00 85.50  ? 162 LYS A CD  1 
ATOM 1017 C CE  . LYS A 1 162 ? 9.213   -23.975 -20.760 1.00 85.47  ? 162 LYS A CE  1 
ATOM 1018 N NZ  . LYS A 1 162 ? 8.195   -22.904 -20.558 1.00 85.76  ? 162 LYS A NZ  1 
ATOM 1019 N N   . ASP A 1 163 ? 13.391  -20.946 -19.254 1.00 94.65  ? 163 ASP A N   1 
ATOM 1020 C CA  . ASP A 1 163 ? 14.456  -20.072 -19.739 1.00 94.54  ? 163 ASP A CA  1 
ATOM 1021 C C   . ASP A 1 163 ? 13.976  -18.926 -20.625 1.00 94.07  ? 163 ASP A C   1 
ATOM 1022 O O   . ASP A 1 163 ? 14.738  -17.973 -20.820 1.00 96.13  ? 163 ASP A O   1 
ATOM 1023 C CB  . ASP A 1 163 ? 15.489  -20.898 -20.509 1.00 96.01  ? 163 ASP A CB  1 
ATOM 1024 C CG  . ASP A 1 163 ? 16.766  -20.128 -20.785 1.00 95.24  ? 163 ASP A CG  1 
ATOM 1025 O OD1 . ASP A 1 163 ? 17.295  -19.494 -19.850 1.00 94.78  ? 163 ASP A OD1 1 
ATOM 1026 O OD2 . ASP A 1 163 ? 17.236  -20.150 -21.942 1.00 93.99  ? 163 ASP A OD2 1 
ATOM 1027 N N   . ILE A 1 164 ? 12.765  -18.983 -21.176 1.00 87.36  ? 164 ILE A N   1 
ATOM 1028 C CA  . ILE A 1 164 ? 12.277  -17.875 -21.994 1.00 88.25  ? 164 ILE A CA  1 
ATOM 1029 C C   . ILE A 1 164 ? 10.760  -17.802 -21.887 1.00 86.98  ? 164 ILE A C   1 
ATOM 1030 O O   . ILE A 1 164 ? 10.119  -18.710 -21.348 1.00 87.46  ? 164 ILE A O   1 
ATOM 1031 C CB  . ILE A 1 164 ? 12.740  -18.013 -23.458 1.00 88.39  ? 164 ILE A CB  1 
ATOM 1032 C CG1 . ILE A 1 164 ? 12.856  -16.636 -24.120 1.00 86.16  ? 164 ILE A CG1 1 
ATOM 1033 C CG2 . ILE A 1 164 ? 11.786  -18.906 -24.248 1.00 88.02  ? 164 ILE A CG2 1 
ATOM 1034 C CD1 . ILE A 1 164 ? 13.850  -16.594 -25.262 1.00 87.72  ? 164 ILE A CD1 1 
ATOM 1035 N N   . SER A 1 165 ? 10.179  -16.720 -22.397 1.00 87.21  ? 165 SER A N   1 
ATOM 1036 C CA  . SER A 1 165 ? 8.745   -16.481 -22.268 1.00 86.76  ? 165 SER A CA  1 
ATOM 1037 C C   . SER A 1 165 ? 8.042   -16.494 -23.624 1.00 84.76  ? 165 SER A C   1 
ATOM 1038 O O   . SER A 1 165 ? 8.631   -16.844 -24.647 1.00 84.41  ? 165 SER A O   1 
ATOM 1039 C CB  . SER A 1 165 ? 8.501   -15.143 -21.569 1.00 84.51  ? 165 SER A CB  1 
ATOM 1040 O OG  . SER A 1 165 ? 9.267   -15.050 -20.381 1.00 85.86  ? 165 SER A OG  1 
ATOM 1041 O OXT . SER A 1 165 ? 6.862   -16.156 -23.722 1.00 84.12  ? 165 SER A OXT 1 
# 
